data_9LG9
#
_entry.id   9LG9
#
_cell.length_a   1.00
_cell.length_b   1.00
_cell.length_c   1.00
_cell.angle_alpha   90.00
_cell.angle_beta   90.00
_cell.angle_gamma   90.00
#
_symmetry.space_group_name_H-M   'P 1'
#
loop_
_entity.id
_entity.type
_entity.pdbx_description
1 polymer 'Multidrug resistance-associated protein 1'
2 non-polymer 'OXIDIZED GLUTATHIONE DISULFIDE'
#
_entity_poly.entity_id   1
_entity_poly.type   'polypeptide(L)'
_entity_poly.pdbx_seq_one_letter_code
;MALRDFCSVDGSDLFWEWNVTWNTSNPDFTKCFQNTVLVWVPCSYLWVCFPFYFLYLSHHDRGYIQMTHLNKAKTALGFL
LWIVCWADLFYSFWERSMGKLLAPVFLVSPTLLGITMLLATFLIQIERRRGVQSSGIMLTFWLIALLCALAILRSKIMTA
LKEDARVDVFRDVTFYIYFSLVLIQLVLSCFSDRSPLFSETINDPNPCPESSASFLSRITFWWITGMMVQGYRQPLESTD
LWSLNKEDTSEQVVPVLVKNWKKECAKSRKQPVKIVYSSKDPAKPKGSSKVDVNEEAEALIVKCPQKERDPSLFKVLYKT
FGPYFLMSFLFKAVHDLMMFAGPEILKLLINFVNDKKAPEWQGYFYTALLFISACLQTLVLHQYFHICFVSGMRIKTAVI
GAVYRKALVITNAARKSSTVGEIVNLMSVDAQRFMDLATYINMIWSAPLQVILALYLLWLNLGPSVLAGVAVMVLMVPLN
AVMAMKTKTYQVAHMKSKDNRIKLMNEILNGIKVLKLYAWELAFKDKVLAIRQEELKVLKKSAYLAAVGTFTWVCTPFLV
ALSTFAVYVTVDENNILDAQKAFVSLALFNILRFPLNILPMVISSIVQASVSLKRLRVFLSHEDLDPDSIQRRPIKDAGA
TNSITVKNATFTWARNDPPTLHGITFSVPEGSLVAVVGQVGCGKSSLLSALLAEMDKVEGHVTVKGSVAYVPQQAWIQNI
SLRENILFGRQLQERYYKAVVEACALLPDLEILPSGDRTEIGEKGVNLSGGQKQRVSLARAVYCDSDVYLLDDPLSAVDA
HVGKHIFENVIGPKGLLKNKTRLLVTHAISYLPQMDVIIVMSGGKISEMGSYQELLARDGAFAEFLRTYASAEQEQGQPE
DGLAGVGGPGKEVKQMENGMLVTDTAGKQMQRQLSSSSSYSRDVSQHHTSTAELRKPGPTEETWKLVEADKAQTGQVKLS
VYWDYMKAIGLFISFLSIFLFLCNHVASLVSNYWLSLWTDDPIVNGTQEHTQVRLSVYGALGISQGITVFGYSMAVSIGG
IFASRRLHLDLLHNVLRSPISFFERTPSGNLVNRFSKELDTVDSMIPQVIKMFMGSLFNVIGACIIILLATPMAAVIIPP
LGLIYFFVQRFYVASSRQLKRLESVSRSPVYSHFNETLLGVSVIRAFEEQERFIRQSDLKVDENQKAYYPSIVANRWLAV
RLECVGNCIVLFASLFAVISRHSLSAGLVGLSVSYSLQVTTYLNWLVRMSSEMETNIVAVERLKEYSETEKEAPWQIQDM
APPKDWPQVGRVEFRDYGLRYREDLDLVLKHINVTIDGGEKVGIVGRTGAGKSSLTLGLFRIKESAEGEIIIDDINIAKI
GLHDLRFKITIIPQDPVLFSGSLRMNLDPFSQYSDEEVWTSLELAHLKGFVSALPDKLNHECAEGGENLSVGQRQLVCLA
RALLRKTKILVLDEATAAVDLETDDLIQSTIRTQFDDCTVLTIAHRLNTIMDYTRVIVLDKGEIQEWGSPSDLLQQRGLF
YSMAKDSGLVKLGSENLYFQGGSGGSGHHHHHHHHHHH
;
_entity_poly.pdbx_strand_id   A
#
# COMPACT_ATOMS: atom_id res chain seq x y z
N TRP A 16 35.12 22.54 -45.98
CA TRP A 16 35.19 21.33 -45.18
C TRP A 16 35.91 20.20 -45.89
N GLU A 17 37.14 19.93 -45.47
CA GLU A 17 37.90 18.79 -45.98
C GLU A 17 38.66 18.15 -44.82
N TRP A 18 38.96 16.87 -44.98
CA TRP A 18 39.42 16.07 -43.86
C TRP A 18 40.86 16.36 -43.49
N ASN A 19 41.60 17.08 -44.34
CA ASN A 19 43.01 17.30 -44.07
C ASN A 19 43.22 18.15 -42.81
N VAL A 20 42.46 19.22 -42.62
CA VAL A 20 42.69 20.11 -41.50
C VAL A 20 41.73 19.85 -40.34
N THR A 21 40.63 19.13 -40.56
CA THR A 21 39.65 18.86 -39.52
C THR A 21 39.84 17.49 -38.88
N TRP A 22 40.24 16.49 -39.65
CA TRP A 22 40.27 15.11 -39.18
C TRP A 22 41.67 14.52 -39.17
N ASN A 23 42.42 14.65 -40.26
CA ASN A 23 43.62 13.86 -40.46
C ASN A 23 44.88 14.51 -39.90
N THR A 24 44.78 15.65 -39.22
CA THR A 24 45.96 16.33 -38.72
C THR A 24 45.99 16.23 -37.20
N SER A 25 47.13 16.63 -36.63
CA SER A 25 47.29 16.65 -35.19
C SER A 25 46.69 17.91 -34.55
N ASN A 26 46.32 18.91 -35.34
CA ASN A 26 45.64 20.10 -34.83
C ASN A 26 44.23 20.13 -35.37
N PRO A 27 43.24 19.71 -34.62
CA PRO A 27 41.88 19.56 -35.18
C PRO A 27 41.19 20.89 -35.36
N ASP A 28 41.53 21.61 -36.42
CA ASP A 28 40.97 22.95 -36.62
C ASP A 28 39.79 22.89 -37.59
N PHE A 29 38.77 23.67 -37.28
CA PHE A 29 37.62 23.82 -38.17
C PHE A 29 37.98 24.76 -39.29
N THR A 30 37.37 24.56 -40.46
CA THR A 30 37.61 25.47 -41.56
C THR A 30 36.95 26.82 -41.31
N LYS A 31 37.46 27.84 -42.00
CA LYS A 31 36.99 29.21 -41.77
C LYS A 31 35.51 29.34 -42.13
N CYS A 32 35.11 28.79 -43.28
CA CYS A 32 33.71 28.82 -43.67
C CYS A 32 32.84 28.05 -42.69
N PHE A 33 33.31 26.88 -42.25
CA PHE A 33 32.54 26.12 -41.27
C PHE A 33 32.34 26.93 -40.00
N GLN A 34 33.41 27.58 -39.54
CA GLN A 34 33.31 28.43 -38.36
C GLN A 34 32.25 29.49 -38.53
N ASN A 35 32.28 30.21 -39.65
CA ASN A 35 31.37 31.33 -39.79
C ASN A 35 29.96 30.93 -40.20
N THR A 36 29.72 29.68 -40.60
CA THR A 36 28.37 29.30 -40.98
C THR A 36 27.71 28.35 -39.99
N VAL A 37 28.26 27.16 -39.77
CA VAL A 37 27.47 26.17 -39.05
C VAL A 37 27.53 26.44 -37.55
N LEU A 38 28.71 26.84 -37.07
CA LEU A 38 28.88 27.13 -35.65
C LEU A 38 28.04 28.31 -35.19
N VAL A 39 27.66 29.21 -36.09
CA VAL A 39 26.77 30.30 -35.76
C VAL A 39 25.31 29.93 -36.01
N TRP A 40 25.05 29.03 -36.97
CA TRP A 40 23.67 28.65 -37.23
C TRP A 40 23.12 27.74 -36.14
N VAL A 41 24.00 26.99 -35.47
CA VAL A 41 23.54 26.01 -34.43
C VAL A 41 22.81 26.76 -33.29
N PRO A 42 23.45 27.68 -32.53
CA PRO A 42 22.79 28.32 -31.38
C PRO A 42 21.60 29.20 -31.81
N CYS A 43 21.82 30.14 -32.73
CA CYS A 43 20.72 31.00 -33.23
C CYS A 43 19.55 30.11 -33.62
N SER A 44 19.84 29.00 -34.30
CA SER A 44 18.79 28.07 -34.80
C SER A 44 18.06 27.45 -33.60
N TYR A 45 18.80 27.09 -32.56
CA TYR A 45 18.17 26.44 -31.37
C TYR A 45 17.07 27.36 -30.83
N LEU A 46 17.37 28.65 -30.68
CA LEU A 46 16.38 29.58 -30.05
C LEU A 46 15.21 29.77 -31.01
N TRP A 47 15.45 29.73 -32.33
CA TRP A 47 14.37 29.99 -33.31
C TRP A 47 13.32 28.88 -33.32
N VAL A 48 13.74 27.62 -33.14
CA VAL A 48 12.80 26.47 -33.15
C VAL A 48 12.11 26.38 -31.79
N CYS A 49 12.83 26.72 -30.71
CA CYS A 49 12.27 26.65 -29.34
C CYS A 49 11.37 27.86 -29.04
N PHE A 50 11.74 29.05 -29.53
CA PHE A 50 10.97 30.27 -29.19
C PHE A 50 9.45 30.03 -29.29
N PRO A 51 8.88 29.64 -30.46
CA PRO A 51 7.43 29.48 -30.59
C PRO A 51 6.93 28.47 -29.54
N PHE A 52 7.54 27.28 -29.50
CA PHE A 52 7.11 26.26 -28.56
C PHE A 52 7.11 26.79 -27.14
N TYR A 53 8.10 27.63 -26.80
CA TYR A 53 8.25 28.11 -25.44
C TYR A 53 7.11 29.03 -25.01
N PHE A 54 6.43 29.69 -25.94
CA PHE A 54 5.28 30.50 -25.57
C PHE A 54 4.16 29.64 -25.00
N LEU A 55 4.02 28.43 -25.53
CA LEU A 55 2.99 27.49 -24.99
C LEU A 55 3.18 27.39 -23.48
N TYR A 56 4.37 26.95 -23.05
CA TYR A 56 4.66 26.80 -21.59
C TYR A 56 4.54 28.15 -20.88
N LEU A 57 5.16 29.19 -21.44
CA LEU A 57 5.16 30.53 -20.77
C LEU A 57 3.72 31.00 -20.59
N SER A 58 2.84 30.70 -21.55
CA SER A 58 1.43 31.16 -21.47
C SER A 58 0.62 30.23 -20.56
N HIS A 59 0.60 28.92 -20.85
CA HIS A 59 -0.24 27.98 -20.07
C HIS A 59 0.19 28.01 -18.59
N HIS A 60 1.50 28.12 -18.34
CA HIS A 60 2.00 28.10 -16.94
C HIS A 60 2.44 29.51 -16.54
N ASP A 61 1.81 30.07 -15.51
CA ASP A 61 2.14 31.45 -15.06
C ASP A 61 2.32 31.46 -13.54
N ARG A 62 3.14 32.39 -13.02
CA ARG A 62 3.39 32.48 -11.59
C ARG A 62 3.51 33.93 -11.14
N GLY A 63 2.97 34.86 -11.90
CA GLY A 63 3.11 36.27 -11.63
C GLY A 63 4.26 36.88 -12.40
N TYR A 64 4.76 37.99 -11.89
CA TYR A 64 5.92 38.65 -12.48
C TYR A 64 6.95 38.94 -11.40
N ILE A 65 8.20 38.73 -11.76
CA ILE A 65 9.34 38.98 -10.89
C ILE A 65 9.59 40.47 -10.86
N GLN A 66 10.08 40.96 -9.73
CA GLN A 66 10.33 42.39 -9.57
C GLN A 66 11.53 42.81 -10.41
N MET A 67 11.84 44.10 -10.37
CA MET A 67 13.02 44.67 -11.03
C MET A 67 14.24 44.44 -10.15
N THR A 68 15.10 43.50 -10.56
CA THR A 68 16.32 43.22 -9.82
C THR A 68 17.55 43.54 -10.68
N HIS A 69 18.71 43.68 -10.03
CA HIS A 69 19.94 43.97 -10.75
C HIS A 69 20.29 42.84 -11.70
N LEU A 70 20.10 41.60 -11.24
CA LEU A 70 20.43 40.41 -12.09
C LEU A 70 19.64 40.45 -13.38
N ASN A 71 18.30 40.57 -13.29
CA ASN A 71 17.45 40.57 -14.51
C ASN A 71 17.91 41.68 -15.45
N LYS A 72 18.15 42.88 -14.90
CA LYS A 72 18.59 44.02 -15.74
C LYS A 72 19.98 43.71 -16.31
N ALA A 73 20.91 43.26 -15.47
CA ALA A 73 22.24 42.91 -15.95
C ALA A 73 22.14 42.01 -17.17
N LYS A 74 21.26 41.02 -17.12
CA LYS A 74 21.08 40.11 -18.25
C LYS A 74 20.48 40.84 -19.45
N THR A 75 19.51 41.73 -19.20
CA THR A 75 18.88 42.45 -20.30
C THR A 75 19.85 43.43 -20.96
N ALA A 76 20.64 44.14 -20.15
CA ALA A 76 21.60 45.09 -20.71
C ALA A 76 22.65 44.39 -21.56
N LEU A 77 23.14 43.24 -21.08
CA LEU A 77 24.14 42.50 -21.85
C LEU A 77 23.52 41.94 -23.13
N GLY A 78 22.23 41.60 -23.10
CA GLY A 78 21.56 41.21 -24.32
C GLY A 78 21.46 42.34 -25.32
N PHE A 79 21.24 43.56 -24.83
CA PHE A 79 21.23 44.73 -25.75
C PHE A 79 22.62 44.92 -26.35
N LEU A 80 23.65 44.94 -25.49
CA LEU A 80 25.04 45.19 -25.96
C LEU A 80 25.46 44.08 -26.93
N LEU A 81 25.16 42.82 -26.60
CA LEU A 81 25.56 41.68 -27.47
C LEU A 81 24.96 41.88 -28.87
N TRP A 82 23.67 42.22 -28.94
CA TRP A 82 23.01 42.47 -30.25
C TRP A 82 23.79 43.57 -30.99
N ILE A 83 24.04 44.70 -30.33
CA ILE A 83 24.82 45.81 -30.96
C ILE A 83 26.13 45.25 -31.51
N VAL A 84 26.95 44.64 -30.66
CA VAL A 84 28.24 44.12 -31.11
C VAL A 84 28.08 43.26 -32.36
N CYS A 85 27.09 42.38 -32.39
CA CYS A 85 26.91 41.52 -33.56
C CYS A 85 26.49 42.33 -34.78
N TRP A 86 25.66 43.36 -34.59
CA TRP A 86 25.33 44.24 -35.70
C TRP A 86 26.47 45.20 -36.04
N ALA A 87 27.35 45.46 -35.08
CA ALA A 87 28.54 46.31 -35.38
C ALA A 87 29.35 45.60 -36.46
N ASP A 88 29.35 44.26 -36.46
CA ASP A 88 30.06 43.48 -37.50
C ASP A 88 29.43 43.82 -38.86
N LEU A 89 28.09 43.78 -38.94
CA LEU A 89 27.39 44.08 -40.20
C LEU A 89 27.79 45.49 -40.67
N PHE A 90 27.93 46.43 -39.74
CA PHE A 90 28.34 47.82 -40.09
C PHE A 90 29.73 47.78 -40.74
N TYR A 91 30.67 47.07 -40.12
CA TYR A 91 32.04 46.97 -40.68
C TYR A 91 32.01 46.25 -42.02
N SER A 92 31.19 45.19 -42.13
CA SER A 92 31.05 44.46 -43.42
C SER A 92 30.48 45.43 -44.46
N PHE A 93 29.49 46.24 -44.08
CA PHE A 93 28.92 47.25 -45.00
C PHE A 93 30.03 48.24 -45.37
N TRP A 94 30.79 48.70 -44.37
CA TRP A 94 31.93 49.62 -44.63
C TRP A 94 32.74 49.12 -45.83
N LEU A 102 32.43 41.84 -48.49
CA LEU A 102 32.51 41.17 -49.78
C LEU A 102 31.97 39.76 -49.70
N ALA A 103 32.49 39.00 -48.74
CA ALA A 103 32.07 37.61 -48.58
C ALA A 103 30.60 37.56 -48.22
N PRO A 104 29.80 36.71 -48.87
CA PRO A 104 28.37 36.66 -48.56
C PRO A 104 28.09 36.31 -47.11
N VAL A 105 28.92 35.47 -46.48
CA VAL A 105 28.70 35.08 -45.11
C VAL A 105 28.94 36.23 -44.14
N PHE A 106 29.64 37.27 -44.57
CA PHE A 106 29.90 38.42 -43.72
C PHE A 106 28.71 39.37 -43.62
N LEU A 107 27.61 39.05 -44.30
CA LEU A 107 26.38 39.82 -44.17
C LEU A 107 25.31 39.05 -43.42
N VAL A 108 24.96 37.85 -43.88
CA VAL A 108 23.80 37.15 -43.32
C VAL A 108 24.09 36.68 -41.89
N SER A 109 25.30 36.17 -41.65
CA SER A 109 25.60 35.61 -40.33
C SER A 109 25.54 36.65 -39.22
N PRO A 110 26.18 37.82 -39.32
CA PRO A 110 26.06 38.80 -38.24
C PRO A 110 24.63 39.27 -38.00
N THR A 111 23.86 39.49 -39.08
CA THR A 111 22.47 39.91 -38.92
C THR A 111 21.64 38.83 -38.25
N LEU A 112 21.82 37.57 -38.66
CA LEU A 112 21.09 36.48 -38.03
C LEU A 112 21.43 36.38 -36.55
N LEU A 113 22.71 36.51 -36.22
CA LEU A 113 23.12 36.42 -34.82
C LEU A 113 22.51 37.57 -34.01
N GLY A 114 22.52 38.77 -34.57
CA GLY A 114 21.89 39.89 -33.89
C GLY A 114 20.41 39.68 -33.66
N ILE A 115 19.72 39.10 -34.65
CA ILE A 115 18.28 38.93 -34.55
C ILE A 115 17.94 37.86 -33.51
N THR A 116 18.67 36.75 -33.52
CA THR A 116 18.46 35.71 -32.50
C THR A 116 18.84 36.26 -31.13
N MET A 117 19.83 37.15 -31.08
CA MET A 117 20.25 37.79 -29.80
C MET A 117 19.10 38.68 -29.32
N LEU A 118 18.46 39.40 -30.25
CA LEU A 118 17.30 40.27 -29.89
C LEU A 118 16.16 39.36 -29.40
N LEU A 119 16.11 38.12 -29.89
CA LEU A 119 15.06 37.17 -29.42
C LEU A 119 15.45 36.69 -28.02
N ALA A 120 16.76 36.54 -27.75
CA ALA A 120 17.21 36.11 -26.43
C ALA A 120 16.87 37.14 -25.36
N THR A 121 17.17 38.42 -25.62
CA THR A 121 16.88 39.43 -24.60
C THR A 121 15.38 39.63 -24.42
N PHE A 122 14.62 39.58 -25.51
CA PHE A 122 13.17 39.61 -25.39
C PHE A 122 12.65 38.44 -24.58
N LEU A 123 13.32 37.29 -24.70
CA LEU A 123 12.86 36.05 -24.01
C LEU A 123 13.08 36.17 -22.49
N ILE A 124 14.25 36.66 -22.05
CA ILE A 124 14.45 36.87 -20.59
C ILE A 124 13.44 37.91 -20.09
N GLN A 125 13.13 38.90 -20.92
CA GLN A 125 12.13 39.93 -20.54
C GLN A 125 10.77 39.26 -20.31
N ILE A 126 10.30 38.46 -21.26
CA ILE A 126 8.99 37.83 -21.12
C ILE A 126 9.03 36.77 -20.01
N GLU A 127 10.18 36.14 -19.82
CA GLU A 127 10.33 35.19 -18.72
C GLU A 127 10.22 35.89 -17.37
N ARG A 128 10.78 37.10 -17.26
CA ARG A 128 10.51 37.92 -16.09
C ARG A 128 9.02 38.19 -15.95
N ARG A 129 8.36 38.56 -17.04
CA ARG A 129 6.94 38.88 -16.99
C ARG A 129 6.12 37.68 -16.52
N ARG A 130 6.53 36.48 -16.91
CA ARG A 130 5.78 35.27 -16.63
C ARG A 130 6.28 34.53 -15.39
N GLY A 131 7.24 35.08 -14.68
CA GLY A 131 7.66 34.53 -13.41
C GLY A 131 8.35 33.18 -13.51
N VAL A 132 9.55 33.17 -14.08
CA VAL A 132 10.37 31.93 -14.17
C VAL A 132 11.72 32.25 -13.52
N GLN A 133 11.87 31.95 -12.23
CA GLN A 133 13.12 32.33 -11.50
C GLN A 133 14.35 31.76 -12.21
N SER A 134 14.30 30.49 -12.63
CA SER A 134 15.44 29.87 -13.36
C SER A 134 14.95 29.28 -14.68
N SER A 135 15.71 29.48 -15.76
CA SER A 135 15.27 29.01 -17.10
C SER A 135 16.13 27.85 -17.59
N GLY A 136 15.53 26.89 -18.30
CA GLY A 136 16.30 25.78 -18.88
C GLY A 136 16.74 26.11 -20.29
N ILE A 137 15.85 26.70 -21.08
CA ILE A 137 16.18 27.09 -22.48
C ILE A 137 17.23 28.19 -22.46
N MET A 138 17.08 29.17 -21.55
CA MET A 138 18.03 30.32 -21.50
C MET A 138 19.33 29.86 -20.85
N LEU A 139 19.50 28.56 -20.59
CA LEU A 139 20.78 28.04 -20.07
C LEU A 139 21.42 27.15 -21.12
N THR A 140 20.67 26.18 -21.65
CA THR A 140 21.17 25.32 -22.71
C THR A 140 21.54 26.15 -23.94
N PHE A 141 20.79 27.20 -24.24
CA PHE A 141 21.11 28.02 -25.39
C PHE A 141 22.45 28.72 -25.21
N TRP A 142 22.68 29.28 -24.03
CA TRP A 142 23.98 29.89 -23.78
C TRP A 142 25.09 28.86 -23.74
N LEU A 143 24.82 27.65 -23.25
CA LEU A 143 25.84 26.61 -23.26
C LEU A 143 26.23 26.23 -24.69
N ILE A 144 25.24 26.07 -25.57
CA ILE A 144 25.54 25.73 -26.96
C ILE A 144 26.28 26.86 -27.64
N ALA A 145 25.83 28.10 -27.41
CA ALA A 145 26.54 29.25 -27.97
C ALA A 145 27.97 29.30 -27.47
N LEU A 146 28.16 29.03 -26.17
CA LEU A 146 29.52 29.06 -25.57
C LEU A 146 30.40 28.05 -26.28
N LEU A 147 29.92 26.81 -26.42
CA LEU A 147 30.74 25.73 -27.06
C LEU A 147 31.11 26.16 -28.48
N CYS A 148 30.14 26.68 -29.23
CA CYS A 148 30.41 27.15 -30.62
C CYS A 148 31.44 28.28 -30.58
N ALA A 149 31.26 29.23 -29.68
CA ALA A 149 32.23 30.35 -29.54
C ALA A 149 33.60 29.78 -29.17
N LEU A 150 33.64 28.82 -28.25
CA LEU A 150 34.93 28.20 -27.82
C LEU A 150 35.64 27.62 -29.05
N ALA A 151 34.90 26.91 -29.91
CA ALA A 151 35.51 26.29 -31.11
C ALA A 151 36.10 27.38 -32.01
N ILE A 152 35.32 28.43 -32.27
CA ILE A 152 35.82 29.58 -33.10
C ILE A 152 36.97 30.25 -32.37
N LEU A 153 36.84 30.44 -31.05
CA LEU A 153 37.89 31.12 -30.25
C LEU A 153 39.22 30.38 -30.45
N ARG A 154 39.26 29.08 -30.16
CA ARG A 154 40.49 28.32 -30.34
C ARG A 154 41.03 28.50 -31.75
N SER A 155 40.15 28.44 -32.75
CA SER A 155 40.61 28.63 -34.12
C SER A 155 41.21 30.02 -34.32
N LYS A 156 40.56 31.05 -33.77
CA LYS A 156 41.02 32.42 -34.00
C LYS A 156 42.30 32.71 -33.22
N ILE A 157 42.50 32.06 -32.09
CA ILE A 157 43.74 32.27 -31.35
C ILE A 157 44.88 31.45 -31.97
N MET A 158 44.57 30.34 -32.64
CA MET A 158 45.61 29.63 -33.36
C MET A 158 45.96 30.32 -34.68
N THR A 159 45.02 31.03 -35.28
CA THR A 159 45.34 31.76 -36.51
C THR A 159 46.36 32.86 -36.24
N ALA A 160 46.27 33.49 -35.08
CA ALA A 160 47.23 34.52 -34.69
C ALA A 160 47.91 34.15 -33.37
N VAL A 169 41.92 41.61 -34.62
CA VAL A 169 42.28 43.01 -34.79
C VAL A 169 41.13 43.77 -35.43
N PHE A 170 40.70 43.30 -36.60
CA PHE A 170 39.63 43.95 -37.34
C PHE A 170 38.26 43.40 -36.98
N ARG A 171 38.03 42.12 -37.22
CA ARG A 171 36.79 41.45 -36.87
C ARG A 171 37.01 40.38 -35.80
N ASP A 172 38.26 40.12 -35.43
CA ASP A 172 38.55 39.19 -34.35
C ASP A 172 38.16 39.78 -33.00
N VAL A 173 38.41 41.07 -32.80
CA VAL A 173 38.15 41.68 -31.50
C VAL A 173 36.65 41.70 -31.22
N THR A 174 35.83 41.88 -32.27
CA THR A 174 34.39 41.77 -32.09
C THR A 174 34.03 40.39 -31.57
N PHE A 175 34.70 39.35 -32.06
CA PHE A 175 34.38 38.01 -31.60
C PHE A 175 34.83 37.79 -30.16
N TYR A 176 35.99 38.33 -29.78
CA TYR A 176 36.38 38.24 -28.38
C TYR A 176 35.38 38.93 -27.46
N ILE A 177 34.91 40.11 -27.85
CA ILE A 177 33.90 40.79 -27.04
C ILE A 177 32.64 39.95 -26.97
N TYR A 178 32.23 39.37 -28.11
CA TYR A 178 31.05 38.51 -28.14
C TYR A 178 31.21 37.34 -27.19
N PHE A 179 32.37 36.70 -27.20
CA PHE A 179 32.58 35.52 -26.38
C PHE A 179 32.60 35.85 -24.90
N SER A 180 33.27 36.95 -24.53
CA SER A 180 33.29 37.35 -23.13
C SER A 180 31.88 37.68 -22.64
N LEU A 181 31.11 38.40 -23.45
CA LEU A 181 29.75 38.72 -23.06
C LEU A 181 28.90 37.46 -22.96
N VAL A 182 29.09 36.52 -23.88
CA VAL A 182 28.32 35.27 -23.83
C VAL A 182 28.66 34.48 -22.58
N LEU A 183 29.94 34.43 -22.22
CA LEU A 183 30.34 33.72 -21.01
C LEU A 183 29.75 34.35 -19.77
N ILE A 184 29.79 35.67 -19.67
CA ILE A 184 29.22 36.33 -18.50
C ILE A 184 27.70 36.13 -18.47
N GLN A 185 27.09 36.14 -19.64
CA GLN A 185 25.62 35.91 -19.73
C GLN A 185 25.31 34.49 -19.23
N LEU A 186 26.12 33.51 -19.63
CA LEU A 186 25.89 32.13 -19.20
C LEU A 186 26.07 31.98 -17.69
N VAL A 187 27.08 32.65 -17.13
CA VAL A 187 27.26 32.60 -15.68
C VAL A 187 26.08 33.23 -14.96
N LEU A 188 25.60 34.36 -15.49
CA LEU A 188 24.44 35.02 -14.90
C LEU A 188 23.20 34.13 -14.97
N SER A 189 23.03 33.42 -16.09
CA SER A 189 21.82 32.62 -16.28
C SER A 189 21.72 31.46 -15.30
N CYS A 190 22.82 31.08 -14.65
CA CYS A 190 22.79 30.02 -13.65
C CYS A 190 22.11 30.44 -12.35
N PHE A 191 22.26 31.68 -11.92
CA PHE A 191 21.65 32.15 -10.68
C PHE A 191 20.14 32.27 -10.85
N SER A 192 19.44 31.99 -9.75
CA SER A 192 17.98 32.02 -9.73
C SER A 192 17.49 33.37 -9.23
N ASP A 193 16.49 33.91 -9.92
CA ASP A 193 15.96 35.23 -9.62
C ASP A 193 15.06 35.18 -8.39
N ARG A 194 14.64 36.35 -7.94
CA ARG A 194 13.80 36.46 -6.75
C ARG A 194 12.41 35.87 -7.03
N SER A 195 11.77 35.42 -5.96
CA SER A 195 10.45 34.83 -6.07
C SER A 195 9.43 35.91 -6.42
N PRO A 196 8.31 35.54 -7.07
CA PRO A 196 7.25 36.50 -7.40
C PRO A 196 6.69 37.23 -6.19
N ASP A 204 2.85 28.72 5.03
CA ASP A 204 3.33 27.68 6.00
C ASP A 204 4.81 27.40 5.74
N PRO A 205 5.57 26.86 6.71
CA PRO A 205 6.98 26.51 6.50
C PRO A 205 7.15 25.25 5.67
N ASN A 206 8.37 24.74 5.56
CA ASN A 206 8.64 23.51 4.77
C ASN A 206 7.95 23.63 3.41
N PRO A 207 8.19 24.70 2.61
CA PRO A 207 7.59 24.76 1.29
C PRO A 207 8.43 23.87 0.39
N CYS A 208 7.81 23.19 -0.57
CA CYS A 208 8.56 22.24 -1.38
C CYS A 208 9.64 22.98 -2.15
N PRO A 209 10.91 22.56 -2.05
CA PRO A 209 11.99 23.28 -2.74
C PRO A 209 11.89 23.24 -4.25
N GLU A 210 11.01 22.41 -4.82
CA GLU A 210 10.77 22.44 -6.26
C GLU A 210 10.39 23.83 -6.74
N SER A 211 9.61 24.58 -5.96
CA SER A 211 9.18 25.89 -6.38
C SER A 211 10.34 26.89 -6.40
N SER A 212 11.29 26.72 -5.49
CA SER A 212 12.38 27.69 -5.33
C SER A 212 13.73 27.14 -5.79
N ALA A 213 13.74 26.08 -6.59
CA ALA A 213 14.99 25.50 -7.06
C ALA A 213 15.35 26.03 -8.45
N SER A 214 16.65 26.18 -8.67
CA SER A 214 17.14 26.57 -9.99
C SER A 214 16.97 25.42 -10.98
N PHE A 215 16.99 25.76 -12.27
CA PHE A 215 16.90 24.72 -13.30
C PHE A 215 18.07 23.76 -13.23
N LEU A 216 19.28 24.29 -12.99
CA LEU A 216 20.46 23.43 -12.89
C LEU A 216 20.36 22.46 -11.73
N SER A 217 19.70 22.85 -10.63
CA SER A 217 19.49 21.96 -9.50
C SER A 217 18.20 21.14 -9.62
N ARG A 218 17.35 21.45 -10.59
CA ARG A 218 16.11 20.71 -10.81
C ARG A 218 16.30 19.53 -11.74
N ILE A 219 17.47 19.40 -12.38
CA ILE A 219 17.78 18.25 -13.22
C ILE A 219 18.66 17.30 -12.43
N THR A 220 19.43 17.83 -11.49
CA THR A 220 20.24 17.02 -10.59
C THR A 220 19.53 16.71 -9.28
N PHE A 221 18.33 17.27 -9.07
CA PHE A 221 17.53 17.01 -7.88
C PHE A 221 18.31 17.29 -6.60
N TRP A 222 19.05 18.40 -6.61
CA TRP A 222 19.84 18.79 -5.44
C TRP A 222 18.97 19.30 -4.31
N TRP A 223 17.76 19.77 -4.60
CA TRP A 223 16.91 20.38 -3.58
C TRP A 223 16.45 19.38 -2.53
N ILE A 224 16.57 18.07 -2.80
CA ILE A 224 16.25 17.05 -1.79
C ILE A 224 17.47 16.65 -0.96
N THR A 225 18.67 17.08 -1.35
CA THR A 225 19.86 16.71 -0.60
C THR A 225 19.78 17.15 0.85
N GLY A 226 19.17 18.30 1.11
CA GLY A 226 18.99 18.76 2.48
C GLY A 226 18.23 17.75 3.32
N MET A 227 17.21 17.12 2.72
CA MET A 227 16.53 16.03 3.42
C MET A 227 17.45 14.83 3.60
N MET A 228 18.24 14.51 2.57
CA MET A 228 19.06 13.31 2.61
C MET A 228 19.99 13.31 3.82
N VAL A 229 20.77 14.39 3.98
CA VAL A 229 21.62 14.50 5.15
C VAL A 229 20.77 14.55 6.42
N GLN A 230 19.64 15.26 6.37
CA GLN A 230 18.72 15.28 7.50
C GLN A 230 18.18 13.89 7.79
N GLY A 231 18.17 13.00 6.80
CA GLY A 231 17.73 11.63 7.04
C GLY A 231 18.75 10.79 7.78
N TYR A 232 20.01 11.20 7.77
CA TYR A 232 21.04 10.37 8.39
C TYR A 232 21.30 10.76 9.83
N ARG A 233 21.34 12.05 10.13
CA ARG A 233 21.67 12.50 11.48
C ARG A 233 20.52 12.22 12.45
N GLN A 234 19.30 12.54 12.06
CA GLN A 234 18.14 12.36 12.91
C GLN A 234 17.01 11.69 12.14
N PRO A 235 16.25 10.79 12.75
CA PRO A 235 15.14 10.17 12.03
C PRO A 235 14.06 11.18 11.66
N LEU A 236 13.42 10.94 10.53
CA LEU A 236 12.40 11.84 10.03
C LEU A 236 11.02 11.47 10.54
N GLU A 237 10.25 12.48 10.95
CA GLU A 237 8.86 12.34 11.30
C GLU A 237 8.00 13.01 10.24
N SER A 238 6.69 12.90 10.40
CA SER A 238 5.76 13.47 9.44
C SER A 238 5.72 14.99 9.55
N THR A 239 6.30 15.52 10.63
CA THR A 239 6.32 16.96 10.87
C THR A 239 7.40 17.67 10.07
N ASP A 240 8.36 16.94 9.51
CA ASP A 240 9.44 17.54 8.73
C ASP A 240 9.28 17.40 7.23
N LEU A 241 8.34 16.57 6.76
CA LEU A 241 8.10 16.46 5.33
C LEU A 241 7.49 17.76 4.80
N TRP A 242 8.01 18.22 3.68
CA TRP A 242 7.57 19.49 3.11
C TRP A 242 6.11 19.42 2.66
N SER A 243 5.44 20.56 2.73
CA SER A 243 4.07 20.64 2.27
C SER A 243 4.00 20.37 0.77
N LEU A 244 2.97 19.62 0.37
CA LEU A 244 2.79 19.27 -1.03
C LEU A 244 2.71 20.51 -1.89
N ASN A 245 3.37 20.48 -3.05
CA ASN A 245 3.36 21.62 -3.96
C ASN A 245 1.94 21.91 -4.44
N LYS A 246 1.73 23.15 -4.85
CA LYS A 246 0.38 23.70 -4.98
C LYS A 246 -0.44 22.91 -5.99
N GLU A 247 0.21 22.43 -7.07
CA GLU A 247 -0.57 21.76 -8.13
C GLU A 247 -1.03 20.36 -7.70
N ASP A 248 -0.16 19.58 -7.06
CA ASP A 248 -0.49 18.19 -6.75
C ASP A 248 -1.54 18.07 -5.65
N THR A 249 -1.91 19.16 -4.99
CA THR A 249 -2.87 19.09 -3.90
C THR A 249 -4.23 18.63 -4.42
N SER A 250 -4.98 17.92 -3.57
CA SER A 250 -6.23 17.30 -3.99
C SER A 250 -7.25 18.31 -4.50
N GLU A 251 -7.33 19.49 -3.88
CA GLU A 251 -8.30 20.48 -4.30
C GLU A 251 -7.99 21.05 -5.67
N GLN A 252 -6.81 20.77 -6.23
CA GLN A 252 -6.49 21.22 -7.57
C GLN A 252 -6.60 20.14 -8.64
N VAL A 253 -6.59 18.87 -8.27
CA VAL A 253 -6.62 17.78 -9.23
C VAL A 253 -7.91 16.96 -9.18
N VAL A 254 -8.67 17.01 -8.09
CA VAL A 254 -9.94 16.31 -8.02
C VAL A 254 -11.04 17.12 -8.70
N PRO A 255 -11.15 18.44 -8.45
CA PRO A 255 -12.18 19.21 -9.16
C PRO A 255 -12.05 19.20 -10.68
N VAL A 256 -10.83 19.15 -11.21
CA VAL A 256 -10.68 19.14 -12.66
C VAL A 256 -11.21 17.83 -13.25
N LEU A 257 -10.92 16.71 -12.58
CA LEU A 257 -11.46 15.43 -13.01
C LEU A 257 -12.97 15.40 -12.87
N VAL A 258 -13.50 15.99 -11.79
CA VAL A 258 -14.95 16.08 -11.60
C VAL A 258 -15.59 16.85 -12.74
N LYS A 259 -15.00 18.00 -13.09
CA LYS A 259 -15.56 18.81 -14.17
C LYS A 259 -15.49 18.10 -15.50
N ASN A 260 -14.36 17.45 -15.80
CA ASN A 260 -14.21 16.72 -17.05
C ASN A 260 -15.13 15.50 -17.13
N TRP A 261 -15.44 14.86 -16.01
CA TRP A 261 -16.35 13.72 -16.01
C TRP A 261 -17.81 14.15 -16.12
N LYS A 262 -18.19 15.25 -15.45
CA LYS A 262 -19.55 15.77 -15.64
C LYS A 262 -19.76 16.30 -17.04
N LYS A 263 -18.72 16.89 -17.65
CA LYS A 263 -18.83 17.31 -19.04
C LYS A 263 -19.07 16.10 -19.96
N GLU A 264 -18.34 15.01 -19.74
CA GLU A 264 -18.52 13.83 -20.56
C GLU A 264 -19.89 13.20 -20.33
N CYS A 265 -20.35 13.19 -19.08
CA CYS A 265 -21.69 12.68 -18.80
C CYS A 265 -22.77 13.53 -19.46
N ALA A 266 -22.58 14.86 -19.46
CA ALA A 266 -23.50 15.72 -20.18
C ALA A 266 -23.49 15.42 -21.68
N LYS A 267 -22.30 15.16 -22.23
CA LYS A 267 -22.21 14.72 -23.62
C LYS A 267 -22.93 13.39 -23.81
N SER A 268 -22.93 12.55 -22.78
CA SER A 268 -23.65 11.27 -22.80
C SER A 268 -23.23 10.39 -23.97
N ASP A 310 -21.55 4.54 -23.22
CA ASP A 310 -21.42 5.85 -23.92
C ASP A 310 -20.41 6.75 -23.18
N PRO A 311 -20.51 7.01 -21.87
CA PRO A 311 -19.49 7.82 -21.22
C PRO A 311 -18.23 6.96 -21.10
N SER A 312 -17.04 7.52 -21.36
CA SER A 312 -15.82 6.74 -21.16
C SER A 312 -14.86 7.50 -20.26
N LEU A 313 -14.27 6.78 -19.30
CA LEU A 313 -13.29 7.36 -18.41
C LEU A 313 -11.91 7.50 -19.05
N PHE A 314 -11.58 6.61 -19.99
CA PHE A 314 -10.29 6.72 -20.68
C PHE A 314 -10.21 8.01 -21.48
N LYS A 315 -11.31 8.39 -22.14
CA LYS A 315 -11.36 9.68 -22.81
C LYS A 315 -11.23 10.85 -21.85
N VAL A 316 -11.89 10.79 -20.69
CA VAL A 316 -11.74 11.82 -19.66
C VAL A 316 -10.36 11.81 -19.02
N LEU A 317 -9.79 10.64 -18.73
CA LEU A 317 -8.43 10.57 -18.24
C LEU A 317 -7.45 11.18 -19.23
N TYR A 318 -7.69 11.00 -20.53
CA TYR A 318 -6.83 11.60 -21.53
C TYR A 318 -6.87 13.12 -21.43
N LYS A 319 -8.05 13.72 -21.57
CA LYS A 319 -8.15 15.18 -21.56
C LYS A 319 -7.69 15.79 -20.25
N THR A 320 -7.60 15.02 -19.18
CA THR A 320 -7.16 15.54 -17.88
C THR A 320 -5.66 15.38 -17.66
N PHE A 321 -5.13 14.17 -17.77
CA PHE A 321 -3.72 13.89 -17.52
C PHE A 321 -2.94 13.61 -18.80
N GLY A 322 -3.31 14.24 -19.91
CA GLY A 322 -2.59 14.09 -21.15
C GLY A 322 -1.58 15.18 -21.45
N PRO A 323 -1.95 16.46 -21.25
CA PRO A 323 -0.96 17.52 -21.48
C PRO A 323 0.32 17.36 -20.67
N TYR A 324 0.23 16.94 -19.40
CA TYR A 324 1.43 16.76 -18.61
C TYR A 324 2.19 15.50 -19.03
N PHE A 325 1.47 14.41 -19.26
CA PHE A 325 2.10 13.16 -19.69
C PHE A 325 2.66 13.26 -21.10
N LEU A 326 2.31 14.29 -21.85
CA LEU A 326 2.78 14.43 -23.22
C LEU A 326 4.26 14.76 -23.28
N MET A 327 4.76 15.50 -22.28
CA MET A 327 6.18 15.81 -22.23
C MET A 327 7.04 14.58 -22.01
N SER A 328 6.45 13.48 -21.53
CA SER A 328 7.15 12.21 -21.40
C SER A 328 7.64 11.67 -22.74
N PHE A 329 6.88 11.86 -23.81
CA PHE A 329 7.30 11.42 -25.14
C PHE A 329 8.59 12.08 -25.59
N LEU A 330 8.72 13.40 -25.44
CA LEU A 330 9.94 14.10 -25.82
C LEU A 330 11.16 13.65 -25.03
N PHE A 331 11.02 13.46 -23.72
CA PHE A 331 12.13 13.01 -22.90
C PHE A 331 12.50 11.55 -23.16
N LYS A 332 11.50 10.75 -23.52
CA LYS A 332 11.73 9.31 -23.81
C LYS A 332 12.42 9.16 -25.15
N ALA A 333 11.93 9.85 -26.18
CA ALA A 333 12.47 9.72 -27.53
C ALA A 333 13.93 10.15 -27.60
N VAL A 334 14.28 11.25 -26.92
CA VAL A 334 15.67 11.70 -26.88
C VAL A 334 16.54 10.67 -26.17
N HIS A 335 16.05 10.11 -25.06
CA HIS A 335 16.82 9.11 -24.32
C HIS A 335 17.04 7.86 -25.17
N ASP A 336 16.02 7.43 -25.91
CA ASP A 336 16.17 6.25 -26.76
C ASP A 336 17.24 6.46 -27.82
N LEU A 337 17.22 7.62 -28.47
CA LEU A 337 18.23 7.90 -29.49
C LEU A 337 19.62 8.01 -28.89
N MET A 338 19.74 8.66 -27.73
CA MET A 338 21.04 8.84 -27.10
C MET A 338 21.60 7.55 -26.50
N MET A 339 20.74 6.58 -26.19
CA MET A 339 21.24 5.32 -25.66
C MET A 339 22.00 4.53 -26.72
N PHE A 340 21.55 4.57 -27.97
CA PHE A 340 22.21 3.85 -29.06
C PHE A 340 23.42 4.60 -29.60
N ALA A 341 23.69 5.81 -29.11
CA ALA A 341 24.96 6.46 -29.42
C ALA A 341 26.15 5.76 -28.77
N GLY A 342 25.92 5.02 -27.68
CA GLY A 342 26.96 4.28 -27.01
C GLY A 342 27.60 3.22 -27.89
N PRO A 343 26.79 2.32 -28.46
CA PRO A 343 27.35 1.35 -29.42
C PRO A 343 27.99 2.00 -30.63
N GLU A 344 27.48 3.13 -31.12
CA GLU A 344 28.05 3.77 -32.29
C GLU A 344 29.42 4.37 -31.97
N ILE A 345 29.52 5.10 -30.86
CA ILE A 345 30.80 5.65 -30.44
C ILE A 345 31.77 4.53 -30.10
N LEU A 346 31.26 3.43 -29.55
CA LEU A 346 32.10 2.28 -29.27
C LEU A 346 32.65 1.68 -30.56
N LYS A 347 31.82 1.61 -31.60
CA LYS A 347 32.29 1.15 -32.91
C LYS A 347 33.35 2.08 -33.48
N LEU A 348 33.18 3.39 -33.33
CA LEU A 348 34.21 4.32 -33.76
C LEU A 348 35.51 4.16 -32.97
N LEU A 349 35.40 3.92 -31.66
CA LEU A 349 36.59 3.79 -30.82
C LEU A 349 37.34 2.49 -31.11
N ILE A 350 36.60 1.42 -31.40
CA ILE A 350 37.25 0.17 -31.79
C ILE A 350 38.01 0.36 -33.10
N ASN A 351 37.42 1.11 -34.04
CA ASN A 351 38.14 1.45 -35.26
C ASN A 351 39.40 2.25 -34.97
N PHE A 352 39.29 3.25 -34.07
CA PHE A 352 40.44 4.08 -33.77
C PHE A 352 41.57 3.28 -33.14
N VAL A 353 41.23 2.38 -32.21
CA VAL A 353 42.25 1.54 -31.59
C VAL A 353 42.85 0.59 -32.62
N ASN A 354 42.00 -0.04 -33.44
CA ASN A 354 42.47 -1.01 -34.43
C ASN A 354 43.25 -0.33 -35.55
N ASP A 355 42.83 0.86 -35.96
CA ASP A 355 43.51 1.60 -37.03
C ASP A 355 44.65 2.38 -36.42
N LYS A 356 45.87 1.96 -36.70
CA LYS A 356 47.04 2.68 -36.20
C LYS A 356 47.25 3.95 -37.01
N LYS A 357 48.34 4.65 -36.68
CA LYS A 357 48.86 5.87 -37.32
C LYS A 357 47.85 7.01 -37.32
N ALA A 358 46.71 6.79 -36.64
CA ALA A 358 45.65 7.83 -36.57
C ALA A 358 46.03 8.86 -35.50
N PRO A 359 45.61 10.14 -35.62
CA PRO A 359 45.88 11.15 -34.60
C PRO A 359 45.38 10.72 -33.22
N GLU A 360 46.19 10.93 -32.18
CA GLU A 360 45.80 10.54 -30.80
C GLU A 360 44.55 11.30 -30.36
N TRP A 361 44.49 12.61 -30.67
CA TRP A 361 43.38 13.43 -30.19
C TRP A 361 42.03 12.86 -30.61
N GLN A 362 42.04 12.03 -31.66
CA GLN A 362 40.77 11.41 -32.15
C GLN A 362 40.18 10.55 -31.03
N GLY A 363 41.01 9.74 -30.37
CA GLY A 363 40.52 8.88 -29.30
C GLY A 363 40.00 9.68 -28.12
N TYR A 364 40.68 10.78 -27.79
CA TYR A 364 40.20 11.65 -26.72
C TYR A 364 38.85 12.26 -27.07
N PHE A 365 38.68 12.67 -28.33
CA PHE A 365 37.38 13.17 -28.77
C PHE A 365 36.32 12.09 -28.70
N TYR A 366 36.65 10.88 -29.12
CA TYR A 366 35.69 9.78 -29.07
C TYR A 366 35.25 9.46 -27.65
N THR A 367 36.21 9.38 -26.72
CA THR A 367 35.87 9.12 -25.32
C THR A 367 35.22 10.31 -24.64
N ALA A 368 35.38 11.52 -25.18
CA ALA A 368 34.63 12.66 -24.69
C ALA A 368 33.16 12.62 -25.10
N LEU A 369 32.86 12.06 -26.28
CA LEU A 369 31.49 11.86 -26.70
C LEU A 369 30.80 10.74 -25.95
N LEU A 370 31.56 9.78 -25.42
CA LEU A 370 31.00 8.73 -24.57
C LEU A 370 30.62 9.24 -23.19
N PHE A 371 31.22 10.33 -22.73
CA PHE A 371 30.87 10.93 -21.46
C PHE A 371 29.75 11.96 -21.55
N ILE A 372 29.75 12.80 -22.59
CA ILE A 372 28.67 13.77 -22.76
C ILE A 372 27.35 13.12 -23.13
N SER A 373 27.35 12.14 -24.03
CA SER A 373 26.12 11.51 -24.49
C SER A 373 25.46 10.63 -23.45
N ALA A 374 26.22 9.78 -22.76
CA ALA A 374 25.64 8.89 -21.76
C ALA A 374 25.30 9.59 -20.46
N CYS A 375 25.92 10.74 -20.16
CA CYS A 375 25.54 11.54 -19.02
C CYS A 375 24.34 12.43 -19.30
N LEU A 376 24.25 12.99 -20.50
CA LEU A 376 23.02 13.68 -20.91
C LEU A 376 21.86 12.71 -21.00
N GLN A 377 22.13 11.44 -21.35
CA GLN A 377 21.09 10.43 -21.36
C GLN A 377 20.51 10.23 -19.96
N THR A 378 21.37 10.24 -18.93
CA THR A 378 20.88 10.14 -17.56
C THR A 378 19.99 11.32 -17.20
N LEU A 379 20.45 12.55 -17.51
CA LEU A 379 19.70 13.74 -17.16
C LEU A 379 18.39 13.84 -17.93
N VAL A 380 18.31 13.25 -19.13
CA VAL A 380 17.08 13.27 -19.89
C VAL A 380 16.16 12.09 -19.55
N LEU A 381 16.70 10.97 -19.07
CA LEU A 381 15.86 9.86 -18.65
C LEU A 381 15.26 10.12 -17.28
N HIS A 382 16.02 10.73 -16.37
CA HIS A 382 15.45 11.04 -15.06
C HIS A 382 14.77 12.41 -15.07
N GLN A 383 14.00 12.62 -16.14
CA GLN A 383 12.86 13.52 -16.16
C GLN A 383 11.63 12.86 -16.76
N TYR A 384 11.81 11.95 -17.71
CA TYR A 384 10.74 11.04 -18.11
C TYR A 384 10.17 10.29 -16.91
N PHE A 385 11.04 9.71 -16.09
CA PHE A 385 10.57 8.98 -14.92
C PHE A 385 9.86 9.89 -13.93
N HIS A 386 10.40 11.10 -13.70
CA HIS A 386 9.75 12.04 -12.81
C HIS A 386 8.38 12.46 -13.30
N ILE A 387 8.25 12.78 -14.59
CA ILE A 387 6.96 13.15 -15.16
C ILE A 387 5.97 12.00 -15.05
N CYS A 388 6.40 10.77 -15.39
CA CYS A 388 5.50 9.63 -15.31
C CYS A 388 5.04 9.38 -13.88
N PHE A 389 5.97 9.43 -12.92
CA PHE A 389 5.62 9.20 -11.53
C PHE A 389 4.70 10.28 -10.97
N VAL A 390 4.96 11.55 -11.30
CA VAL A 390 4.13 12.65 -10.81
C VAL A 390 2.75 12.54 -11.43
N SER A 391 2.67 12.18 -12.71
CA SER A 391 1.39 12.00 -13.37
C SER A 391 0.61 10.83 -12.81
N GLY A 392 1.27 9.74 -12.45
CA GLY A 392 0.59 8.62 -11.81
C GLY A 392 0.10 8.96 -10.42
N MET A 393 0.90 9.72 -9.68
CA MET A 393 0.49 10.13 -8.34
C MET A 393 -0.70 11.09 -8.41
N ARG A 394 -0.71 11.97 -9.42
CA ARG A 394 -1.87 12.82 -9.63
C ARG A 394 -3.11 12.00 -9.96
N ILE A 395 -2.95 10.94 -10.76
CA ILE A 395 -4.08 10.06 -11.07
C ILE A 395 -4.59 9.40 -9.81
N LYS A 396 -3.69 8.89 -8.98
CA LYS A 396 -4.10 8.27 -7.72
C LYS A 396 -4.78 9.24 -6.78
N THR A 397 -4.31 10.49 -6.72
CA THR A 397 -4.96 11.52 -5.92
C THR A 397 -6.35 11.89 -6.44
N ALA A 398 -6.51 12.01 -7.76
CA ALA A 398 -7.79 12.40 -8.34
C ALA A 398 -8.80 11.26 -8.38
N VAL A 399 -8.36 10.01 -8.55
CA VAL A 399 -9.27 8.88 -8.59
C VAL A 399 -9.84 8.64 -7.20
N ILE A 400 -8.99 8.75 -6.18
CA ILE A 400 -9.46 8.58 -4.81
C ILE A 400 -10.50 9.63 -4.46
N GLY A 401 -10.21 10.90 -4.78
CA GLY A 401 -11.14 11.98 -4.51
C GLY A 401 -12.45 11.91 -5.28
N ALA A 402 -12.39 11.56 -6.56
CA ALA A 402 -13.61 11.41 -7.35
C ALA A 402 -14.48 10.26 -6.85
N VAL A 403 -13.88 9.13 -6.50
CA VAL A 403 -14.65 8.02 -5.95
C VAL A 403 -15.25 8.41 -4.61
N TYR A 404 -14.48 9.11 -3.76
CA TYR A 404 -15.00 9.56 -2.48
C TYR A 404 -16.17 10.51 -2.66
N ARG A 405 -16.04 11.46 -3.58
CA ARG A 405 -17.11 12.43 -3.80
C ARG A 405 -18.34 11.80 -4.42
N LYS A 406 -18.18 10.78 -5.27
CA LYS A 406 -19.31 10.07 -5.83
C LYS A 406 -20.00 9.15 -4.82
N ALA A 407 -19.24 8.58 -3.89
CA ALA A 407 -19.80 7.65 -2.91
C ALA A 407 -20.81 8.30 -1.98
N LEU A 408 -20.82 9.63 -1.87
CA LEU A 408 -21.73 10.33 -0.98
C LEU A 408 -23.04 10.74 -1.67
N VAL A 409 -23.19 10.48 -2.96
CA VAL A 409 -24.37 10.92 -3.70
C VAL A 409 -24.98 9.73 -4.43
N ILE A 410 -24.44 8.55 -4.21
CA ILE A 410 -24.90 7.34 -4.88
C ILE A 410 -26.17 6.85 -4.21
N THR A 411 -27.14 6.43 -5.01
CA THR A 411 -28.41 5.96 -4.47
C THR A 411 -28.24 4.58 -3.82
N ASN A 412 -29.13 4.27 -2.88
CA ASN A 412 -28.98 3.06 -2.08
C ASN A 412 -29.12 1.80 -2.92
N ALA A 413 -30.07 1.80 -3.87
CA ALA A 413 -30.25 0.63 -4.72
C ALA A 413 -29.00 0.34 -5.53
N ALA A 414 -28.35 1.39 -6.06
CA ALA A 414 -27.10 1.20 -6.79
C ALA A 414 -26.00 0.66 -5.87
N ARG A 415 -25.91 1.17 -4.64
CA ARG A 415 -24.86 0.71 -3.73
C ARG A 415 -25.09 -0.72 -3.27
N LYS A 416 -26.34 -1.19 -3.27
CA LYS A 416 -26.56 -2.61 -2.99
C LYS A 416 -25.87 -3.53 -3.98
N SER A 417 -25.64 -3.07 -5.21
CA SER A 417 -24.98 -3.89 -6.21
C SER A 417 -23.47 -4.00 -6.01
N SER A 418 -22.90 -3.19 -5.13
CA SER A 418 -21.46 -3.21 -4.86
C SER A 418 -21.24 -3.48 -3.38
N THR A 419 -20.37 -4.43 -3.07
CA THR A 419 -20.02 -4.72 -1.69
C THR A 419 -19.26 -3.53 -1.10
N VAL A 420 -19.40 -3.35 0.22
CA VAL A 420 -18.75 -2.22 0.89
C VAL A 420 -17.24 -2.30 0.74
N GLY A 421 -16.67 -3.49 0.95
CA GLY A 421 -15.25 -3.66 0.79
C GLY A 421 -14.76 -3.55 -0.65
N GLU A 422 -15.64 -3.82 -1.61
CA GLU A 422 -15.25 -3.70 -3.01
C GLU A 422 -15.17 -2.25 -3.45
N ILE A 423 -15.95 -1.37 -2.83
CA ILE A 423 -15.83 0.07 -3.12
C ILE A 423 -14.52 0.61 -2.55
N VAL A 424 -14.08 0.07 -1.41
CA VAL A 424 -12.77 0.45 -0.87
C VAL A 424 -11.65 -0.07 -1.76
N ASN A 425 -11.88 -1.21 -2.43
CA ASN A 425 -10.91 -1.71 -3.39
C ASN A 425 -10.72 -0.76 -4.56
N LEU A 426 -11.63 0.18 -4.77
CA LEU A 426 -11.52 1.14 -5.85
C LEU A 426 -10.38 2.12 -5.61
N MET A 427 -9.90 2.19 -4.36
CA MET A 427 -8.69 2.94 -4.06
C MET A 427 -7.56 2.08 -3.53
N SER A 428 -7.83 1.00 -2.80
CA SER A 428 -6.77 0.18 -2.24
C SER A 428 -5.95 -0.54 -3.31
N VAL A 429 -6.59 -1.05 -4.35
CA VAL A 429 -5.90 -1.73 -5.44
C VAL A 429 -6.13 -1.06 -6.79
N ASP A 430 -7.38 -0.62 -7.03
CA ASP A 430 -7.74 -0.09 -8.35
C ASP A 430 -6.96 1.18 -8.67
N ALA A 431 -6.98 2.16 -7.76
CA ALA A 431 -6.24 3.40 -7.98
C ALA A 431 -4.74 3.20 -7.90
N GLN A 432 -4.27 2.23 -7.11
CA GLN A 432 -2.85 1.91 -7.07
C GLN A 432 -2.38 1.31 -8.39
N ARG A 433 -3.25 0.56 -9.08
CA ARG A 433 -2.88 -0.01 -10.36
C ARG A 433 -2.57 1.06 -11.39
N PHE A 434 -3.34 2.16 -11.39
CA PHE A 434 -3.05 3.25 -12.31
C PHE A 434 -1.68 3.87 -12.06
N MET A 435 -1.34 4.10 -10.79
CA MET A 435 -0.03 4.65 -10.46
C MET A 435 1.09 3.69 -10.85
N ASP A 436 0.92 2.39 -10.60
CA ASP A 436 1.92 1.42 -11.01
C ASP A 436 2.06 1.36 -12.53
N LEU A 437 0.94 1.46 -13.25
CA LEU A 437 0.98 1.42 -14.71
C LEU A 437 1.71 2.63 -15.26
N ALA A 438 1.49 3.82 -14.67
CA ALA A 438 2.00 5.06 -15.25
C ALA A 438 3.51 5.07 -15.40
N THR A 439 4.22 4.23 -14.64
CA THR A 439 5.68 4.21 -14.76
C THR A 439 6.13 3.70 -16.12
N TYR A 440 5.49 2.62 -16.61
CA TYR A 440 5.93 1.97 -17.85
C TYR A 440 4.88 2.00 -18.94
N ILE A 441 3.79 2.74 -18.78
CA ILE A 441 2.77 2.82 -19.82
C ILE A 441 3.35 3.44 -21.10
N ASN A 442 4.31 4.34 -20.96
CA ASN A 442 4.89 5.03 -22.10
C ASN A 442 5.93 4.20 -22.84
N MET A 443 5.94 2.88 -22.63
CA MET A 443 6.96 2.02 -23.22
C MET A 443 6.40 1.07 -24.26
N ILE A 444 5.07 0.97 -24.40
CA ILE A 444 4.48 0.12 -25.43
C ILE A 444 4.93 0.55 -26.81
N TRP A 445 5.41 1.78 -26.96
CA TRP A 445 5.97 2.22 -28.23
C TRP A 445 7.48 2.37 -28.17
N SER A 446 8.04 2.66 -27.00
CA SER A 446 9.49 2.79 -26.89
C SER A 446 10.19 1.44 -27.08
N ALA A 447 9.64 0.38 -26.48
CA ALA A 447 10.24 -0.94 -26.63
C ALA A 447 10.24 -1.42 -28.08
N PRO A 448 9.14 -1.35 -28.84
CA PRO A 448 9.24 -1.64 -30.27
C PRO A 448 10.19 -0.72 -31.01
N LEU A 449 10.24 0.57 -30.67
CA LEU A 449 11.20 1.47 -31.27
C LEU A 449 12.64 1.12 -30.94
N GLN A 450 12.92 0.82 -29.67
CA GLN A 450 14.30 0.38 -29.30
C GLN A 450 14.63 -0.89 -30.09
N VAL A 451 13.69 -1.83 -30.17
CA VAL A 451 13.95 -3.09 -30.86
C VAL A 451 14.24 -2.86 -32.34
N ILE A 452 13.41 -2.05 -33.00
CA ILE A 452 13.57 -1.83 -34.44
C ILE A 452 14.87 -1.09 -34.73
N LEU A 453 15.16 -0.04 -33.96
CA LEU A 453 16.39 0.70 -34.17
C LEU A 453 17.63 -0.15 -33.90
N ALA A 454 17.58 -0.94 -32.83
CA ALA A 454 18.71 -1.84 -32.54
C ALA A 454 18.87 -2.88 -33.64
N LEU A 455 17.77 -3.44 -34.13
CA LEU A 455 17.85 -4.44 -35.19
C LEU A 455 18.41 -3.83 -36.46
N TYR A 456 18.06 -2.58 -36.76
CA TYR A 456 18.66 -1.89 -37.90
C TYR A 456 20.16 -1.71 -37.68
N LEU A 457 20.56 -1.29 -36.47
CA LEU A 457 21.97 -1.04 -36.21
C LEU A 457 22.80 -2.31 -36.34
N LEU A 458 22.33 -3.41 -35.73
CA LEU A 458 23.16 -4.64 -35.71
C LEU A 458 23.07 -5.36 -37.06
N TRP A 459 21.99 -5.15 -37.81
CA TRP A 459 21.93 -5.74 -39.17
C TRP A 459 23.10 -5.18 -39.98
N LEU A 460 23.40 -3.89 -39.80
CA LEU A 460 24.55 -3.25 -40.49
C LEU A 460 25.85 -3.78 -39.88
N ASN A 461 25.88 -3.96 -38.56
CA ASN A 461 27.13 -4.40 -37.87
C ASN A 461 27.56 -5.77 -38.40
N LEU A 462 26.62 -6.72 -38.52
CA LEU A 462 26.96 -8.08 -38.99
C LEU A 462 26.18 -8.32 -40.29
N GLY A 463 25.89 -9.58 -40.62
CA GLY A 463 25.16 -9.90 -41.87
C GLY A 463 23.67 -10.05 -41.62
N PRO A 464 22.95 -10.90 -42.39
CA PRO A 464 21.53 -11.14 -42.19
C PRO A 464 21.30 -12.12 -41.03
N SER A 465 22.34 -12.41 -40.25
CA SER A 465 22.21 -13.35 -39.10
C SER A 465 21.21 -12.77 -38.09
N VAL A 466 20.95 -11.46 -38.14
CA VAL A 466 19.95 -10.83 -37.23
C VAL A 466 18.71 -11.74 -37.18
N LEU A 467 18.25 -12.23 -38.34
CA LEU A 467 17.05 -13.12 -38.39
C LEU A 467 17.17 -14.22 -37.35
N ALA A 468 18.36 -14.83 -37.23
CA ALA A 468 18.58 -15.88 -36.23
C ALA A 468 18.35 -15.34 -34.83
N GLY A 469 18.99 -14.22 -34.51
CA GLY A 469 18.72 -13.57 -33.22
C GLY A 469 17.25 -13.23 -33.07
N VAL A 470 16.63 -12.72 -34.14
CA VAL A 470 15.21 -12.43 -34.11
C VAL A 470 14.43 -13.67 -33.75
N ALA A 471 14.84 -14.83 -34.28
CA ALA A 471 14.22 -16.09 -33.90
C ALA A 471 14.21 -16.26 -32.39
N VAL A 472 15.38 -16.10 -31.76
CA VAL A 472 15.46 -16.26 -30.31
C VAL A 472 14.56 -15.24 -29.63
N MET A 473 14.38 -14.09 -30.27
CA MET A 473 13.50 -13.04 -29.71
C MET A 473 12.03 -13.42 -29.90
N VAL A 474 11.67 -13.99 -31.06
CA VAL A 474 10.25 -14.26 -31.30
C VAL A 474 9.81 -15.53 -30.58
N LEU A 475 10.75 -16.28 -30.02
CA LEU A 475 10.41 -17.39 -29.14
C LEU A 475 10.45 -16.99 -27.67
N MET A 476 11.30 -16.03 -27.30
CA MET A 476 11.41 -15.65 -25.89
C MET A 476 10.23 -14.80 -25.44
N VAL A 477 9.78 -13.86 -26.28
CA VAL A 477 8.69 -12.97 -25.88
C VAL A 477 7.40 -13.72 -25.61
N PRO A 478 6.94 -14.65 -26.46
CA PRO A 478 5.75 -15.43 -26.09
C PRO A 478 5.90 -16.19 -24.78
N LEU A 479 7.07 -16.79 -24.55
CA LEU A 479 7.31 -17.50 -23.29
C LEU A 479 6.98 -16.61 -22.10
N ASN A 480 7.71 -15.50 -21.95
CA ASN A 480 7.38 -14.51 -20.93
C ASN A 480 5.88 -14.30 -20.85
N ALA A 481 5.26 -14.02 -22.01
CA ALA A 481 3.82 -13.76 -22.05
C ALA A 481 3.06 -14.81 -21.28
N VAL A 482 3.16 -16.08 -21.71
CA VAL A 482 2.35 -17.10 -21.05
C VAL A 482 2.72 -17.19 -19.59
N MET A 483 4.03 -17.11 -19.29
CA MET A 483 4.47 -17.14 -17.90
C MET A 483 3.75 -16.08 -17.10
N ALA A 484 3.78 -14.83 -17.59
CA ALA A 484 3.08 -13.76 -16.87
C ALA A 484 1.64 -14.15 -16.60
N MET A 485 0.93 -14.55 -17.66
CA MET A 485 -0.46 -14.94 -17.49
C MET A 485 -0.59 -15.99 -16.40
N LYS A 486 0.21 -17.07 -16.51
CA LYS A 486 0.12 -18.13 -15.53
C LYS A 486 0.28 -17.58 -14.13
N THR A 487 1.33 -16.79 -13.90
CA THR A 487 1.55 -16.26 -12.55
C THR A 487 0.30 -15.59 -12.06
N LYS A 488 -0.23 -14.65 -12.86
CA LYS A 488 -1.39 -13.88 -12.45
C LYS A 488 -2.46 -14.78 -11.86
N THR A 489 -2.85 -15.82 -12.61
CA THR A 489 -3.93 -16.68 -12.14
C THR A 489 -3.63 -17.23 -10.75
N TYR A 490 -2.55 -18.00 -10.62
CA TYR A 490 -2.28 -18.56 -9.30
C TYR A 490 -1.74 -17.51 -8.34
N GLN A 491 -1.27 -16.36 -8.87
CA GLN A 491 -1.04 -15.24 -7.98
C GLN A 491 -2.30 -14.94 -7.19
N VAL A 492 -3.42 -14.76 -7.90
CA VAL A 492 -4.70 -14.58 -7.24
C VAL A 492 -4.97 -15.75 -6.32
N ALA A 493 -4.68 -16.97 -6.81
CA ALA A 493 -4.90 -18.14 -5.98
C ALA A 493 -4.18 -17.99 -4.65
N HIS A 494 -2.88 -17.68 -4.70
CA HIS A 494 -2.13 -17.47 -3.47
C HIS A 494 -2.86 -16.50 -2.57
N MET A 495 -3.26 -15.35 -3.14
CA MET A 495 -3.93 -14.33 -2.35
C MET A 495 -5.10 -14.92 -1.60
N LYS A 496 -6.02 -15.62 -2.30
CA LYS A 496 -7.22 -16.02 -1.61
C LYS A 496 -6.89 -17.00 -0.50
N SER A 497 -5.91 -17.90 -0.75
CA SER A 497 -5.50 -18.81 0.29
C SER A 497 -5.04 -18.04 1.53
N LYS A 498 -4.13 -17.09 1.33
CA LYS A 498 -3.71 -16.25 2.44
C LYS A 498 -4.91 -15.57 3.07
N ASP A 499 -5.79 -15.02 2.24
CA ASP A 499 -6.99 -14.36 2.75
C ASP A 499 -7.74 -15.30 3.68
N ASN A 500 -7.99 -16.53 3.24
CA ASN A 500 -8.70 -17.48 4.09
C ASN A 500 -7.97 -17.63 5.42
N ARG A 501 -6.67 -17.93 5.36
CA ARG A 501 -5.91 -18.14 6.58
C ARG A 501 -6.10 -16.97 7.54
N ILE A 502 -6.10 -15.75 7.00
CA ILE A 502 -6.07 -14.60 7.88
C ILE A 502 -7.33 -14.55 8.74
N LYS A 503 -8.50 -14.85 8.14
CA LYS A 503 -9.70 -14.81 8.97
C LYS A 503 -9.63 -15.89 10.04
N LEU A 504 -9.17 -17.09 9.65
CA LEU A 504 -8.96 -18.14 10.63
C LEU A 504 -8.03 -17.66 11.74
N MET A 505 -6.95 -16.99 11.35
CA MET A 505 -5.99 -16.45 12.36
C MET A 505 -6.76 -15.53 13.32
N ASN A 506 -7.61 -14.64 12.79
CA ASN A 506 -8.39 -13.76 13.64
C ASN A 506 -9.19 -14.55 14.66
N GLU A 507 -9.80 -15.66 14.22
CA GLU A 507 -10.59 -16.47 15.13
C GLU A 507 -9.76 -16.93 16.32
N ILE A 508 -8.53 -17.37 16.07
CA ILE A 508 -7.68 -17.82 17.16
C ILE A 508 -7.35 -16.67 18.10
N LEU A 509 -7.15 -15.47 17.54
CA LEU A 509 -6.90 -14.31 18.37
C LEU A 509 -8.18 -13.80 19.03
N ASN A 510 -9.34 -14.24 18.55
CA ASN A 510 -10.59 -13.80 19.16
C ASN A 510 -10.92 -14.63 20.40
N GLY A 511 -11.18 -15.92 20.21
CA GLY A 511 -11.48 -16.80 21.32
C GLY A 511 -10.27 -17.55 21.85
N ILE A 512 -9.18 -16.85 22.14
CA ILE A 512 -7.98 -17.52 22.62
C ILE A 512 -8.18 -18.09 24.02
N LYS A 513 -8.96 -17.38 24.85
CA LYS A 513 -9.17 -17.84 26.23
C LYS A 513 -9.91 -19.16 26.27
N VAL A 514 -11.06 -19.25 25.58
CA VAL A 514 -11.81 -20.49 25.55
C VAL A 514 -11.03 -21.56 24.80
N LEU A 515 -10.21 -21.16 23.83
CA LEU A 515 -9.39 -22.11 23.10
C LEU A 515 -8.38 -22.79 24.01
N LYS A 516 -7.73 -22.02 24.89
CA LYS A 516 -6.78 -22.61 25.83
C LYS A 516 -7.49 -23.30 26.99
N LEU A 517 -8.74 -22.93 27.27
CA LEU A 517 -9.47 -23.56 28.36
C LEU A 517 -9.67 -25.04 28.12
N TYR A 518 -10.04 -25.42 26.88
CA TYR A 518 -10.32 -26.84 26.54
C TYR A 518 -9.09 -27.50 25.90
N ALA A 519 -8.01 -26.76 25.69
CA ALA A 519 -6.81 -27.26 25.03
C ALA A 519 -7.06 -27.60 23.58
N TRP A 520 -7.47 -26.61 22.79
CA TRP A 520 -7.65 -26.77 21.36
C TRP A 520 -6.49 -26.21 20.55
N GLU A 521 -5.43 -25.77 21.23
CA GLU A 521 -4.28 -25.13 20.52
C GLU A 521 -3.78 -26.09 19.44
N LEU A 522 -3.38 -27.30 19.84
CA LEU A 522 -2.83 -28.28 18.87
C LEU A 522 -3.85 -28.54 17.78
N ALA A 523 -5.15 -28.56 18.13
CA ALA A 523 -6.17 -28.89 17.15
C ALA A 523 -6.23 -27.86 16.02
N PHE A 524 -6.14 -26.57 16.37
CA PHE A 524 -6.20 -25.51 15.39
C PHE A 524 -4.85 -25.22 14.73
N LYS A 525 -3.75 -25.52 15.41
CA LYS A 525 -2.44 -25.38 14.79
C LYS A 525 -2.34 -26.28 13.57
N ASP A 526 -2.91 -27.49 13.64
CA ASP A 526 -2.91 -28.38 12.49
C ASP A 526 -3.68 -27.80 11.31
N LYS A 527 -4.83 -27.16 11.58
CA LYS A 527 -5.61 -26.57 10.50
C LYS A 527 -4.87 -25.40 9.87
N VAL A 528 -4.25 -24.55 10.69
CA VAL A 528 -3.47 -23.44 10.14
C VAL A 528 -2.30 -23.96 9.33
N LEU A 529 -1.67 -25.05 9.79
CA LEU A 529 -0.57 -25.65 9.04
C LEU A 529 -1.07 -26.22 7.71
N ALA A 530 -2.28 -26.80 7.70
CA ALA A 530 -2.81 -27.35 6.46
C ALA A 530 -3.05 -26.26 5.44
N ILE A 531 -3.64 -25.14 5.86
CA ILE A 531 -3.88 -24.05 4.91
C ILE A 531 -2.55 -23.40 4.51
N ARG A 532 -1.57 -23.39 5.42
CA ARG A 532 -0.24 -22.91 5.07
C ARG A 532 0.39 -23.77 3.99
N GLN A 533 0.27 -25.09 4.11
CA GLN A 533 0.76 -25.98 3.06
C GLN A 533 0.02 -25.74 1.75
N GLU A 534 -1.30 -25.49 1.84
CA GLU A 534 -2.09 -25.21 0.64
C GLU A 534 -1.52 -24.02 -0.11
N GLU A 535 -1.23 -22.92 0.58
CA GLU A 535 -0.66 -21.77 -0.13
C GLU A 535 0.79 -21.99 -0.50
N LEU A 536 1.51 -22.83 0.26
CA LEU A 536 2.91 -23.08 -0.03
C LEU A 536 3.10 -23.88 -1.30
N LYS A 537 2.15 -24.75 -1.65
CA LYS A 537 2.24 -25.44 -2.93
C LYS A 537 2.15 -24.45 -4.10
N VAL A 538 1.24 -23.47 -4.00
CA VAL A 538 1.13 -22.45 -5.03
C VAL A 538 2.42 -21.64 -5.11
N LEU A 539 2.97 -21.26 -3.96
CA LEU A 539 4.23 -20.53 -3.95
C LEU A 539 5.36 -21.37 -4.54
N LYS A 540 5.36 -22.67 -4.26
CA LYS A 540 6.35 -23.57 -4.82
C LYS A 540 6.28 -23.60 -6.34
N LYS A 541 5.06 -23.67 -6.89
CA LYS A 541 4.95 -23.65 -8.35
C LYS A 541 5.44 -22.31 -8.90
N SER A 542 5.03 -21.21 -8.26
CA SER A 542 5.42 -19.88 -8.74
C SER A 542 6.92 -19.66 -8.65
N ALA A 543 7.61 -20.41 -7.79
CA ALA A 543 9.07 -20.41 -7.81
C ALA A 543 9.60 -20.85 -9.17
N TYR A 544 8.99 -21.90 -9.74
CA TYR A 544 9.39 -22.35 -11.07
C TYR A 544 9.18 -21.29 -12.13
N LEU A 545 8.06 -20.57 -12.09
CA LEU A 545 7.77 -19.51 -13.04
C LEU A 545 8.66 -18.29 -12.87
N ALA A 546 9.07 -17.97 -11.65
CA ALA A 546 10.07 -16.93 -11.42
C ALA A 546 11.46 -17.33 -11.88
N ALA A 547 11.79 -18.62 -11.80
CA ALA A 547 13.08 -19.09 -12.27
C ALA A 547 13.27 -18.87 -13.76
N VAL A 548 12.28 -19.20 -14.58
CA VAL A 548 12.37 -18.92 -16.01
C VAL A 548 12.30 -17.43 -16.31
N GLY A 549 11.56 -16.65 -15.51
CA GLY A 549 11.57 -15.21 -15.68
C GLY A 549 12.91 -14.56 -15.43
N THR A 550 13.64 -15.03 -14.44
CA THR A 550 15.00 -14.52 -14.20
C THR A 550 15.97 -15.01 -15.27
N PHE A 551 15.83 -16.26 -15.72
CA PHE A 551 16.66 -16.77 -16.80
C PHE A 551 16.46 -15.97 -18.07
N THR A 552 15.21 -15.60 -18.38
CA THR A 552 14.94 -14.77 -19.54
C THR A 552 15.41 -13.34 -19.35
N TRP A 553 15.49 -12.85 -18.11
CA TRP A 553 16.07 -11.55 -17.87
C TRP A 553 17.58 -11.53 -18.05
N VAL A 554 18.27 -12.60 -17.65
CA VAL A 554 19.73 -12.60 -17.63
C VAL A 554 20.31 -13.13 -18.94
N CYS A 555 19.86 -14.30 -19.38
CA CYS A 555 20.51 -15.01 -20.47
C CYS A 555 19.97 -14.65 -21.85
N THR A 556 18.89 -13.88 -21.94
CA THR A 556 18.34 -13.54 -23.26
C THR A 556 19.32 -12.75 -24.12
N PRO A 557 19.98 -11.70 -23.62
CA PRO A 557 20.98 -11.04 -24.47
C PRO A 557 22.06 -11.99 -24.96
N PHE A 558 22.55 -12.85 -24.07
CA PHE A 558 23.54 -13.86 -24.53
C PHE A 558 22.89 -14.77 -25.56
N LEU A 559 21.67 -15.26 -25.28
CA LEU A 559 21.03 -16.20 -26.19
C LEU A 559 20.98 -15.63 -27.60
N VAL A 560 20.54 -14.38 -27.72
CA VAL A 560 20.52 -13.71 -29.02
C VAL A 560 21.94 -13.60 -29.58
N ALA A 561 22.90 -13.24 -28.72
CA ALA A 561 24.28 -13.11 -29.18
C ALA A 561 24.82 -14.42 -29.71
N LEU A 562 24.58 -15.52 -28.99
CA LEU A 562 25.08 -16.82 -29.40
C LEU A 562 24.46 -17.25 -30.72
N SER A 563 23.13 -17.11 -30.84
CA SER A 563 22.49 -17.47 -32.09
C SER A 563 23.03 -16.66 -33.25
N THR A 564 23.13 -15.34 -33.07
CA THR A 564 23.57 -14.46 -34.15
C THR A 564 25.01 -14.77 -34.55
N PHE A 565 25.91 -14.87 -33.56
CA PHE A 565 27.31 -15.11 -33.86
C PHE A 565 27.51 -16.47 -34.51
N ALA A 566 26.81 -17.50 -34.02
CA ALA A 566 26.94 -18.82 -34.61
C ALA A 566 26.47 -18.83 -36.07
N VAL A 567 25.25 -18.33 -36.33
CA VAL A 567 24.76 -18.32 -37.70
C VAL A 567 25.53 -17.36 -38.60
N TYR A 568 26.22 -16.39 -38.03
CA TYR A 568 27.02 -15.46 -38.83
C TYR A 568 28.37 -16.04 -39.21
N VAL A 569 29.05 -16.71 -38.26
CA VAL A 569 30.42 -17.13 -38.52
C VAL A 569 30.46 -18.43 -39.30
N THR A 570 29.38 -19.21 -39.28
CA THR A 570 29.36 -20.50 -39.96
C THR A 570 28.55 -20.48 -41.25
N VAL A 571 27.86 -19.39 -41.56
CA VAL A 571 27.07 -19.34 -42.79
C VAL A 571 27.96 -19.41 -44.02
N ASP A 572 29.19 -18.89 -43.91
CA ASP A 572 30.14 -18.94 -45.01
C ASP A 572 31.55 -18.84 -44.42
N GLU A 573 32.54 -18.68 -45.28
CA GLU A 573 33.93 -18.56 -44.84
C GLU A 573 34.47 -17.15 -44.92
N ASN A 574 33.84 -16.27 -45.71
CA ASN A 574 34.29 -14.89 -45.84
C ASN A 574 33.75 -13.98 -44.74
N ASN A 575 32.90 -14.50 -43.86
CA ASN A 575 32.39 -13.75 -42.72
C ASN A 575 33.26 -14.02 -41.51
N ILE A 576 33.82 -12.96 -40.92
CA ILE A 576 34.71 -13.12 -39.73
C ILE A 576 34.12 -12.29 -38.58
N LEU A 577 34.57 -12.55 -37.35
CA LEU A 577 34.06 -11.81 -36.17
C LEU A 577 35.21 -11.00 -35.55
N ASP A 578 35.26 -9.70 -35.84
CA ASP A 578 36.20 -8.78 -35.16
C ASP A 578 35.44 -8.01 -34.08
N ALA A 579 36.14 -7.19 -33.28
CA ALA A 579 35.49 -6.46 -32.16
C ALA A 579 34.37 -5.54 -32.69
N GLN A 580 34.65 -4.75 -33.72
CA GLN A 580 33.65 -3.79 -34.25
C GLN A 580 32.39 -4.57 -34.65
N LYS A 581 32.52 -5.87 -34.93
CA LYS A 581 31.37 -6.68 -35.29
C LYS A 581 30.87 -7.53 -34.15
N ALA A 582 31.58 -7.57 -33.01
CA ALA A 582 31.21 -8.42 -31.89
C ALA A 582 30.83 -7.62 -30.65
N PHE A 583 31.69 -6.71 -30.20
CA PHE A 583 31.42 -6.00 -28.95
C PHE A 583 30.37 -4.92 -29.14
N VAL A 584 30.29 -4.31 -30.33
CA VAL A 584 29.20 -3.39 -30.61
C VAL A 584 27.87 -4.13 -30.60
N SER A 585 27.83 -5.30 -31.22
CA SER A 585 26.62 -6.11 -31.19
C SER A 585 26.31 -6.57 -29.77
N LEU A 586 27.34 -6.89 -28.99
CA LEU A 586 27.11 -7.26 -27.58
C LEU A 586 26.50 -6.10 -26.80
N ALA A 587 27.00 -4.89 -27.01
CA ALA A 587 26.43 -3.72 -26.36
C ALA A 587 24.99 -3.48 -26.79
N LEU A 588 24.69 -3.69 -28.07
CA LEU A 588 23.32 -3.58 -28.54
C LEU A 588 22.42 -4.65 -27.91
N PHE A 589 22.91 -5.88 -27.73
CA PHE A 589 22.12 -6.92 -27.10
C PHE A 589 21.86 -6.60 -25.63
N ASN A 590 22.86 -6.05 -24.95
CA ASN A 590 22.68 -5.65 -23.56
C ASN A 590 21.59 -4.57 -23.45
N ILE A 591 21.59 -3.62 -24.38
CA ILE A 591 20.52 -2.63 -24.47
C ILE A 591 19.17 -3.27 -24.76
N LEU A 592 19.13 -4.23 -25.69
CA LEU A 592 17.91 -4.88 -26.14
C LEU A 592 17.29 -5.77 -25.07
N ARG A 593 18.08 -6.18 -24.07
CA ARG A 593 17.56 -7.05 -23.02
C ARG A 593 16.34 -6.46 -22.31
N PHE A 594 16.40 -5.19 -21.91
CA PHE A 594 15.31 -4.58 -21.16
C PHE A 594 14.01 -4.46 -21.94
N PRO A 595 13.97 -3.90 -23.17
CA PRO A 595 12.68 -3.76 -23.85
C PRO A 595 11.98 -5.08 -24.11
N LEU A 596 12.71 -6.14 -24.43
CA LEU A 596 12.11 -7.44 -24.67
C LEU A 596 11.54 -8.06 -23.40
N ASN A 597 12.21 -7.89 -22.28
CA ASN A 597 11.81 -8.53 -21.03
C ASN A 597 10.86 -7.67 -20.20
N ILE A 598 10.63 -6.42 -20.59
CA ILE A 598 9.67 -5.58 -19.88
C ILE A 598 8.40 -5.34 -20.68
N LEU A 599 8.39 -5.56 -21.99
CA LEU A 599 7.16 -5.42 -22.76
C LEU A 599 6.07 -6.39 -22.33
N PRO A 600 6.32 -7.68 -22.09
CA PRO A 600 5.23 -8.54 -21.60
C PRO A 600 4.66 -8.09 -20.27
N MET A 601 5.50 -7.58 -19.36
CA MET A 601 4.99 -7.05 -18.11
C MET A 601 4.10 -5.83 -18.33
N VAL A 602 4.49 -4.97 -19.28
CA VAL A 602 3.67 -3.79 -19.58
C VAL A 602 2.34 -4.21 -20.17
N ILE A 603 2.36 -5.21 -21.05
CA ILE A 603 1.12 -5.70 -21.66
C ILE A 603 0.21 -6.30 -20.59
N SER A 604 0.79 -7.08 -19.67
CA SER A 604 0.01 -7.63 -18.56
C SER A 604 -0.58 -6.53 -17.70
N SER A 605 0.20 -5.48 -17.42
CA SER A 605 -0.30 -4.37 -16.61
C SER A 605 -1.43 -3.64 -17.31
N ILE A 606 -1.32 -3.44 -18.63
CA ILE A 606 -2.38 -2.77 -19.37
C ILE A 606 -3.64 -3.62 -19.37
N VAL A 607 -3.51 -4.92 -19.59
CA VAL A 607 -4.68 -5.81 -19.53
C VAL A 607 -5.31 -5.81 -18.16
N GLN A 608 -4.50 -5.79 -17.09
CA GLN A 608 -5.03 -5.75 -15.74
C GLN A 608 -5.72 -4.43 -15.43
N ALA A 609 -5.19 -3.32 -15.95
CA ALA A 609 -5.83 -2.03 -15.80
C ALA A 609 -7.07 -1.87 -16.67
N SER A 610 -7.22 -2.70 -17.70
CA SER A 610 -8.43 -2.68 -18.51
C SER A 610 -9.68 -3.04 -17.71
N VAL A 611 -9.56 -3.88 -16.69
CA VAL A 611 -10.72 -4.18 -15.85
C VAL A 611 -10.86 -3.18 -14.71
N SER A 612 -9.75 -2.60 -14.24
CA SER A 612 -9.84 -1.53 -13.25
C SER A 612 -10.55 -0.32 -13.82
N LEU A 613 -10.26 0.02 -15.08
CA LEU A 613 -10.97 1.11 -15.74
C LEU A 613 -12.45 0.81 -15.87
N LYS A 614 -12.80 -0.43 -16.22
CA LYS A 614 -14.19 -0.81 -16.31
C LYS A 614 -14.91 -0.65 -14.97
N ARG A 615 -14.28 -1.12 -13.88
CA ARG A 615 -14.90 -0.98 -12.57
C ARG A 615 -15.03 0.48 -12.17
N LEU A 616 -14.01 1.29 -12.44
CA LEU A 616 -14.05 2.71 -12.12
C LEU A 616 -15.18 3.40 -12.87
N ARG A 617 -15.31 3.12 -14.17
CA ARG A 617 -16.37 3.73 -14.97
C ARG A 617 -17.75 3.28 -14.48
N VAL A 618 -17.88 2.00 -14.14
CA VAL A 618 -19.15 1.48 -13.65
C VAL A 618 -19.55 2.20 -12.37
N PHE A 619 -18.60 2.37 -11.45
CA PHE A 619 -18.92 3.06 -10.20
C PHE A 619 -19.25 4.53 -10.44
N LEU A 620 -18.45 5.21 -11.28
CA LEU A 620 -18.66 6.63 -11.51
C LEU A 620 -19.89 6.93 -12.36
N SER A 621 -20.46 5.92 -13.02
CA SER A 621 -21.63 6.12 -13.86
C SER A 621 -22.93 5.73 -13.19
N HIS A 622 -22.92 5.51 -11.88
CA HIS A 622 -24.15 5.16 -11.17
C HIS A 622 -25.09 6.35 -11.11
N GLU A 623 -26.35 6.07 -10.82
CA GLU A 623 -27.35 7.12 -10.69
C GLU A 623 -27.10 7.96 -9.45
N ASP A 624 -27.33 9.26 -9.57
CA ASP A 624 -27.09 10.19 -8.48
C ASP A 624 -28.35 10.42 -7.65
N LEU A 625 -28.16 10.88 -6.41
CA LEU A 625 -29.31 11.12 -5.51
C LEU A 625 -30.03 12.39 -5.95
N ASP A 626 -31.37 12.35 -6.03
CA ASP A 626 -32.14 13.57 -6.38
C ASP A 626 -31.96 14.59 -5.25
N PRO A 627 -31.31 15.75 -5.51
CA PRO A 627 -31.03 16.73 -4.45
C PRO A 627 -32.24 17.64 -4.20
N ASP A 628 -33.29 17.51 -4.99
CA ASP A 628 -34.48 18.40 -4.85
C ASP A 628 -35.71 17.57 -4.48
N SER A 629 -35.56 16.25 -4.38
CA SER A 629 -36.72 15.39 -4.12
C SER A 629 -37.42 15.81 -2.84
N ILE A 630 -36.66 16.11 -1.79
CA ILE A 630 -37.20 16.63 -0.54
C ILE A 630 -36.95 18.13 -0.50
N GLN A 631 -38.00 18.90 -0.22
CA GLN A 631 -37.87 20.35 -0.15
C GLN A 631 -37.36 20.73 1.22
N ARG A 632 -36.11 21.19 1.30
CA ARG A 632 -35.46 21.55 2.55
C ARG A 632 -35.53 23.06 2.70
N ARG A 633 -36.67 23.53 3.20
CA ARG A 633 -36.85 24.99 3.32
C ARG A 633 -36.29 25.44 4.66
N PRO A 634 -35.50 26.52 4.70
CA PRO A 634 -34.96 27.09 5.94
C PRO A 634 -36.04 27.79 6.75
N ILE A 635 -35.82 27.87 8.06
CA ILE A 635 -36.76 28.51 8.96
C ILE A 635 -36.88 29.99 8.64
N ASN A 642 -46.64 22.00 10.14
CA ASN A 642 -46.03 22.62 8.98
C ASN A 642 -44.51 22.47 8.99
N SER A 643 -43.98 21.92 10.08
CA SER A 643 -42.56 21.64 10.14
C SER A 643 -42.17 20.52 9.18
N ILE A 644 -42.96 19.45 9.15
CA ILE A 644 -42.79 18.37 8.20
C ILE A 644 -44.09 18.22 7.44
N THR A 645 -44.02 18.25 6.11
CA THR A 645 -45.20 18.19 5.27
C THR A 645 -45.03 17.08 4.26
N VAL A 646 -46.00 16.16 4.22
CA VAL A 646 -46.01 15.10 3.21
C VAL A 646 -47.43 15.00 2.67
N LYS A 647 -47.60 15.14 1.36
CA LYS A 647 -48.89 14.93 0.72
C LYS A 647 -48.75 13.96 -0.44
N ASN A 648 -49.54 12.89 -0.39
CA ASN A 648 -49.68 11.94 -1.49
C ASN A 648 -48.33 11.45 -2.00
N ALA A 649 -47.44 11.16 -1.07
CA ALA A 649 -46.07 10.77 -1.40
C ALA A 649 -45.91 9.27 -1.33
N THR A 650 -45.44 8.69 -2.43
CA THR A 650 -45.05 7.29 -2.48
C THR A 650 -43.56 7.21 -2.78
N PHE A 651 -42.85 6.38 -2.02
CA PHE A 651 -41.41 6.22 -2.08
C PHE A 651 -41.05 4.77 -2.36
N THR A 652 -39.87 4.58 -2.93
CA THR A 652 -39.36 3.26 -3.29
C THR A 652 -37.93 3.13 -2.78
N TRP A 653 -37.49 1.88 -2.58
CA TRP A 653 -36.08 1.63 -2.34
C TRP A 653 -35.31 1.37 -3.63
N ALA A 654 -35.98 1.32 -4.78
CA ALA A 654 -35.34 1.13 -6.06
C ALA A 654 -36.29 1.58 -7.16
N ARG A 655 -35.71 1.83 -8.34
CA ARG A 655 -36.50 2.32 -9.47
C ARG A 655 -37.57 1.31 -9.89
N ASN A 656 -37.23 0.03 -9.95
CA ASN A 656 -38.14 -0.99 -10.44
C ASN A 656 -38.89 -1.72 -9.34
N ASP A 657 -38.40 -1.68 -8.10
CA ASP A 657 -39.08 -2.34 -7.00
C ASP A 657 -40.38 -1.61 -6.65
N PRO A 658 -41.34 -2.32 -6.07
CA PRO A 658 -42.61 -1.70 -5.72
C PRO A 658 -42.45 -0.68 -4.62
N PRO A 659 -43.39 0.26 -4.48
CA PRO A 659 -43.31 1.23 -3.38
C PRO A 659 -43.35 0.56 -2.03
N THR A 660 -42.57 1.11 -1.10
CA THR A 660 -42.60 0.69 0.30
C THR A 660 -43.54 1.53 1.15
N LEU A 661 -43.71 2.80 0.80
CA LEU A 661 -44.65 3.70 1.47
C LEU A 661 -45.63 4.21 0.43
N HIS A 662 -46.87 3.72 0.50
CA HIS A 662 -47.88 4.02 -0.52
C HIS A 662 -48.79 5.15 -0.02
N GLY A 663 -48.81 6.26 -0.76
CA GLY A 663 -49.76 7.32 -0.52
C GLY A 663 -49.75 7.91 0.87
N ILE A 664 -48.58 8.21 1.39
CA ILE A 664 -48.45 8.74 2.75
C ILE A 664 -48.75 10.23 2.74
N THR A 665 -49.55 10.68 3.71
CA THR A 665 -49.76 12.10 3.92
C THR A 665 -49.81 12.37 5.43
N PHE A 666 -49.10 13.41 5.87
CA PHE A 666 -49.16 13.85 7.25
C PHE A 666 -48.45 15.19 7.37
N SER A 667 -48.93 16.00 8.32
CA SER A 667 -48.35 17.29 8.63
C SER A 667 -47.96 17.31 10.10
N VAL A 668 -46.66 17.42 10.37
CA VAL A 668 -46.12 17.50 11.72
C VAL A 668 -45.82 18.96 12.02
N PRO A 669 -46.51 19.59 12.97
CA PRO A 669 -46.24 21.00 13.28
C PRO A 669 -44.94 21.15 14.05
N GLU A 670 -44.49 22.40 14.13
CA GLU A 670 -43.23 22.71 14.78
C GLU A 670 -43.29 22.37 16.26
N GLY A 671 -42.21 21.80 16.78
CA GLY A 671 -42.12 21.47 18.19
C GLY A 671 -43.12 20.47 18.68
N SER A 672 -43.40 19.44 17.90
CA SER A 672 -44.37 18.41 18.25
C SER A 672 -43.71 17.04 18.26
N LEU A 673 -44.18 16.18 19.15
CA LEU A 673 -43.64 14.84 19.30
C LEU A 673 -44.56 13.86 18.56
N VAL A 674 -44.03 13.22 17.54
CA VAL A 674 -44.79 12.30 16.69
C VAL A 674 -44.13 10.93 16.76
N ALA A 675 -44.94 9.91 17.04
CA ALA A 675 -44.45 8.55 17.17
C ALA A 675 -44.97 7.72 16.01
N VAL A 676 -44.06 7.09 15.26
CA VAL A 676 -44.47 6.16 14.22
C VAL A 676 -44.73 4.80 14.85
N VAL A 677 -45.86 4.21 14.52
CA VAL A 677 -46.36 3.00 15.16
C VAL A 677 -46.69 1.98 14.09
N GLY A 678 -46.24 0.75 14.28
CA GLY A 678 -46.56 -0.32 13.36
C GLY A 678 -45.92 -1.61 13.80
N GLN A 679 -46.15 -2.65 13.01
CA GLN A 679 -45.54 -3.94 13.24
C GLN A 679 -44.20 -4.02 12.52
N VAL A 680 -43.57 -5.20 12.57
CA VAL A 680 -42.28 -5.37 11.93
C VAL A 680 -42.46 -5.39 10.42
N GLY A 681 -41.61 -4.65 9.70
CA GLY A 681 -41.74 -4.55 8.27
C GLY A 681 -42.90 -3.68 7.83
N CYS A 682 -43.40 -2.82 8.71
CA CYS A 682 -44.53 -1.98 8.37
C CYS A 682 -44.13 -0.82 7.44
N GLY A 683 -42.98 -0.21 7.69
CA GLY A 683 -42.58 0.96 6.95
C GLY A 683 -42.31 2.16 7.84
N LYS A 684 -41.94 1.90 9.09
CA LYS A 684 -41.63 2.98 10.02
C LYS A 684 -40.27 3.60 9.71
N SER A 685 -39.22 2.77 9.63
CA SER A 685 -37.90 3.28 9.32
C SER A 685 -37.84 3.85 7.91
N SER A 686 -38.66 3.32 7.00
CA SER A 686 -38.71 3.84 5.64
C SER A 686 -39.21 5.28 5.62
N LEU A 687 -40.11 5.64 6.54
CA LEU A 687 -40.58 7.02 6.60
C LEU A 687 -39.44 7.97 6.95
N LEU A 688 -38.65 7.63 7.97
CA LEU A 688 -37.54 8.48 8.34
C LEU A 688 -36.47 8.51 7.25
N SER A 689 -36.26 7.39 6.57
CA SER A 689 -35.34 7.39 5.43
C SER A 689 -35.86 8.29 4.30
N ALA A 690 -37.18 8.30 4.08
CA ALA A 690 -37.77 9.13 3.04
C ALA A 690 -37.67 10.61 3.37
N LEU A 691 -37.80 10.97 4.65
CA LEU A 691 -37.66 12.36 5.03
C LEU A 691 -36.22 12.86 4.87
N LEU A 692 -35.26 11.96 4.76
CA LEU A 692 -33.86 12.31 4.57
C LEU A 692 -33.40 12.21 3.12
N ALA A 693 -34.33 12.01 2.19
CA ALA A 693 -34.02 11.78 0.78
C ALA A 693 -33.11 10.56 0.60
N GLU A 694 -33.39 9.50 1.35
CA GLU A 694 -32.74 8.21 1.15
C GLU A 694 -33.57 7.26 0.31
N MET A 695 -34.88 7.27 0.50
CA MET A 695 -35.80 6.54 -0.36
C MET A 695 -35.88 7.21 -1.73
N ASP A 696 -36.30 6.42 -2.72
CA ASP A 696 -36.46 6.90 -4.08
C ASP A 696 -37.92 7.33 -4.21
N LYS A 697 -38.15 8.62 -4.36
CA LYS A 697 -39.50 9.17 -4.37
C LYS A 697 -40.10 9.01 -5.76
N VAL A 698 -41.06 8.10 -5.88
CA VAL A 698 -41.74 7.95 -7.16
C VAL A 698 -42.83 9.02 -7.32
N GLU A 699 -43.44 9.46 -6.23
CA GLU A 699 -44.40 10.55 -6.36
C GLU A 699 -44.54 11.27 -5.02
N GLY A 700 -45.10 12.48 -5.07
CA GLY A 700 -45.47 13.18 -3.86
C GLY A 700 -44.82 14.55 -3.66
N HIS A 701 -44.83 15.02 -2.41
CA HIS A 701 -44.28 16.32 -2.07
C HIS A 701 -43.90 16.32 -0.60
N VAL A 702 -42.61 16.49 -0.30
CA VAL A 702 -42.11 16.49 1.06
C VAL A 702 -41.39 17.82 1.31
N THR A 703 -41.69 18.44 2.44
CA THR A 703 -41.26 19.82 2.71
C THR A 703 -40.72 19.93 4.13
N VAL A 704 -39.75 19.07 4.47
CA VAL A 704 -39.11 19.15 5.78
C VAL A 704 -38.44 20.50 5.94
N LYS A 705 -38.74 21.18 7.05
CA LYS A 705 -38.32 22.55 7.28
C LYS A 705 -37.24 22.61 8.35
N GLY A 706 -36.05 23.05 7.98
CA GLY A 706 -34.96 23.25 8.92
C GLY A 706 -34.03 22.04 8.99
N SER A 707 -32.98 22.21 9.80
CA SER A 707 -31.95 21.20 9.93
C SER A 707 -32.51 19.91 10.53
N VAL A 708 -31.97 18.79 10.10
CA VAL A 708 -32.45 17.47 10.50
C VAL A 708 -31.32 16.73 11.20
N ALA A 709 -31.62 16.20 12.38
CA ALA A 709 -30.71 15.35 13.13
C ALA A 709 -31.27 13.93 13.13
N TYR A 710 -30.49 12.99 12.59
CA TYR A 710 -30.92 11.63 12.39
C TYR A 710 -30.27 10.72 13.43
N VAL A 711 -31.09 9.98 14.16
CA VAL A 711 -30.58 8.90 15.00
C VAL A 711 -30.94 7.60 14.32
N PRO A 712 -30.00 6.96 13.62
CA PRO A 712 -30.31 5.75 12.88
C PRO A 712 -30.54 4.57 13.81
N GLN A 713 -31.22 3.55 13.27
CA GLN A 713 -31.40 2.32 14.03
C GLN A 713 -30.06 1.64 14.29
N GLN A 714 -29.26 1.45 13.24
CA GLN A 714 -27.92 0.89 13.38
C GLN A 714 -26.96 2.03 13.66
N ALA A 715 -26.46 2.09 14.89
CA ALA A 715 -25.67 3.24 15.32
C ALA A 715 -24.34 3.29 14.58
N TRP A 716 -24.03 4.45 14.02
CA TRP A 716 -22.76 4.68 13.34
C TRP A 716 -21.83 5.43 14.29
N ILE A 717 -20.71 4.80 14.61
CA ILE A 717 -19.74 5.35 15.56
C ILE A 717 -18.43 5.60 14.81
N GLN A 718 -17.97 6.85 14.83
CA GLN A 718 -16.65 7.15 14.30
C GLN A 718 -15.57 6.63 15.23
N ASN A 719 -14.43 6.28 14.64
CA ASN A 719 -13.32 5.76 15.44
C ASN A 719 -12.62 6.85 16.25
N ILE A 720 -13.04 8.10 16.12
CA ILE A 720 -12.53 9.20 16.93
C ILE A 720 -13.05 9.04 18.36
N SER A 721 -12.52 9.85 19.27
CA SER A 721 -12.90 9.77 20.67
C SER A 721 -14.40 10.04 20.85
N LEU A 722 -14.93 9.59 22.00
CA LEU A 722 -16.35 9.73 22.28
C LEU A 722 -16.76 11.21 22.31
N ARG A 723 -15.87 12.07 22.81
CA ARG A 723 -16.15 13.49 22.82
C ARG A 723 -16.36 14.02 21.40
N GLU A 724 -15.49 13.63 20.47
CA GLU A 724 -15.65 14.07 19.10
C GLU A 724 -16.78 13.33 18.38
N ASN A 725 -17.17 12.15 18.87
CA ASN A 725 -18.37 11.50 18.36
C ASN A 725 -19.60 12.32 18.70
N ILE A 726 -19.70 12.78 19.95
CA ILE A 726 -20.85 13.60 20.36
C ILE A 726 -20.79 14.98 19.70
N LEU A 727 -19.60 15.57 19.66
CA LEU A 727 -19.44 16.89 19.07
C LEU A 727 -19.76 16.89 17.59
N PHE A 728 -19.24 15.89 16.87
CA PHE A 728 -19.45 15.75 15.42
C PHE A 728 -18.96 16.99 14.68
N GLY A 729 -17.69 17.33 14.90
CA GLY A 729 -17.09 18.46 14.21
C GLY A 729 -17.76 19.77 14.52
N ARG A 730 -18.09 20.01 15.78
CA ARG A 730 -18.79 21.21 16.21
C ARG A 730 -18.05 21.82 17.39
N GLN A 731 -18.19 23.13 17.55
CA GLN A 731 -17.54 23.83 18.65
C GLN A 731 -18.00 23.27 19.99
N LEU A 732 -17.03 22.97 20.86
CA LEU A 732 -17.36 22.40 22.15
C LEU A 732 -17.92 23.48 23.09
N GLN A 733 -19.09 23.20 23.66
CA GLN A 733 -19.72 24.06 24.67
C GLN A 733 -19.82 23.20 25.91
N GLU A 734 -19.05 23.55 26.94
CA GLU A 734 -18.90 22.72 28.11
C GLU A 734 -20.25 22.54 28.80
N ARG A 735 -21.00 23.63 28.95
CA ARG A 735 -22.31 23.53 29.60
C ARG A 735 -23.28 22.69 28.78
N TYR A 736 -23.31 22.89 27.46
CA TYR A 736 -24.26 22.14 26.63
C TYR A 736 -23.84 20.67 26.52
N TYR A 737 -22.54 20.42 26.36
CA TYR A 737 -22.05 19.05 26.33
C TYR A 737 -22.35 18.34 27.64
N LYS A 738 -22.13 19.01 28.77
CA LYS A 738 -22.33 18.39 30.06
C LYS A 738 -23.81 18.31 30.41
N ALA A 739 -24.65 19.04 29.68
CA ALA A 739 -26.09 18.84 29.81
C ALA A 739 -26.57 17.69 28.93
N VAL A 740 -25.87 17.43 27.83
CA VAL A 740 -26.28 16.37 26.92
C VAL A 740 -25.85 15.00 27.43
N VAL A 741 -24.64 14.91 28.00
CA VAL A 741 -24.07 13.60 28.31
C VAL A 741 -24.91 12.84 29.34
N GLU A 742 -25.30 13.51 30.42
CA GLU A 742 -26.03 12.79 31.46
C GLU A 742 -27.51 12.65 31.11
N ALA A 743 -28.05 13.58 30.30
CA ALA A 743 -29.44 13.45 29.86
C ALA A 743 -29.65 12.19 29.04
N CYS A 744 -28.60 11.73 28.37
CA CYS A 744 -28.61 10.44 27.71
C CYS A 744 -28.21 9.31 28.64
N ALA A 745 -27.96 9.62 29.92
CA ALA A 745 -27.49 8.64 30.89
C ALA A 745 -26.16 8.02 30.47
N LEU A 746 -25.31 8.84 29.84
CA LEU A 746 -23.99 8.39 29.41
C LEU A 746 -22.95 8.50 30.50
N LEU A 747 -23.31 8.99 31.69
CA LEU A 747 -22.33 9.12 32.77
C LEU A 747 -21.79 7.77 33.25
N PRO A 748 -22.62 6.74 33.51
CA PRO A 748 -22.03 5.44 33.85
C PRO A 748 -21.14 4.88 32.77
N ASP A 749 -21.52 5.06 31.50
CA ASP A 749 -20.70 4.59 30.39
C ASP A 749 -19.37 5.33 30.35
N LEU A 750 -19.39 6.63 30.61
CA LEU A 750 -18.14 7.38 30.71
C LEU A 750 -17.28 6.88 31.85
N GLU A 751 -17.91 6.52 32.97
CA GLU A 751 -17.16 6.05 34.13
C GLU A 751 -16.48 4.71 33.86
N ILE A 752 -17.21 3.76 33.26
CA ILE A 752 -16.61 2.45 33.04
C ILE A 752 -15.49 2.53 32.01
N LEU A 753 -15.66 3.35 30.98
CA LEU A 753 -14.66 3.47 29.94
C LEU A 753 -13.36 4.02 30.52
N PRO A 754 -12.20 3.56 30.05
CA PRO A 754 -10.92 3.92 30.69
C PRO A 754 -10.65 5.41 30.74
N SER A 755 -10.62 6.08 29.58
CA SER A 755 -10.23 7.48 29.52
C SER A 755 -11.42 8.42 29.67
N GLY A 756 -12.61 7.91 29.92
CA GLY A 756 -13.78 8.75 30.05
C GLY A 756 -14.41 9.00 28.69
N ASP A 757 -14.63 10.27 28.38
CA ASP A 757 -15.14 10.63 27.06
C ASP A 757 -14.03 10.77 26.02
N ARG A 758 -12.78 10.73 26.44
CA ARG A 758 -11.65 10.76 25.51
C ARG A 758 -11.29 9.38 25.00
N THR A 759 -11.98 8.34 25.43
CA THR A 759 -11.67 6.99 24.99
C THR A 759 -11.95 6.84 23.50
N GLU A 760 -11.18 5.98 22.85
CA GLU A 760 -11.29 5.75 21.42
C GLU A 760 -12.36 4.68 21.19
N ILE A 761 -13.60 5.12 20.99
CA ILE A 761 -14.68 4.20 20.71
C ILE A 761 -14.68 3.86 19.23
N GLY A 762 -15.43 2.83 18.85
CA GLY A 762 -15.48 2.36 17.49
C GLY A 762 -14.98 0.94 17.38
N GLU A 763 -14.96 0.45 16.14
CA GLU A 763 -14.51 -0.91 15.90
C GLU A 763 -13.05 -1.10 16.24
N LYS A 764 -12.20 -0.13 15.87
CA LYS A 764 -10.77 -0.28 16.11
C LYS A 764 -10.41 -0.10 17.57
N GLY A 765 -11.01 0.89 18.23
CA GLY A 765 -10.71 1.13 19.63
C GLY A 765 -11.47 0.22 20.57
N VAL A 766 -11.96 0.76 21.68
CA VAL A 766 -12.73 -0.04 22.62
C VAL A 766 -14.11 -0.30 22.05
N ASN A 767 -14.56 -1.56 22.13
CA ASN A 767 -15.88 -1.91 21.66
C ASN A 767 -16.93 -1.48 22.67
N LEU A 768 -18.09 -1.08 22.16
CA LEU A 768 -19.17 -0.61 22.99
C LEU A 768 -20.41 -1.46 22.77
N SER A 769 -21.21 -1.62 23.82
CA SER A 769 -22.45 -2.35 23.71
C SER A 769 -23.43 -1.55 22.85
N GLY A 770 -24.44 -2.26 22.33
CA GLY A 770 -25.40 -1.62 21.44
C GLY A 770 -26.10 -0.45 22.08
N GLY A 771 -26.51 -0.60 23.34
CA GLY A 771 -27.17 0.50 24.03
C GLY A 771 -26.28 1.72 24.17
N GLN A 772 -25.01 1.48 24.52
CA GLN A 772 -24.06 2.61 24.68
C GLN A 772 -24.01 3.40 23.37
N LYS A 773 -23.86 2.71 22.24
CA LYS A 773 -23.79 3.38 20.92
C LYS A 773 -25.11 4.11 20.65
N GLN A 774 -26.23 3.52 21.04
CA GLN A 774 -27.55 4.18 20.87
C GLN A 774 -27.54 5.52 21.59
N ARG A 775 -27.05 5.54 22.84
CA ARG A 775 -26.97 6.81 23.61
C ARG A 775 -26.01 7.77 22.91
N VAL A 776 -24.85 7.28 22.47
CA VAL A 776 -23.84 8.15 21.81
C VAL A 776 -24.48 8.78 20.55
N SER A 777 -25.07 7.95 19.68
CA SER A 777 -25.74 8.51 18.50
C SER A 777 -26.76 9.56 18.89
N LEU A 778 -27.58 9.26 19.91
CA LEU A 778 -28.58 10.22 20.36
C LEU A 778 -27.92 11.46 20.95
N ALA A 779 -26.83 11.29 21.69
CA ALA A 779 -26.13 12.44 22.24
C ALA A 779 -25.55 13.32 21.13
N ARG A 780 -25.01 12.71 20.09
CA ARG A 780 -24.51 13.47 18.96
C ARG A 780 -25.63 14.27 18.29
N ALA A 781 -26.77 13.61 18.07
CA ALA A 781 -27.91 14.31 17.47
C ALA A 781 -28.38 15.45 18.35
N VAL A 782 -28.45 15.24 19.65
CA VAL A 782 -28.94 16.28 20.56
C VAL A 782 -27.99 17.46 20.60
N TYR A 783 -26.68 17.17 20.62
CA TYR A 783 -25.68 18.26 20.62
C TYR A 783 -25.79 19.04 19.31
N CYS A 784 -26.01 18.34 18.19
CA CYS A 784 -26.08 19.01 16.90
C CYS A 784 -27.14 20.10 16.89
N ASP A 785 -28.16 20.00 17.75
CA ASP A 785 -29.10 21.08 18.00
C ASP A 785 -29.84 21.46 16.71
N SER A 786 -30.45 20.45 16.10
CA SER A 786 -31.28 20.67 14.93
C SER A 786 -32.69 21.04 15.38
N ASP A 787 -33.51 21.46 14.43
CA ASP A 787 -34.91 21.75 14.74
C ASP A 787 -35.81 20.55 14.50
N VAL A 788 -35.48 19.71 13.53
CA VAL A 788 -36.22 18.49 13.24
C VAL A 788 -35.33 17.31 13.60
N TYR A 789 -35.87 16.38 14.39
CA TYR A 789 -35.18 15.16 14.77
C TYR A 789 -35.93 13.96 14.24
N LEU A 790 -35.21 13.04 13.62
CA LEU A 790 -35.75 11.79 13.12
C LEU A 790 -35.08 10.68 13.91
N LEU A 791 -35.79 10.12 14.88
CA LEU A 791 -35.22 9.17 15.83
C LEU A 791 -35.72 7.77 15.46
N ASP A 792 -34.99 7.08 14.60
CA ASP A 792 -35.40 5.76 14.12
C ASP A 792 -35.03 4.78 15.23
N ASP A 793 -35.95 4.61 16.18
CA ASP A 793 -35.83 3.65 17.28
C ASP A 793 -34.55 3.89 18.08
N PRO A 794 -34.43 5.04 18.75
CA PRO A 794 -33.20 5.33 19.50
C PRO A 794 -33.10 4.50 20.78
N LEU A 795 -34.23 3.97 21.23
CA LEU A 795 -34.31 3.28 22.52
C LEU A 795 -34.53 1.78 22.36
N SER A 796 -34.01 1.20 21.27
CA SER A 796 -34.16 -0.23 21.07
C SER A 796 -33.27 -1.03 22.01
N ALA A 797 -32.01 -0.63 22.16
CA ALA A 797 -31.05 -1.42 22.91
C ALA A 797 -30.82 -0.92 24.34
N VAL A 798 -31.41 0.21 24.71
CA VAL A 798 -31.30 0.69 26.08
C VAL A 798 -32.37 0.02 26.94
N ASP A 799 -32.04 -0.21 28.21
CA ASP A 799 -32.96 -0.89 29.11
C ASP A 799 -34.14 0.01 29.46
N ALA A 800 -35.15 -0.60 30.08
CA ALA A 800 -36.41 0.10 30.32
C ALA A 800 -36.21 1.32 31.20
N HIS A 801 -35.44 1.17 32.29
CA HIS A 801 -35.18 2.32 33.16
C HIS A 801 -34.35 3.37 32.46
N VAL A 802 -33.29 2.94 31.75
CA VAL A 802 -32.47 3.88 31.00
C VAL A 802 -33.28 4.53 29.88
N GLY A 803 -34.13 3.74 29.22
CA GLY A 803 -34.97 4.30 28.18
C GLY A 803 -35.94 5.35 28.70
N LYS A 804 -36.58 5.06 29.84
CA LYS A 804 -37.50 6.03 30.42
C LYS A 804 -36.77 7.29 30.87
N HIS A 805 -35.59 7.13 31.46
CA HIS A 805 -34.79 8.30 31.85
C HIS A 805 -34.42 9.13 30.63
N ILE A 806 -34.01 8.48 29.54
CA ILE A 806 -33.63 9.17 28.32
C ILE A 806 -34.83 9.94 27.77
N PHE A 807 -35.98 9.28 27.68
CA PHE A 807 -37.17 9.95 27.17
C PHE A 807 -37.56 11.12 28.05
N GLU A 808 -37.38 10.99 29.36
CA GLU A 808 -37.71 12.08 30.27
C GLU A 808 -36.80 13.29 30.04
N ASN A 809 -35.50 13.07 29.88
CA ASN A 809 -34.58 14.21 29.82
C ASN A 809 -34.21 14.63 28.40
N VAL A 810 -34.60 13.88 27.37
CA VAL A 810 -34.17 14.22 26.01
C VAL A 810 -35.36 14.43 25.10
N ILE A 811 -36.17 13.38 24.91
CA ILE A 811 -37.29 13.46 23.92
C ILE A 811 -38.59 13.91 24.59
N GLY A 812 -38.66 13.88 25.92
CA GLY A 812 -39.92 14.24 26.62
C GLY A 812 -40.31 15.68 26.40
N PRO A 813 -41.60 16.06 26.52
CA PRO A 813 -42.02 17.45 26.42
C PRO A 813 -41.34 18.27 27.52
N LYS A 814 -40.89 17.61 28.59
CA LYS A 814 -40.20 18.30 29.71
C LYS A 814 -38.74 17.83 29.76
N GLY A 815 -38.13 17.60 28.60
CA GLY A 815 -36.73 17.16 28.57
C GLY A 815 -35.79 18.29 28.17
N LEU A 816 -34.76 17.99 27.37
CA LEU A 816 -33.86 19.07 26.89
C LEU A 816 -34.45 19.68 25.61
N LEU A 817 -35.17 18.88 24.81
CA LEU A 817 -35.70 19.37 23.52
C LEU A 817 -37.20 19.65 23.60
N LYS A 818 -37.59 20.62 24.43
CA LYS A 818 -39.02 20.99 24.58
C LYS A 818 -39.50 21.72 23.32
N ASN A 819 -38.64 22.53 22.70
CA ASN A 819 -39.05 23.34 21.51
C ASN A 819 -38.43 22.78 20.23
N LYS A 820 -38.35 21.44 20.12
CA LYS A 820 -37.77 20.82 18.91
C LYS A 820 -38.78 19.86 18.28
N THR A 821 -38.92 19.87 16.95
CA THR A 821 -39.82 18.91 16.27
C THR A 821 -39.22 17.51 16.37
N ARG A 822 -39.91 16.56 16.98
CA ARG A 822 -39.29 15.23 17.16
C ARG A 822 -40.21 14.20 16.51
N LEU A 823 -39.67 13.34 15.67
CA LEU A 823 -40.43 12.32 14.97
C LEU A 823 -39.74 11.00 15.26
N LEU A 824 -40.37 10.17 16.09
CA LEU A 824 -39.73 8.99 16.65
C LEU A 824 -40.41 7.73 16.13
N VAL A 825 -39.60 6.72 15.82
CA VAL A 825 -40.09 5.41 15.44
C VAL A 825 -39.97 4.51 16.65
N THR A 826 -41.09 3.96 17.11
CA THR A 826 -41.11 3.18 18.33
C THR A 826 -42.04 1.99 18.19
N HIS A 827 -41.76 0.94 18.96
CA HIS A 827 -42.67 -0.18 19.13
C HIS A 827 -42.96 -0.43 20.61
N ALA A 828 -42.78 0.58 21.45
CA ALA A 828 -43.00 0.48 22.88
C ALA A 828 -44.11 1.43 23.29
N ILE A 829 -45.10 0.91 24.02
CA ILE A 829 -46.28 1.70 24.36
C ILE A 829 -46.04 2.62 25.55
N SER A 830 -44.97 2.38 26.32
CA SER A 830 -44.80 3.03 27.61
C SER A 830 -44.83 4.56 27.49
N TYR A 831 -44.26 5.09 26.41
CA TYR A 831 -44.18 6.57 26.27
C TYR A 831 -45.24 7.08 25.29
N LEU A 832 -46.08 6.19 24.74
CA LEU A 832 -47.05 6.61 23.73
C LEU A 832 -48.04 7.67 24.23
N PRO A 833 -48.61 7.58 25.44
CA PRO A 833 -49.56 8.62 25.86
C PRO A 833 -48.97 10.02 25.94
N GLN A 834 -47.65 10.14 26.12
CA GLN A 834 -47.03 11.45 26.17
C GLN A 834 -46.80 12.05 24.80
N MET A 835 -46.95 11.24 23.75
CA MET A 835 -46.71 11.71 22.36
C MET A 835 -47.85 12.64 21.93
N ASP A 836 -47.52 13.77 21.29
CA ASP A 836 -48.53 14.68 20.79
C ASP A 836 -49.33 14.06 19.65
N VAL A 837 -48.64 13.48 18.66
CA VAL A 837 -49.29 12.88 17.50
C VAL A 837 -48.73 11.48 17.32
N ILE A 838 -49.62 10.52 17.09
CA ILE A 838 -49.23 9.14 16.79
C ILE A 838 -49.60 8.85 15.35
N ILE A 839 -48.60 8.56 14.53
CA ILE A 839 -48.78 8.16 13.15
C ILE A 839 -48.68 6.64 13.14
N VAL A 840 -49.81 5.96 13.17
CA VAL A 840 -49.86 4.51 13.09
C VAL A 840 -50.13 4.11 11.64
N MET A 841 -49.34 3.17 11.14
CA MET A 841 -49.41 2.77 9.76
C MET A 841 -49.38 1.24 9.66
N SER A 842 -49.72 0.74 8.48
CA SER A 842 -49.79 -0.70 8.24
C SER A 842 -49.49 -0.97 6.79
N GLY A 843 -48.45 -1.75 6.52
CA GLY A 843 -48.07 -2.06 5.15
C GLY A 843 -47.66 -0.84 4.36
N GLY A 844 -46.91 0.06 4.97
CA GLY A 844 -46.47 1.26 4.28
C GLY A 844 -47.58 2.16 3.84
N LYS A 845 -48.64 2.29 4.63
CA LYS A 845 -49.77 3.14 4.30
C LYS A 845 -50.25 3.87 5.55
N ILE A 846 -50.56 5.16 5.42
CA ILE A 846 -51.06 5.92 6.54
C ILE A 846 -52.39 5.34 6.99
N SER A 847 -52.50 5.03 8.28
CA SER A 847 -53.68 4.37 8.83
C SER A 847 -54.13 5.12 10.08
N GLU A 848 -55.06 6.06 9.90
CA GLU A 848 -55.74 6.80 10.97
C GLU A 848 -54.75 7.32 12.02
N MET A 849 -53.92 8.26 11.58
CA MET A 849 -53.03 8.98 12.48
C MET A 849 -53.85 9.88 13.40
N GLY A 850 -53.27 10.21 14.55
CA GLY A 850 -53.92 11.08 15.49
C GLY A 850 -53.24 11.03 16.84
N SER A 851 -53.82 11.77 17.78
CA SER A 851 -53.30 11.80 19.14
C SER A 851 -53.73 10.56 19.92
N TYR A 852 -53.02 10.29 21.00
CA TYR A 852 -53.16 9.02 21.72
C TYR A 852 -54.58 8.83 22.24
N GLN A 853 -55.11 9.82 22.95
CA GLN A 853 -56.44 9.69 23.52
C GLN A 853 -57.51 9.60 22.44
N GLU A 854 -57.39 10.42 21.40
CA GLU A 854 -58.36 10.36 20.30
C GLU A 854 -58.28 9.02 19.57
N LEU A 855 -57.06 8.53 19.33
CA LEU A 855 -56.93 7.24 18.66
C LEU A 855 -57.50 6.11 19.50
N LEU A 856 -57.27 6.14 20.81
CA LEU A 856 -57.85 5.13 21.69
C LEU A 856 -59.37 5.21 21.70
N ALA A 857 -59.92 6.42 21.71
CA ALA A 857 -61.37 6.57 21.68
C ALA A 857 -61.95 6.05 20.37
N ARG A 858 -61.25 6.28 19.25
CA ARG A 858 -61.73 5.82 17.95
C ARG A 858 -61.83 4.30 17.91
N ASP A 859 -60.96 3.61 18.64
CA ASP A 859 -60.98 2.14 18.73
C ASP A 859 -60.86 1.49 17.36
N GLY A 860 -59.81 1.85 16.64
CA GLY A 860 -59.57 1.29 15.32
C GLY A 860 -58.22 0.61 15.19
N ALA A 861 -57.40 1.12 14.27
CA ALA A 861 -56.10 0.51 14.01
C ALA A 861 -55.19 0.65 15.22
N PHE A 862 -55.25 1.78 15.93
CA PHE A 862 -54.40 1.93 17.11
C PHE A 862 -54.83 1.01 18.24
N ALA A 863 -56.14 0.82 18.41
CA ALA A 863 -56.61 -0.15 19.40
C ALA A 863 -56.15 -1.56 19.02
N GLU A 864 -56.21 -1.89 17.74
CA GLU A 864 -55.75 -3.20 17.28
C GLU A 864 -54.26 -3.36 17.57
N PHE A 865 -53.48 -2.32 17.28
CA PHE A 865 -52.05 -2.33 17.57
C PHE A 865 -51.77 -2.54 19.05
N LEU A 866 -52.50 -1.82 19.91
CA LEU A 866 -52.31 -1.99 21.34
C LEU A 866 -52.68 -3.39 21.78
N ARG A 867 -53.73 -3.97 21.18
CA ARG A 867 -54.14 -5.32 21.52
C ARG A 867 -53.13 -6.36 21.03
N THR A 868 -52.31 -6.02 20.04
CA THR A 868 -51.35 -6.99 19.53
C THR A 868 -50.42 -7.51 20.62
N TYR A 869 -49.97 -6.64 21.51
CA TYR A 869 -49.17 -7.05 22.66
C TYR A 869 -49.33 -6.09 23.83
N THR A 954 14.52 2.51 12.83
CA THR A 954 14.99 3.31 13.95
C THR A 954 16.52 3.28 14.03
N GLY A 955 17.12 2.37 13.27
CA GLY A 955 18.56 2.25 13.26
C GLY A 955 19.00 1.26 12.21
N GLN A 956 20.32 1.15 12.05
CA GLN A 956 20.89 0.21 11.09
C GLN A 956 20.54 -1.22 11.49
N VAL A 957 19.95 -1.96 10.55
CA VAL A 957 19.55 -3.33 10.83
C VAL A 957 20.79 -4.18 11.05
N LYS A 958 20.71 -5.06 12.04
CA LYS A 958 21.87 -5.86 12.44
C LYS A 958 22.16 -6.94 11.40
N LEU A 959 23.44 -7.30 11.28
CA LEU A 959 23.81 -8.44 10.45
C LEU A 959 23.35 -9.75 11.07
N SER A 960 23.06 -9.74 12.38
CA SER A 960 22.53 -10.92 13.04
C SER A 960 21.17 -11.31 12.46
N VAL A 961 20.41 -10.33 11.98
CA VAL A 961 19.13 -10.63 11.34
C VAL A 961 19.36 -11.37 10.02
N TYR A 962 20.37 -10.94 9.26
CA TYR A 962 20.72 -11.62 8.02
C TYR A 962 21.18 -13.05 8.32
N TRP A 963 21.98 -13.21 9.38
CA TRP A 963 22.42 -14.55 9.75
C TRP A 963 21.24 -15.42 10.22
N ASP A 964 20.27 -14.80 10.89
CA ASP A 964 19.06 -15.53 11.28
C ASP A 964 18.30 -16.02 10.05
N TYR A 965 18.15 -15.15 9.05
CA TYR A 965 17.49 -15.56 7.82
C TYR A 965 18.28 -16.64 7.11
N MET A 966 19.61 -16.56 7.14
CA MET A 966 20.43 -17.60 6.53
C MET A 966 20.28 -18.93 7.25
N LYS A 967 20.19 -18.91 8.58
CA LYS A 967 19.95 -20.13 9.34
C LYS A 967 18.58 -20.70 9.02
N ALA A 968 17.56 -19.85 8.90
CA ALA A 968 16.22 -20.33 8.57
C ALA A 968 16.19 -20.93 7.17
N ILE A 969 16.88 -20.31 6.21
CA ILE A 969 16.85 -20.79 4.84
C ILE A 969 17.63 -22.09 4.70
N GLY A 970 18.55 -22.35 5.63
CA GLY A 970 19.39 -23.52 5.55
C GLY A 970 20.76 -23.21 5.00
N LEU A 971 21.81 -23.69 5.68
CA LEU A 971 23.18 -23.40 5.26
C LEU A 971 23.47 -24.02 3.90
N PHE A 972 22.98 -25.24 3.66
CA PHE A 972 23.22 -25.89 2.38
C PHE A 972 22.67 -25.05 1.23
N ILE A 973 21.41 -24.67 1.31
CA ILE A 973 20.81 -23.83 0.26
C ILE A 973 21.44 -22.45 0.19
N SER A 974 21.81 -21.87 1.33
CA SER A 974 22.44 -20.54 1.32
C SER A 974 23.78 -20.55 0.59
N PHE A 975 24.66 -21.51 0.90
CA PHE A 975 25.95 -21.58 0.26
C PHE A 975 25.93 -22.14 -1.15
N LEU A 976 25.02 -23.07 -1.45
CA LEU A 976 24.88 -23.56 -2.81
C LEU A 976 24.48 -22.45 -3.78
N SER A 977 23.55 -21.59 -3.39
CA SER A 977 23.15 -20.47 -4.24
C SER A 977 24.30 -19.52 -4.50
N ILE A 978 25.05 -19.16 -3.46
CA ILE A 978 26.16 -18.23 -3.63
C ILE A 978 27.22 -18.83 -4.54
N PHE A 979 27.57 -20.10 -4.31
CA PHE A 979 28.58 -20.74 -5.15
C PHE A 979 28.11 -20.87 -6.60
N LEU A 980 26.87 -21.31 -6.81
CA LEU A 980 26.35 -21.52 -8.15
C LEU A 980 26.13 -20.22 -8.92
N PHE A 981 25.92 -19.10 -8.23
CA PHE A 981 25.78 -17.82 -8.90
C PHE A 981 27.12 -17.14 -9.12
N LEU A 982 28.08 -17.35 -8.21
CA LEU A 982 29.47 -16.99 -8.52
C LEU A 982 29.96 -17.76 -9.73
N CYS A 983 29.51 -19.01 -9.88
CA CYS A 983 29.81 -19.77 -11.09
C CYS A 983 29.18 -19.11 -12.31
N ASN A 984 27.97 -18.57 -12.15
CA ASN A 984 27.31 -17.88 -13.27
C ASN A 984 28.11 -16.66 -13.71
N HIS A 985 28.59 -15.86 -12.76
CA HIS A 985 29.35 -14.66 -13.10
C HIS A 985 30.84 -14.88 -13.21
N VAL A 986 31.32 -16.12 -13.10
CA VAL A 986 32.66 -16.46 -13.54
C VAL A 986 32.66 -17.01 -14.97
N ALA A 987 31.69 -17.85 -15.32
CA ALA A 987 31.54 -18.32 -16.68
C ALA A 987 31.09 -17.23 -17.65
N SER A 988 30.60 -16.10 -17.14
CA SER A 988 30.21 -14.97 -17.96
C SER A 988 31.38 -14.09 -18.34
N LEU A 989 32.27 -13.79 -17.39
CA LEU A 989 33.46 -13.02 -17.70
C LEU A 989 34.42 -13.80 -18.61
N VAL A 990 34.56 -15.10 -18.38
CA VAL A 990 35.45 -15.92 -19.21
C VAL A 990 34.89 -16.08 -20.61
N SER A 991 33.57 -16.25 -20.74
CA SER A 991 32.95 -16.32 -22.07
C SER A 991 33.16 -15.02 -22.83
N ASN A 992 32.99 -13.88 -22.17
CA ASN A 992 33.28 -12.60 -22.81
C ASN A 992 34.77 -12.45 -23.06
N TYR A 993 35.61 -12.99 -22.19
CA TYR A 993 37.05 -13.02 -22.45
C TYR A 993 37.37 -13.99 -23.59
N TRP A 994 36.60 -15.06 -23.71
CA TRP A 994 36.74 -15.93 -24.87
C TRP A 994 36.41 -15.18 -26.15
N LEU A 995 35.40 -14.32 -26.09
CA LEU A 995 35.11 -13.45 -27.24
C LEU A 995 36.26 -12.48 -27.51
N SER A 996 36.90 -11.97 -26.46
CA SER A 996 38.05 -11.10 -26.65
C SER A 996 39.18 -11.83 -27.37
N LEU A 997 39.44 -13.08 -26.97
CA LEU A 997 40.44 -13.89 -27.67
C LEU A 997 40.02 -14.17 -29.10
N TRP A 998 38.73 -14.47 -29.31
CA TRP A 998 38.24 -14.78 -30.65
C TRP A 998 38.39 -13.60 -31.60
N THR A 999 38.10 -12.39 -31.11
CA THR A 999 38.20 -11.20 -31.95
C THR A 999 39.62 -10.71 -32.14
N ASP A 1000 40.63 -11.48 -31.70
CA ASP A 1000 42.02 -11.09 -31.85
C ASP A 1000 42.87 -12.19 -32.49
N ASP A 1001 42.25 -13.15 -33.18
CA ASP A 1001 43.00 -14.19 -33.86
C ASP A 1001 43.48 -13.71 -35.23
N PRO A 1002 44.52 -14.34 -35.78
CA PRO A 1002 44.99 -13.95 -37.11
C PRO A 1002 43.94 -14.21 -38.18
N ILE A 1003 43.99 -13.40 -39.24
CA ILE A 1003 42.97 -13.42 -40.28
C ILE A 1003 43.62 -13.95 -41.56
N VAL A 1004 44.59 -14.84 -41.40
CA VAL A 1004 45.29 -15.40 -42.56
C VAL A 1004 44.29 -16.13 -43.45
N ASN A 1005 44.45 -15.96 -44.76
CA ASN A 1005 43.58 -16.52 -45.80
C ASN A 1005 42.15 -16.01 -45.70
N GLY A 1006 41.92 -14.91 -44.98
CA GLY A 1006 40.58 -14.36 -44.87
C GLY A 1006 39.60 -15.26 -44.16
N THR A 1007 40.10 -16.20 -43.37
CA THR A 1007 39.25 -17.16 -42.65
C THR A 1007 39.83 -17.37 -41.27
N GLN A 1008 38.99 -17.26 -40.24
CA GLN A 1008 39.40 -17.62 -38.90
C GLN A 1008 39.72 -19.11 -38.84
N GLU A 1009 40.97 -19.44 -38.54
CA GLU A 1009 41.39 -20.84 -38.52
C GLU A 1009 40.66 -21.61 -37.44
N HIS A 1010 40.51 -21.00 -36.26
CA HIS A 1010 39.94 -21.66 -35.09
C HIS A 1010 38.48 -21.32 -34.87
N THR A 1011 37.69 -21.14 -35.94
CA THR A 1011 36.30 -20.77 -35.77
C THR A 1011 35.49 -21.88 -35.09
N GLN A 1012 35.76 -23.14 -35.44
CA GLN A 1012 34.98 -24.24 -34.88
C GLN A 1012 35.22 -24.39 -33.38
N VAL A 1013 36.49 -24.46 -32.97
CA VAL A 1013 36.80 -24.70 -31.57
C VAL A 1013 36.36 -23.52 -30.72
N ARG A 1014 36.60 -22.30 -31.18
CA ARG A 1014 36.23 -21.13 -30.40
C ARG A 1014 34.72 -20.97 -30.30
N LEU A 1015 34.01 -21.23 -31.40
CA LEU A 1015 32.55 -21.19 -31.36
C LEU A 1015 31.99 -22.25 -30.40
N SER A 1016 32.56 -23.46 -30.45
CA SER A 1016 32.10 -24.51 -29.55
C SER A 1016 32.35 -24.17 -28.10
N VAL A 1017 33.53 -23.61 -27.79
CA VAL A 1017 33.85 -23.25 -26.41
C VAL A 1017 32.92 -22.13 -25.94
N TYR A 1018 32.69 -21.13 -26.79
CA TYR A 1018 31.78 -20.05 -26.44
C TYR A 1018 30.37 -20.58 -26.16
N GLY A 1019 29.87 -21.46 -27.03
CA GLY A 1019 28.55 -22.02 -26.82
C GLY A 1019 28.45 -22.87 -25.58
N ALA A 1020 29.49 -23.68 -25.32
CA ALA A 1020 29.47 -24.52 -24.13
C ALA A 1020 29.52 -23.68 -22.85
N LEU A 1021 30.33 -22.62 -22.85
CA LEU A 1021 30.38 -21.73 -21.70
C LEU A 1021 29.03 -21.06 -21.48
N GLY A 1022 28.38 -20.63 -22.56
CA GLY A 1022 27.08 -20.01 -22.42
C GLY A 1022 26.00 -20.98 -21.95
N ILE A 1023 26.07 -22.22 -22.41
CA ILE A 1023 25.16 -23.25 -21.90
C ILE A 1023 25.41 -23.47 -20.41
N SER A 1024 26.68 -23.49 -20.00
CA SER A 1024 27.00 -23.50 -18.58
C SER A 1024 26.41 -22.30 -17.85
N GLN A 1025 26.30 -21.16 -18.52
CA GLN A 1025 25.58 -20.02 -17.98
C GLN A 1025 24.07 -20.23 -17.95
N GLY A 1026 23.54 -21.15 -18.76
CA GLY A 1026 22.12 -21.40 -18.78
C GLY A 1026 21.67 -22.42 -17.75
N ILE A 1027 22.63 -23.11 -17.13
CA ILE A 1027 22.36 -24.07 -16.07
C ILE A 1027 22.59 -23.47 -14.69
N THR A 1028 23.36 -22.37 -14.61
CA THR A 1028 23.63 -21.72 -13.34
C THR A 1028 22.68 -20.59 -13.01
N VAL A 1029 22.18 -19.84 -14.01
CA VAL A 1029 21.13 -18.87 -13.77
C VAL A 1029 19.83 -19.55 -13.34
N PHE A 1030 19.46 -20.66 -13.98
CA PHE A 1030 18.33 -21.47 -13.52
C PHE A 1030 18.64 -22.23 -12.25
N GLY A 1031 19.90 -22.26 -11.83
CA GLY A 1031 20.28 -22.98 -10.63
C GLY A 1031 20.31 -22.13 -9.38
N TYR A 1032 20.54 -20.83 -9.54
CA TYR A 1032 20.51 -19.90 -8.41
C TYR A 1032 19.15 -19.25 -8.23
N SER A 1033 18.29 -19.28 -9.25
CA SER A 1033 16.90 -18.89 -9.09
C SER A 1033 16.04 -20.01 -8.55
N MET A 1034 16.43 -21.27 -8.75
CA MET A 1034 15.75 -22.41 -8.18
C MET A 1034 16.28 -22.75 -6.79
N ALA A 1035 17.32 -22.06 -6.32
CA ALA A 1035 17.88 -22.29 -5.00
C ALA A 1035 17.78 -21.05 -4.11
N VAL A 1036 16.97 -20.08 -4.51
CA VAL A 1036 16.70 -18.92 -3.66
C VAL A 1036 15.21 -18.87 -3.38
N SER A 1037 14.41 -19.37 -4.32
CA SER A 1037 12.96 -19.41 -4.13
C SER A 1037 12.55 -20.65 -3.35
N ILE A 1038 13.20 -21.79 -3.64
CA ILE A 1038 12.98 -22.99 -2.83
C ILE A 1038 13.40 -22.73 -1.41
N GLY A 1039 14.56 -22.10 -1.22
CA GLY A 1039 14.98 -21.70 0.10
C GLY A 1039 14.01 -20.71 0.73
N GLY A 1040 13.42 -19.83 -0.08
CA GLY A 1040 12.42 -18.92 0.44
C GLY A 1040 11.20 -19.63 0.99
N ILE A 1041 10.71 -20.64 0.25
CA ILE A 1041 9.58 -21.42 0.73
C ILE A 1041 9.94 -22.19 2.00
N PHE A 1042 11.12 -22.80 2.00
CA PHE A 1042 11.59 -23.54 3.18
C PHE A 1042 11.74 -22.65 4.41
N ALA A 1043 12.27 -21.45 4.25
CA ALA A 1043 12.38 -20.50 5.35
C ALA A 1043 11.04 -19.96 5.80
N SER A 1044 10.11 -19.71 4.86
CA SER A 1044 8.79 -19.21 5.24
C SER A 1044 8.03 -20.24 6.04
N ARG A 1045 8.10 -21.52 5.64
CA ARG A 1045 7.41 -22.55 6.39
C ARG A 1045 7.97 -22.68 7.81
N ARG A 1046 9.30 -22.62 7.94
CA ARG A 1046 9.92 -22.72 9.26
C ARG A 1046 9.58 -21.51 10.12
N LEU A 1047 9.59 -20.33 9.53
CA LEU A 1047 9.26 -19.11 10.27
C LEU A 1047 7.82 -19.14 10.74
N HIS A 1048 6.90 -19.55 9.88
CA HIS A 1048 5.50 -19.63 10.28
C HIS A 1048 5.30 -20.68 11.37
N LEU A 1049 5.95 -21.83 11.24
CA LEU A 1049 5.84 -22.86 12.27
C LEU A 1049 6.36 -22.35 13.61
N ASP A 1050 7.51 -21.68 13.60
CA ASP A 1050 8.09 -21.18 14.84
C ASP A 1050 7.22 -20.11 15.47
N LEU A 1051 6.72 -19.17 14.66
CA LEU A 1051 5.87 -18.12 15.19
C LEU A 1051 4.57 -18.67 15.75
N LEU A 1052 3.95 -19.61 15.04
CA LEU A 1052 2.72 -20.21 15.51
C LEU A 1052 2.94 -20.98 16.81
N HIS A 1053 4.03 -21.74 16.89
CA HIS A 1053 4.31 -22.48 18.11
C HIS A 1053 4.57 -21.53 19.28
N ASN A 1054 5.33 -20.47 19.02
CA ASN A 1054 5.65 -19.49 20.09
C ASN A 1054 4.34 -18.86 20.58
N VAL A 1055 3.48 -18.42 19.67
CA VAL A 1055 2.25 -17.74 20.06
C VAL A 1055 1.32 -18.70 20.81
N LEU A 1056 1.21 -19.94 20.32
CA LEU A 1056 0.28 -20.88 20.92
C LEU A 1056 0.80 -21.49 22.21
N ARG A 1057 2.10 -21.42 22.47
CA ARG A 1057 2.68 -21.93 23.71
C ARG A 1057 3.00 -20.80 24.67
N SER A 1058 2.13 -19.81 24.74
CA SER A 1058 2.34 -18.64 25.59
C SER A 1058 1.07 -18.32 26.37
N PRO A 1059 1.21 -17.81 27.59
CA PRO A 1059 0.02 -17.59 28.43
C PRO A 1059 -0.89 -16.48 27.91
N ILE A 1060 -2.00 -16.23 28.61
CA ILE A 1060 -2.97 -15.24 28.16
C ILE A 1060 -2.61 -13.83 28.58
N SER A 1061 -1.63 -13.66 29.47
CA SER A 1061 -1.31 -12.33 29.99
C SER A 1061 -0.81 -11.41 28.89
N PHE A 1062 0.12 -11.88 28.06
CA PHE A 1062 0.64 -11.00 27.03
C PHE A 1062 -0.40 -10.76 25.94
N PHE A 1063 -1.36 -11.68 25.79
CA PHE A 1063 -2.45 -11.45 24.84
C PHE A 1063 -3.20 -10.18 25.19
N GLU A 1064 -3.37 -9.89 26.48
CA GLU A 1064 -3.88 -8.59 26.88
C GLU A 1064 -2.81 -7.51 26.74
N ARG A 1065 -1.56 -7.82 27.13
CA ARG A 1065 -0.54 -6.78 27.09
C ARG A 1065 -0.11 -6.46 25.65
N THR A 1066 -0.01 -7.49 24.81
CA THR A 1066 0.27 -7.26 23.39
C THR A 1066 -1.04 -7.13 22.62
N PRO A 1067 -1.27 -6.02 21.92
CA PRO A 1067 -2.54 -5.86 21.19
C PRO A 1067 -2.70 -6.92 20.11
N SER A 1068 -3.95 -7.32 19.87
CA SER A 1068 -4.26 -8.30 18.84
C SER A 1068 -3.91 -7.81 17.45
N GLY A 1069 -4.01 -6.50 17.20
CA GLY A 1069 -3.67 -5.98 15.89
C GLY A 1069 -2.23 -6.26 15.51
N ASN A 1070 -1.32 -6.15 16.48
CA ASN A 1070 0.09 -6.43 16.21
C ASN A 1070 0.28 -7.88 15.75
N LEU A 1071 -0.36 -8.82 16.44
CA LEU A 1071 -0.19 -10.23 16.08
C LEU A 1071 -0.83 -10.55 14.74
N VAL A 1072 -2.00 -9.98 14.46
CA VAL A 1072 -2.63 -10.24 13.17
C VAL A 1072 -1.82 -9.62 12.03
N ASN A 1073 -1.22 -8.45 12.28
CA ASN A 1073 -0.37 -7.85 11.26
C ASN A 1073 0.89 -8.67 11.03
N ARG A 1074 1.45 -9.23 12.10
CA ARG A 1074 2.60 -10.12 11.95
C ARG A 1074 2.23 -11.38 11.17
N PHE A 1075 1.04 -11.93 11.41
CA PHE A 1075 0.60 -13.10 10.67
C PHE A 1075 0.08 -12.76 9.28
N SER A 1076 -0.07 -11.48 8.94
CA SER A 1076 -0.61 -11.08 7.65
C SER A 1076 0.43 -10.44 6.74
N LYS A 1077 1.04 -9.34 7.17
CA LYS A 1077 1.98 -8.60 6.32
C LYS A 1077 3.38 -9.17 6.42
N GLU A 1078 3.79 -9.55 7.64
CA GLU A 1078 5.16 -9.98 7.86
C GLU A 1078 5.46 -11.27 7.10
N LEU A 1079 4.54 -12.23 7.16
CA LEU A 1079 4.69 -13.45 6.39
C LEU A 1079 4.61 -13.22 4.89
N ASP A 1080 4.00 -12.12 4.45
CA ASP A 1080 3.91 -11.78 3.04
C ASP A 1080 5.24 -11.26 2.49
N THR A 1081 5.97 -10.46 3.26
CA THR A 1081 7.25 -9.93 2.81
C THR A 1081 8.40 -10.93 2.95
N VAL A 1082 8.19 -12.03 3.67
CA VAL A 1082 9.22 -13.06 3.79
C VAL A 1082 9.19 -14.06 2.64
N ASP A 1083 8.00 -14.43 2.15
CA ASP A 1083 7.88 -15.40 1.08
C ASP A 1083 7.73 -14.80 -0.30
N SER A 1084 7.16 -13.60 -0.42
CA SER A 1084 6.86 -13.01 -1.72
C SER A 1084 7.71 -11.78 -2.05
N MET A 1085 8.48 -11.27 -1.11
CA MET A 1085 9.28 -10.07 -1.34
C MET A 1085 10.77 -10.32 -1.18
N ILE A 1086 11.18 -10.98 -0.09
CA ILE A 1086 12.61 -11.19 0.16
C ILE A 1086 13.28 -12.01 -0.94
N PRO A 1087 12.73 -13.16 -1.38
CA PRO A 1087 13.43 -13.92 -2.43
C PRO A 1087 13.65 -13.13 -3.72
N GLN A 1088 12.69 -12.29 -4.10
CA GLN A 1088 12.86 -11.46 -5.29
C GLN A 1088 13.93 -10.39 -5.11
N VAL A 1089 13.98 -9.76 -3.94
CA VAL A 1089 14.91 -8.66 -3.69
C VAL A 1089 16.34 -9.19 -3.58
N ILE A 1090 16.50 -10.34 -2.92
CA ILE A 1090 17.84 -10.90 -2.76
C ILE A 1090 18.39 -11.41 -4.10
N LYS A 1091 17.53 -11.88 -5.00
CA LYS A 1091 17.97 -12.29 -6.32
C LYS A 1091 18.47 -11.12 -7.16
N MET A 1092 17.95 -9.92 -6.94
CA MET A 1092 18.35 -8.74 -7.70
C MET A 1092 19.53 -8.01 -7.07
N PHE A 1093 19.55 -7.88 -5.75
CA PHE A 1093 20.70 -7.25 -5.09
C PHE A 1093 21.97 -8.07 -5.30
N MET A 1094 21.91 -9.37 -5.00
CA MET A 1094 23.05 -10.24 -5.26
C MET A 1094 23.31 -10.36 -6.75
N GLY A 1095 22.26 -10.32 -7.58
CA GLY A 1095 22.45 -10.31 -9.02
C GLY A 1095 23.13 -9.08 -9.56
N SER A 1096 22.95 -7.93 -8.92
CA SER A 1096 23.59 -6.69 -9.35
C SER A 1096 24.94 -6.44 -8.69
N LEU A 1097 25.22 -7.06 -7.54
CA LEU A 1097 26.47 -6.82 -6.85
C LEU A 1097 27.67 -7.36 -7.62
N PHE A 1098 27.59 -8.63 -8.02
CA PHE A 1098 28.70 -9.25 -8.81
C PHE A 1098 28.65 -8.71 -10.24
N ASN A 1099 27.47 -8.27 -10.69
CA ASN A 1099 27.38 -7.64 -12.04
C ASN A 1099 28.30 -6.41 -12.04
N VAL A 1100 28.34 -5.68 -10.92
CA VAL A 1100 29.23 -4.48 -10.80
C VAL A 1100 30.67 -4.97 -10.53
N ILE A 1101 30.87 -5.76 -9.49
CA ILE A 1101 32.21 -6.25 -9.16
C ILE A 1101 32.86 -6.93 -10.37
N GLY A 1102 32.12 -7.80 -11.06
CA GLY A 1102 32.65 -8.44 -12.25
C GLY A 1102 32.95 -7.49 -13.38
N ALA A 1103 32.14 -6.45 -13.55
CA ALA A 1103 32.40 -5.43 -14.57
C ALA A 1103 33.60 -4.58 -14.24
N CYS A 1104 33.82 -4.26 -12.97
CA CYS A 1104 35.00 -3.52 -12.55
C CYS A 1104 36.27 -4.36 -12.62
N ILE A 1105 36.16 -5.68 -12.53
CA ILE A 1105 37.33 -6.55 -12.66
C ILE A 1105 37.84 -6.58 -14.09
N ILE A 1106 36.97 -6.71 -15.08
CA ILE A 1106 37.39 -6.67 -16.47
C ILE A 1106 37.97 -5.31 -16.83
N ILE A 1107 37.33 -4.23 -16.39
CA ILE A 1107 37.87 -2.89 -16.65
C ILE A 1107 39.25 -2.74 -16.01
N LEU A 1108 39.38 -3.15 -14.75
CA LEU A 1108 40.65 -3.04 -14.06
C LEU A 1108 41.71 -3.98 -14.63
N LEU A 1109 41.34 -5.19 -15.02
CA LEU A 1109 42.28 -6.14 -15.59
C LEU A 1109 42.73 -5.77 -16.99
N ALA A 1110 41.79 -5.31 -17.83
CA ALA A 1110 42.16 -4.84 -19.18
C ALA A 1110 43.13 -3.66 -19.04
N THR A 1111 42.73 -2.62 -18.30
CA THR A 1111 43.63 -1.46 -18.05
C THR A 1111 43.89 -1.33 -16.55
N PRO A 1112 45.06 -1.77 -16.04
CA PRO A 1112 45.39 -1.66 -14.62
C PRO A 1112 45.30 -0.20 -14.15
N MET A 1113 45.67 0.73 -15.02
CA MET A 1113 45.74 2.18 -14.67
C MET A 1113 44.36 2.65 -14.19
N ALA A 1114 43.30 1.94 -14.57
CA ALA A 1114 41.93 2.30 -14.10
C ALA A 1114 41.73 1.77 -12.67
N ALA A 1115 42.58 2.21 -11.73
CA ALA A 1115 42.47 1.78 -10.32
C ALA A 1115 42.57 3.01 -9.42
N VAL A 1116 43.05 4.13 -9.96
CA VAL A 1116 43.19 5.36 -9.20
C VAL A 1116 41.86 6.13 -9.26
N ILE A 1117 40.88 5.58 -9.98
CA ILE A 1117 39.55 6.18 -10.04
C ILE A 1117 38.67 5.44 -9.04
N ILE A 1118 39.09 4.22 -8.67
CA ILE A 1118 38.36 3.48 -7.64
C ILE A 1118 38.31 4.20 -6.31
N PRO A 1119 39.39 4.80 -5.80
CA PRO A 1119 39.30 5.51 -4.51
C PRO A 1119 38.32 6.68 -4.56
N PRO A 1120 38.44 7.63 -5.50
CA PRO A 1120 37.50 8.76 -5.47
C PRO A 1120 36.04 8.36 -5.67
N LEU A 1121 35.77 7.36 -6.52
CA LEU A 1121 34.41 6.89 -6.72
C LEU A 1121 33.87 6.08 -5.55
N GLY A 1122 34.75 5.39 -4.81
CA GLY A 1122 34.30 4.65 -3.65
C GLY A 1122 33.71 5.56 -2.60
N LEU A 1123 34.34 6.71 -2.36
CA LEU A 1123 33.79 7.67 -1.40
C LEU A 1123 32.43 8.19 -1.85
N ILE A 1124 32.29 8.52 -3.14
CA ILE A 1124 31.02 9.03 -3.65
C ILE A 1124 29.94 7.98 -3.49
N TYR A 1125 30.22 6.73 -3.89
CA TYR A 1125 29.24 5.67 -3.76
C TYR A 1125 28.88 5.42 -2.30
N PHE A 1126 29.88 5.41 -1.42
CA PHE A 1126 29.62 5.17 0.00
C PHE A 1126 28.73 6.25 0.59
N PHE A 1127 29.07 7.53 0.35
CA PHE A 1127 28.30 8.62 0.92
C PHE A 1127 26.92 8.76 0.30
N VAL A 1128 26.74 8.34 -0.95
CA VAL A 1128 25.41 8.41 -1.56
C VAL A 1128 24.56 7.27 -1.05
N GLN A 1129 25.14 6.06 -1.00
CA GLN A 1129 24.46 4.87 -0.53
C GLN A 1129 24.04 4.95 0.93
N ARG A 1130 24.91 5.44 1.81
CA ARG A 1130 24.54 5.62 3.22
C ARG A 1130 23.42 6.63 3.40
N PHE A 1131 23.52 7.78 2.74
CA PHE A 1131 22.46 8.79 2.85
C PHE A 1131 21.14 8.27 2.31
N TYR A 1132 21.15 7.63 1.15
CA TYR A 1132 19.88 7.17 0.57
C TYR A 1132 19.23 6.11 1.45
N VAL A 1133 20.03 5.17 1.97
CA VAL A 1133 19.46 4.14 2.84
C VAL A 1133 18.87 4.79 4.10
N ALA A 1134 19.66 5.64 4.77
CA ALA A 1134 19.22 6.25 6.01
C ALA A 1134 18.02 7.18 5.83
N SER A 1135 17.79 7.69 4.63
CA SER A 1135 16.66 8.57 4.38
C SER A 1135 15.45 7.87 3.77
N SER A 1136 15.64 6.83 2.97
CA SER A 1136 14.54 6.15 2.30
C SER A 1136 14.02 4.95 3.08
N ARG A 1137 14.75 4.47 4.09
CA ARG A 1137 14.15 3.48 4.98
C ARG A 1137 12.97 4.05 5.74
N GLN A 1138 12.91 5.37 5.92
CA GLN A 1138 11.87 6.03 6.70
C GLN A 1138 10.77 6.63 5.84
N LEU A 1139 11.11 7.15 4.65
CA LEU A 1139 10.12 7.79 3.80
C LEU A 1139 9.05 6.81 3.33
N LYS A 1140 9.43 5.62 2.87
CA LYS A 1140 8.42 4.64 2.51
C LYS A 1140 7.76 4.01 3.73
N ARG A 1141 8.40 4.07 4.90
CA ARG A 1141 7.74 3.71 6.15
C ARG A 1141 6.70 4.74 6.56
N LEU A 1142 6.99 6.03 6.41
CA LEU A 1142 6.00 7.08 6.63
C LEU A 1142 4.88 7.05 5.59
N GLU A 1143 5.17 6.59 4.38
CA GLU A 1143 4.13 6.47 3.36
C GLU A 1143 3.22 5.27 3.60
N SER A 1144 3.78 4.15 4.07
CA SER A 1144 2.97 2.98 4.34
C SER A 1144 2.01 3.21 5.51
N VAL A 1145 2.49 3.87 6.57
CA VAL A 1145 1.65 4.10 7.73
C VAL A 1145 0.53 5.09 7.45
N SER A 1146 0.70 5.97 6.45
CA SER A 1146 -0.31 6.95 6.12
C SER A 1146 -1.22 6.51 4.97
N ARG A 1147 -1.04 5.29 4.47
CA ARG A 1147 -1.85 4.78 3.37
C ARG A 1147 -3.12 4.09 3.87
N SER A 1148 -2.99 3.22 4.86
CA SER A 1148 -4.16 2.56 5.43
C SER A 1148 -5.20 3.52 6.01
N PRO A 1149 -4.85 4.63 6.68
CA PRO A 1149 -5.90 5.51 7.21
C PRO A 1149 -6.84 6.06 6.15
N VAL A 1150 -6.38 6.28 4.92
CA VAL A 1150 -7.27 6.76 3.87
C VAL A 1150 -8.37 5.74 3.61
N TYR A 1151 -7.98 4.47 3.44
CA TYR A 1151 -8.98 3.41 3.20
C TYR A 1151 -9.87 3.23 4.42
N SER A 1152 -9.31 3.35 5.62
CA SER A 1152 -10.12 3.22 6.83
C SER A 1152 -11.17 4.32 6.92
N HIS A 1153 -10.78 5.56 6.58
CA HIS A 1153 -11.75 6.66 6.62
C HIS A 1153 -12.79 6.50 5.53
N PHE A 1154 -12.39 6.01 4.35
CA PHE A 1154 -13.38 5.76 3.32
C PHE A 1154 -14.36 4.67 3.74
N ASN A 1155 -13.88 3.63 4.41
CA ASN A 1155 -14.77 2.61 4.94
C ASN A 1155 -15.73 3.20 5.97
N GLU A 1156 -15.20 4.06 6.85
CA GLU A 1156 -16.03 4.69 7.87
C GLU A 1156 -17.14 5.54 7.25
N THR A 1157 -16.78 6.35 6.25
CA THR A 1157 -17.79 7.22 5.63
C THR A 1157 -18.78 6.41 4.80
N LEU A 1158 -18.33 5.29 4.23
CA LEU A 1158 -19.24 4.44 3.49
C LEU A 1158 -20.24 3.76 4.42
N LEU A 1159 -19.80 3.39 5.62
CA LEU A 1159 -20.70 2.79 6.60
C LEU A 1159 -21.77 3.78 7.04
N GLY A 1160 -21.40 5.04 7.23
CA GLY A 1160 -22.32 6.03 7.77
C GLY A 1160 -22.74 7.11 6.78
N VAL A 1161 -23.05 6.71 5.54
CA VAL A 1161 -23.41 7.68 4.52
C VAL A 1161 -24.68 8.44 4.91
N SER A 1162 -25.68 7.72 5.41
CA SER A 1162 -26.96 8.33 5.72
C SER A 1162 -26.82 9.38 6.82
N VAL A 1163 -26.03 9.08 7.86
CA VAL A 1163 -25.81 10.04 8.94
C VAL A 1163 -25.13 11.29 8.41
N ILE A 1164 -24.12 11.12 7.56
CA ILE A 1164 -23.39 12.26 7.01
C ILE A 1164 -24.31 13.13 6.16
N ARG A 1165 -25.14 12.49 5.32
CA ARG A 1165 -26.05 13.26 4.48
C ARG A 1165 -27.20 13.88 5.27
N ALA A 1166 -27.56 13.31 6.43
CA ALA A 1166 -28.61 13.90 7.25
C ALA A 1166 -28.10 15.10 8.04
N PHE A 1167 -26.94 14.96 8.68
CA PHE A 1167 -26.37 16.09 9.42
C PHE A 1167 -25.78 17.15 8.50
N GLU A 1168 -25.68 16.86 7.19
CA GLU A 1168 -25.14 17.80 6.20
C GLU A 1168 -23.70 18.20 6.54
N GLU A 1169 -22.91 17.22 6.94
CA GLU A 1169 -21.48 17.42 7.18
C GLU A 1169 -20.63 16.84 6.06
N GLN A 1170 -21.13 16.89 4.83
CA GLN A 1170 -20.44 16.28 3.71
C GLN A 1170 -19.13 16.99 3.40
N GLU A 1171 -19.10 18.32 3.48
CA GLU A 1171 -17.91 19.07 3.12
C GLU A 1171 -16.75 18.76 4.05
N ARG A 1172 -17.02 18.65 5.36
CA ARG A 1172 -15.95 18.34 6.31
C ARG A 1172 -15.34 16.96 6.04
N PHE A 1173 -16.18 15.97 5.75
CA PHE A 1173 -15.67 14.64 5.47
C PHE A 1173 -14.91 14.60 4.14
N ILE A 1174 -15.41 15.32 3.14
CA ILE A 1174 -14.72 15.40 1.85
C ILE A 1174 -13.35 16.02 2.03
N ARG A 1175 -13.26 17.09 2.83
CA ARG A 1175 -11.97 17.73 3.10
C ARG A 1175 -11.06 16.87 3.95
N GLN A 1176 -11.61 16.12 4.92
CA GLN A 1176 -10.78 15.22 5.70
C GLN A 1176 -10.17 14.12 4.84
N SER A 1177 -10.94 13.56 3.91
CA SER A 1177 -10.39 12.52 3.04
C SER A 1177 -9.27 13.07 2.16
N ASP A 1178 -9.45 14.27 1.61
CA ASP A 1178 -8.40 14.82 0.78
C ASP A 1178 -7.18 15.24 1.59
N LEU A 1179 -7.38 15.69 2.83
CA LEU A 1179 -6.24 15.93 3.72
C LEU A 1179 -5.46 14.67 4.03
N LYS A 1180 -6.14 13.54 4.27
CA LYS A 1180 -5.46 12.27 4.51
C LYS A 1180 -4.72 11.76 3.28
N VAL A 1181 -5.33 11.83 2.10
CA VAL A 1181 -4.61 11.43 0.89
C VAL A 1181 -3.47 12.38 0.60
N ASP A 1182 -3.63 13.66 0.97
CA ASP A 1182 -2.53 14.62 0.85
C ASP A 1182 -1.39 14.28 1.79
N GLU A 1183 -1.73 13.82 3.00
CA GLU A 1183 -0.69 13.35 3.91
C GLU A 1183 0.05 12.14 3.36
N ASN A 1184 -0.67 11.24 2.68
CA ASN A 1184 -0.01 10.12 2.02
C ASN A 1184 0.92 10.59 0.90
N GLN A 1185 0.45 11.53 0.07
CA GLN A 1185 1.29 12.04 -1.01
C GLN A 1185 2.50 12.78 -0.45
N LYS A 1186 2.35 13.40 0.72
CA LYS A 1186 3.45 14.19 1.33
C LYS A 1186 4.65 13.26 1.62
N ALA A 1187 4.39 11.97 1.84
CA ALA A 1187 5.46 11.01 2.03
C ALA A 1187 5.81 10.26 0.75
N TYR A 1188 4.87 10.12 -0.17
CA TYR A 1188 5.14 9.43 -1.43
C TYR A 1188 5.99 10.24 -2.39
N TYR A 1189 5.77 11.55 -2.51
CA TYR A 1189 6.53 12.38 -3.43
C TYR A 1189 8.03 12.45 -3.08
N PRO A 1190 8.44 12.69 -1.83
CA PRO A 1190 9.86 12.57 -1.50
C PRO A 1190 10.41 11.18 -1.76
N SER A 1191 9.62 10.13 -1.60
CA SER A 1191 10.07 8.78 -1.92
C SER A 1191 10.41 8.59 -3.38
N ILE A 1192 9.62 9.15 -4.30
CA ILE A 1192 9.93 9.05 -5.73
C ILE A 1192 11.03 10.02 -6.15
N VAL A 1193 11.18 11.15 -5.47
CA VAL A 1193 12.32 12.03 -5.75
C VAL A 1193 13.62 11.44 -5.23
N ALA A 1194 13.58 10.67 -4.15
CA ALA A 1194 14.77 10.02 -3.61
C ALA A 1194 15.37 9.04 -4.61
N ASN A 1195 14.52 8.26 -5.27
CA ASN A 1195 15.02 7.34 -6.29
C ASN A 1195 15.70 8.08 -7.43
N ARG A 1196 15.11 9.19 -7.89
CA ARG A 1196 15.72 9.98 -8.94
C ARG A 1196 17.05 10.56 -8.50
N TRP A 1197 17.13 11.09 -7.29
CA TRP A 1197 18.39 11.61 -6.77
C TRP A 1197 19.46 10.52 -6.72
N LEU A 1198 19.11 9.38 -6.15
CA LEU A 1198 20.05 8.27 -6.05
C LEU A 1198 20.54 7.83 -7.41
N ALA A 1199 19.62 7.65 -8.36
CA ALA A 1199 20.01 7.22 -9.69
C ALA A 1199 20.90 8.25 -10.37
N VAL A 1200 20.51 9.52 -10.36
CA VAL A 1200 21.28 10.55 -11.04
C VAL A 1200 22.69 10.62 -10.48
N ARG A 1201 22.82 10.61 -9.16
CA ARG A 1201 24.16 10.70 -8.58
C ARG A 1201 25.01 9.47 -8.89
N LEU A 1202 24.41 8.28 -8.92
CA LEU A 1202 25.17 7.06 -9.18
C LEU A 1202 25.26 6.72 -10.67
N GLU A 1203 24.41 7.29 -11.52
CA GLU A 1203 24.62 7.15 -12.95
C GLU A 1203 25.91 7.85 -13.38
N CYS A 1204 26.15 9.05 -12.84
CA CYS A 1204 27.35 9.81 -13.20
C CYS A 1204 28.60 9.23 -12.55
N VAL A 1205 28.46 8.23 -11.69
CA VAL A 1205 29.60 7.46 -11.21
C VAL A 1205 29.85 6.34 -12.20
N GLY A 1206 28.77 5.68 -12.62
CA GLY A 1206 28.88 4.70 -13.69
C GLY A 1206 29.14 5.34 -15.05
N ASN A 1207 28.95 6.65 -15.13
CA ASN A 1207 29.19 7.38 -16.41
C ASN A 1207 30.65 7.83 -16.49
N CYS A 1208 31.20 8.34 -15.39
CA CYS A 1208 32.60 8.73 -15.39
C CYS A 1208 33.54 7.53 -15.46
N ILE A 1209 33.08 6.35 -15.03
CA ILE A 1209 33.90 5.16 -15.22
C ILE A 1209 33.90 4.74 -16.68
N VAL A 1210 32.83 5.07 -17.43
CA VAL A 1210 32.84 4.86 -18.87
C VAL A 1210 33.90 5.73 -19.52
N LEU A 1211 33.99 7.00 -19.10
CA LEU A 1211 35.02 7.88 -19.59
C LEU A 1211 36.42 7.37 -19.27
N PHE A 1212 36.65 6.92 -18.04
CA PHE A 1212 37.96 6.46 -17.61
C PHE A 1212 38.33 5.07 -18.11
N ALA A 1213 37.36 4.16 -18.21
CA ALA A 1213 37.64 2.87 -18.83
C ALA A 1213 38.00 3.01 -20.30
N SER A 1214 37.57 4.10 -20.94
CA SER A 1214 37.92 4.38 -22.31
C SER A 1214 39.09 5.36 -22.45
N LEU A 1215 39.29 6.22 -21.45
CA LEU A 1215 40.44 7.13 -21.49
C LEU A 1215 41.74 6.35 -21.38
N PHE A 1216 41.83 5.44 -20.42
CA PHE A 1216 43.03 4.63 -20.28
C PHE A 1216 43.20 3.65 -21.44
N ALA A 1217 42.11 3.33 -22.14
CA ALA A 1217 42.18 2.49 -23.32
C ALA A 1217 42.59 3.26 -24.56
N VAL A 1218 42.55 4.60 -24.51
CA VAL A 1218 43.05 5.43 -25.59
C VAL A 1218 44.51 5.83 -25.39
N ILE A 1219 44.92 6.18 -24.18
CA ILE A 1219 46.31 6.54 -23.92
C ILE A 1219 47.25 5.34 -24.02
N SER A 1220 46.74 4.12 -23.89
CA SER A 1220 47.54 2.92 -23.97
C SER A 1220 47.07 2.01 -25.11
N ARG A 1221 46.73 2.62 -26.25
CA ARG A 1221 46.28 1.84 -27.39
C ARG A 1221 47.41 0.99 -27.99
N HIS A 1222 48.66 1.44 -27.84
CA HIS A 1222 49.77 0.69 -28.43
C HIS A 1222 49.96 -0.66 -27.75
N SER A 1223 49.93 -0.66 -26.41
CA SER A 1223 50.08 -1.91 -25.65
C SER A 1223 48.74 -2.66 -25.57
N LEU A 1224 47.78 -2.29 -26.43
CA LEU A 1224 46.46 -2.99 -26.48
C LEU A 1224 46.26 -3.62 -27.85
N SER A 1225 45.38 -4.62 -27.96
CA SER A 1225 45.19 -5.34 -29.25
C SER A 1225 43.77 -5.13 -29.78
N ALA A 1226 43.17 -3.97 -29.51
CA ALA A 1226 41.78 -3.69 -29.96
C ALA A 1226 40.86 -4.86 -29.57
N GLY A 1227 41.23 -5.62 -28.54
CA GLY A 1227 40.40 -6.76 -28.09
C GLY A 1227 39.86 -6.55 -26.69
N LEU A 1228 40.50 -5.68 -25.91
CA LEU A 1228 40.06 -5.41 -24.51
C LEU A 1228 39.24 -4.12 -24.48
N VAL A 1229 39.74 -3.06 -25.12
CA VAL A 1229 39.01 -1.76 -25.18
C VAL A 1229 37.51 -1.86 -25.44
N GLY A 1230 37.11 -2.59 -26.48
CA GLY A 1230 35.71 -2.86 -26.74
C GLY A 1230 35.04 -3.66 -25.64
N LEU A 1231 35.74 -4.66 -25.10
CA LEU A 1231 35.23 -5.41 -23.97
C LEU A 1231 35.08 -4.50 -22.75
N SER A 1232 36.11 -3.71 -22.46
CA SER A 1232 36.08 -2.84 -21.28
C SER A 1232 34.97 -1.81 -21.38
N VAL A 1233 34.86 -1.15 -22.54
CA VAL A 1233 33.83 -0.12 -22.72
C VAL A 1233 32.45 -0.75 -22.73
N SER A 1234 32.32 -1.93 -23.36
CA SER A 1234 31.04 -2.61 -23.37
C SER A 1234 30.57 -2.97 -21.96
N TYR A 1235 31.48 -3.44 -21.12
CA TYR A 1235 31.12 -3.74 -19.74
C TYR A 1235 30.87 -2.49 -18.92
N SER A 1236 31.63 -1.42 -19.17
CA SER A 1236 31.40 -0.17 -18.46
C SER A 1236 30.06 0.46 -18.83
N LEU A 1237 29.57 0.20 -20.05
CA LEU A 1237 28.29 0.77 -20.47
C LEU A 1237 27.14 0.22 -19.65
N GLN A 1238 27.19 -1.05 -19.27
CA GLN A 1238 26.13 -1.66 -18.47
C GLN A 1238 26.37 -1.51 -16.98
N VAL A 1239 27.49 -0.90 -16.58
CA VAL A 1239 27.71 -0.57 -15.17
C VAL A 1239 26.70 0.44 -14.65
N THR A 1240 26.32 1.41 -15.47
CA THR A 1240 25.39 2.45 -15.04
C THR A 1240 24.04 1.91 -14.59
N THR A 1241 23.45 0.98 -15.34
CA THR A 1241 22.14 0.44 -15.02
C THR A 1241 22.20 -0.54 -13.86
N TYR A 1242 23.30 -1.27 -13.71
CA TYR A 1242 23.45 -2.24 -12.64
C TYR A 1242 23.93 -1.64 -11.34
N LEU A 1243 24.40 -0.38 -11.34
CA LEU A 1243 24.85 0.27 -10.13
C LEU A 1243 23.74 0.96 -9.34
N ASN A 1244 22.74 1.53 -10.03
CA ASN A 1244 21.61 2.13 -9.36
C ASN A 1244 20.62 1.10 -8.84
N TRP A 1245 20.73 -0.14 -9.30
CA TRP A 1245 19.92 -1.23 -8.76
C TRP A 1245 20.60 -1.99 -7.64
N LEU A 1246 21.92 -1.95 -7.55
CA LEU A 1246 22.63 -2.49 -6.39
C LEU A 1246 22.27 -1.74 -5.12
N VAL A 1247 22.05 -0.44 -5.21
CA VAL A 1247 21.77 0.42 -4.05
C VAL A 1247 20.28 0.52 -3.74
N ARG A 1248 19.44 0.55 -4.78
CA ARG A 1248 17.98 0.56 -4.53
C ARG A 1248 17.60 -0.75 -3.84
N MET A 1249 18.20 -1.86 -4.26
CA MET A 1249 17.88 -3.15 -3.65
C MET A 1249 18.61 -3.38 -2.34
N SER A 1250 19.70 -2.64 -2.09
CA SER A 1250 20.33 -2.66 -0.78
C SER A 1250 19.51 -1.94 0.28
N SER A 1251 18.64 -1.02 -0.13
CA SER A 1251 17.73 -0.34 0.79
C SER A 1251 16.44 -1.11 1.01
N GLU A 1252 15.89 -1.69 -0.06
CA GLU A 1252 14.67 -2.52 0.10
C GLU A 1252 15.00 -3.74 0.96
N MET A 1253 16.19 -4.32 0.77
CA MET A 1253 16.56 -5.52 1.50
C MET A 1253 16.61 -5.26 3.01
N GLU A 1254 17.12 -4.10 3.42
CA GLU A 1254 17.18 -3.78 4.85
C GLU A 1254 15.77 -3.66 5.44
N THR A 1255 14.86 -2.99 4.74
CA THR A 1255 13.50 -2.87 5.22
C THR A 1255 12.70 -4.16 5.05
N ASN A 1256 13.18 -5.11 4.25
CA ASN A 1256 12.57 -6.42 4.13
C ASN A 1256 13.16 -7.44 5.10
N ILE A 1257 14.42 -7.28 5.50
CA ILE A 1257 15.03 -8.21 6.45
C ILE A 1257 14.56 -7.96 7.88
N VAL A 1258 14.08 -6.75 8.19
CA VAL A 1258 13.53 -6.48 9.51
C VAL A 1258 12.27 -7.32 9.75
N ALA A 1259 11.66 -7.84 8.69
CA ALA A 1259 10.52 -8.74 8.85
C ALA A 1259 10.92 -9.99 9.62
N VAL A 1260 12.11 -10.53 9.34
CA VAL A 1260 12.60 -11.70 10.05
C VAL A 1260 12.73 -11.43 11.54
N GLU A 1261 13.29 -10.29 11.92
CA GLU A 1261 13.40 -9.91 13.32
C GLU A 1261 12.03 -9.73 13.97
N ARG A 1262 11.10 -9.04 13.28
CA ARG A 1262 9.78 -8.87 13.84
C ARG A 1262 8.99 -10.17 13.86
N LEU A 1263 9.38 -11.15 13.04
CA LEU A 1263 8.79 -12.47 13.05
C LEU A 1263 9.42 -13.40 14.08
N LYS A 1264 10.53 -13.03 14.68
CA LYS A 1264 11.22 -13.88 15.64
C LYS A 1264 11.18 -13.30 17.05
N GLU A 1265 10.57 -12.12 17.21
CA GLU A 1265 10.55 -11.43 18.52
C GLU A 1265 9.90 -12.30 19.60
N TYR A 1266 8.80 -13.00 19.27
CA TYR A 1266 8.04 -13.76 20.29
C TYR A 1266 8.74 -15.08 20.64
N SER A 1267 9.90 -15.36 20.03
CA SER A 1267 10.66 -16.58 20.39
C SER A 1267 11.41 -16.33 21.71
N GLU A 1268 11.31 -15.10 22.26
CA GLU A 1268 12.07 -14.76 23.49
C GLU A 1268 11.12 -14.21 24.56
N THR A 1269 9.95 -14.83 24.76
CA THR A 1269 9.05 -14.39 25.81
C THR A 1269 8.67 -15.56 26.71
N GLU A 1270 8.20 -15.24 27.91
CA GLU A 1270 7.81 -16.28 28.85
C GLU A 1270 6.64 -17.08 28.32
N LYS A 1271 6.78 -18.40 28.33
CA LYS A 1271 5.77 -19.31 27.83
C LYS A 1271 5.09 -20.04 28.98
N GLU A 1272 4.01 -20.73 28.66
CA GLU A 1272 3.26 -21.49 29.64
C GLU A 1272 4.09 -22.66 30.14
N ALA A 1273 3.60 -23.26 31.23
CA ALA A 1273 4.19 -24.51 31.70
C ALA A 1273 3.99 -25.58 30.63
N PRO A 1274 4.87 -26.59 30.59
CA PRO A 1274 4.79 -27.58 29.51
C PRO A 1274 3.42 -28.25 29.46
N TRP A 1275 2.91 -28.41 28.25
CA TRP A 1275 1.58 -29.00 28.07
C TRP A 1275 1.57 -30.47 28.49
N GLN A 1276 2.62 -31.21 28.17
CA GLN A 1276 2.75 -32.61 28.56
C GLN A 1276 4.10 -32.79 29.24
N ILE A 1277 4.07 -33.23 30.49
CA ILE A 1277 5.33 -33.47 31.21
C ILE A 1277 5.88 -34.85 30.90
N GLN A 1278 5.03 -35.88 31.00
CA GLN A 1278 5.34 -37.27 30.64
C GLN A 1278 6.26 -37.93 31.65
N ASP A 1279 6.74 -37.18 32.65
CA ASP A 1279 7.43 -37.81 33.77
C ASP A 1279 6.49 -38.02 34.94
N MET A 1280 5.61 -37.04 35.20
CA MET A 1280 4.64 -37.15 36.28
C MET A 1280 3.22 -37.06 35.73
N ALA A 1281 2.97 -37.73 34.61
CA ALA A 1281 1.65 -37.74 34.02
C ALA A 1281 0.65 -38.47 34.93
N PRO A 1282 -0.61 -38.03 34.95
CA PRO A 1282 -1.60 -38.68 35.80
C PRO A 1282 -2.08 -39.97 35.18
N PRO A 1283 -2.84 -40.84 35.89
CA PRO A 1283 -3.41 -42.05 35.28
C PRO A 1283 -4.54 -41.68 34.31
N LYS A 1284 -5.04 -42.67 33.56
CA LYS A 1284 -6.13 -42.42 32.57
C LYS A 1284 -7.33 -41.81 33.32
N ASP A 1285 -7.76 -42.44 34.41
CA ASP A 1285 -8.86 -41.87 35.23
C ASP A 1285 -8.25 -40.97 36.30
N TRP A 1286 -7.73 -39.80 35.90
CA TRP A 1286 -7.08 -38.88 36.87
C TRP A 1286 -8.12 -38.40 37.90
N PRO A 1287 -9.27 -37.79 37.51
CA PRO A 1287 -10.31 -37.39 38.48
C PRO A 1287 -11.14 -38.58 38.92
N GLN A 1288 -10.58 -39.37 39.84
CA GLN A 1288 -11.23 -40.60 40.28
C GLN A 1288 -12.59 -40.31 40.91
N VAL A 1289 -12.63 -39.29 41.77
CA VAL A 1289 -13.92 -38.89 42.40
C VAL A 1289 -14.14 -37.40 42.13
N GLY A 1290 -13.06 -36.67 41.83
CA GLY A 1290 -13.15 -35.25 41.61
C GLY A 1290 -13.05 -34.43 42.88
N ARG A 1291 -12.10 -34.81 43.75
CA ARG A 1291 -11.92 -34.15 45.04
C ARG A 1291 -10.98 -32.96 44.85
N VAL A 1292 -11.54 -31.77 44.90
CA VAL A 1292 -10.77 -30.54 44.72
C VAL A 1292 -10.40 -29.99 46.09
N GLU A 1293 -9.17 -29.51 46.23
CA GLU A 1293 -8.71 -28.95 47.50
C GLU A 1293 -7.82 -27.75 47.21
N PHE A 1294 -8.33 -26.55 47.48
CA PHE A 1294 -7.53 -25.34 47.43
C PHE A 1294 -6.80 -25.20 48.75
N ARG A 1295 -5.51 -25.50 48.76
CA ARG A 1295 -4.69 -25.49 49.96
C ARG A 1295 -3.87 -24.19 49.96
N ASP A 1296 -4.36 -23.18 50.67
CA ASP A 1296 -3.68 -21.89 50.81
C ASP A 1296 -3.37 -21.29 49.44
N TYR A 1297 -4.41 -21.18 48.61
CA TYR A 1297 -4.25 -20.66 47.27
C TYR A 1297 -4.09 -19.14 47.28
N GLY A 1298 -3.14 -18.66 46.48
CA GLY A 1298 -2.95 -17.25 46.26
C GLY A 1298 -2.66 -16.95 44.81
N LEU A 1299 -3.49 -16.10 44.18
CA LEU A 1299 -3.31 -15.83 42.73
C LEU A 1299 -2.82 -14.40 42.52
N ARG A 1300 -1.62 -14.24 41.93
CA ARG A 1300 -1.10 -12.89 41.62
C ARG A 1300 -1.84 -12.34 40.40
N TYR A 1301 -1.94 -11.02 40.29
CA TYR A 1301 -2.67 -10.40 39.15
C TYR A 1301 -2.11 -9.00 38.87
N ASP A 1306 -2.75 -6.46 45.67
CA ASP A 1306 -1.82 -7.11 44.76
C ASP A 1306 -2.29 -8.53 44.43
N LEU A 1307 -2.84 -9.21 45.44
CA LEU A 1307 -3.34 -10.57 45.28
C LEU A 1307 -4.86 -10.53 45.16
N VAL A 1308 -5.38 -10.91 43.98
CA VAL A 1308 -6.86 -11.00 43.83
C VAL A 1308 -7.34 -12.18 44.68
N LEU A 1309 -6.66 -13.32 44.59
CA LEU A 1309 -7.01 -14.50 45.42
C LEU A 1309 -6.00 -14.61 46.58
N LYS A 1310 -6.49 -14.81 47.80
CA LYS A 1310 -5.58 -14.85 48.98
C LYS A 1310 -6.21 -15.69 50.09
N HIS A 1311 -5.39 -16.44 50.84
CA HIS A 1311 -5.89 -17.25 51.98
C HIS A 1311 -7.12 -18.07 51.54
N ILE A 1312 -6.93 -18.96 50.56
CA ILE A 1312 -8.05 -19.83 50.09
C ILE A 1312 -7.77 -21.27 50.54
N ASN A 1313 -8.44 -21.74 51.59
CA ASN A 1313 -8.27 -23.12 52.05
C ASN A 1313 -9.65 -23.76 52.07
N VAL A 1314 -10.06 -24.35 50.95
CA VAL A 1314 -11.38 -24.93 50.82
C VAL A 1314 -11.25 -26.34 50.25
N THR A 1315 -12.26 -27.16 50.51
CA THR A 1315 -12.28 -28.54 50.05
C THR A 1315 -13.65 -28.86 49.47
N ILE A 1316 -13.67 -29.17 48.18
CA ILE A 1316 -14.88 -29.59 47.48
C ILE A 1316 -14.80 -31.10 47.30
N ASP A 1317 -15.71 -31.82 47.94
CA ASP A 1317 -15.70 -33.27 47.89
C ASP A 1317 -16.11 -33.76 46.50
N GLY A 1318 -15.71 -35.00 46.20
CA GLY A 1318 -16.06 -35.62 44.95
C GLY A 1318 -17.55 -35.73 44.72
N GLY A 1319 -18.03 -35.26 43.58
CA GLY A 1319 -19.45 -35.33 43.26
C GLY A 1319 -20.32 -34.51 44.18
N GLU A 1320 -19.80 -33.38 44.66
CA GLU A 1320 -20.56 -32.46 45.50
C GLU A 1320 -20.72 -31.14 44.77
N LYS A 1321 -21.97 -30.74 44.55
CA LYS A 1321 -22.24 -29.49 43.86
C LYS A 1321 -21.87 -28.32 44.75
N VAL A 1322 -21.06 -27.41 44.20
CA VAL A 1322 -20.54 -26.27 44.94
C VAL A 1322 -20.58 -25.06 44.00
N GLY A 1323 -21.06 -23.93 44.52
CA GLY A 1323 -21.11 -22.70 43.76
C GLY A 1323 -20.29 -21.62 44.44
N ILE A 1324 -19.95 -20.58 43.67
CA ILE A 1324 -19.14 -19.47 44.16
C ILE A 1324 -19.94 -18.18 43.93
N VAL A 1325 -20.21 -17.47 45.02
CA VAL A 1325 -20.96 -16.22 44.97
C VAL A 1325 -20.03 -15.10 45.40
N GLY A 1326 -20.24 -13.93 44.81
CA GLY A 1326 -19.45 -12.76 45.16
C GLY A 1326 -19.78 -11.63 44.24
N ARG A 1327 -19.39 -10.43 44.66
CA ARG A 1327 -19.65 -9.23 43.90
C ARG A 1327 -18.51 -8.97 42.92
N THR A 1328 -18.69 -7.97 42.06
CA THR A 1328 -17.64 -7.59 41.12
C THR A 1328 -16.39 -7.14 41.88
N GLY A 1329 -15.25 -7.64 41.42
CA GLY A 1329 -13.99 -7.38 42.09
C GLY A 1329 -13.52 -8.51 42.98
N ALA A 1330 -14.40 -9.48 43.26
CA ALA A 1330 -14.00 -10.66 44.07
C ALA A 1330 -13.18 -11.62 43.20
N GLY A 1331 -12.78 -12.76 43.74
CA GLY A 1331 -11.94 -13.71 42.98
C GLY A 1331 -12.74 -14.86 42.41
N LYS A 1332 -14.04 -14.64 42.18
CA LYS A 1332 -14.92 -15.72 41.66
C LYS A 1332 -14.34 -16.30 40.37
N SER A 1333 -14.30 -15.50 39.30
CA SER A 1333 -13.80 -16.00 38.00
C SER A 1333 -12.33 -16.41 38.10
N SER A 1334 -11.53 -15.60 38.79
CA SER A 1334 -10.07 -15.91 38.95
C SER A 1334 -9.92 -17.31 39.58
N LEU A 1335 -10.89 -17.75 40.37
CA LEU A 1335 -10.84 -19.08 40.95
C LEU A 1335 -10.87 -20.15 39.87
N THR A 1336 -11.73 -19.98 38.86
CA THR A 1336 -11.71 -20.91 37.73
C THR A 1336 -10.36 -20.90 37.04
N LEU A 1337 -9.77 -19.71 36.87
CA LEU A 1337 -8.45 -19.65 36.26
C LEU A 1337 -7.42 -20.38 37.10
N GLY A 1338 -7.68 -20.51 38.41
CA GLY A 1338 -6.80 -21.33 39.23
C GLY A 1338 -6.91 -22.80 38.91
N LEU A 1339 -8.13 -23.27 38.64
CA LEU A 1339 -8.34 -24.69 38.34
C LEU A 1339 -7.63 -25.10 37.06
N PHE A 1340 -7.70 -24.26 36.03
CA PHE A 1340 -7.11 -24.56 34.73
C PHE A 1340 -5.69 -24.05 34.58
N ARG A 1341 -5.11 -23.49 35.64
CA ARG A 1341 -3.74 -22.98 35.61
C ARG A 1341 -3.54 -21.93 34.52
N ILE A 1342 -4.55 -21.08 34.34
CA ILE A 1342 -4.41 -19.96 33.35
C ILE A 1342 -3.31 -19.04 33.86
N LYS A 1343 -3.35 -18.70 35.15
CA LYS A 1343 -2.27 -17.88 35.76
C LYS A 1343 -1.55 -18.74 36.81
N GLU A 1344 -0.22 -18.76 36.78
CA GLU A 1344 0.56 -19.63 37.70
C GLU A 1344 0.25 -19.25 39.16
N SER A 1345 0.27 -20.23 40.07
CA SER A 1345 -0.06 -19.98 41.46
C SER A 1345 1.07 -19.20 42.12
N ALA A 1346 0.76 -17.97 42.57
CA ALA A 1346 1.74 -17.21 43.33
C ALA A 1346 2.08 -17.91 44.64
N GLU A 1347 1.08 -18.44 45.32
CA GLU A 1347 1.29 -19.27 46.50
C GLU A 1347 0.06 -20.14 46.67
N GLY A 1348 0.20 -21.43 46.39
CA GLY A 1348 -0.93 -22.33 46.47
C GLY A 1348 -0.60 -23.73 46.02
N GLU A 1349 -1.36 -24.71 46.52
CA GLU A 1349 -1.11 -26.13 46.26
C GLU A 1349 -2.42 -26.84 45.92
N ILE A 1350 -3.18 -26.28 44.97
CA ILE A 1350 -4.39 -26.94 44.50
C ILE A 1350 -4.08 -28.37 44.13
N ILE A 1351 -4.80 -29.31 44.72
CA ILE A 1351 -4.59 -30.76 44.41
C ILE A 1351 -5.95 -31.40 44.10
N ILE A 1352 -6.06 -32.07 42.95
CA ILE A 1352 -7.32 -32.80 42.64
C ILE A 1352 -7.11 -34.26 43.05
N ASP A 1353 -7.99 -34.80 43.89
CA ASP A 1353 -7.80 -36.18 44.42
C ASP A 1353 -6.46 -36.21 45.16
N ASP A 1354 -5.50 -36.99 44.65
CA ASP A 1354 -4.18 -37.12 45.33
C ASP A 1354 -3.06 -36.59 44.42
N ILE A 1355 -3.40 -35.71 43.46
CA ILE A 1355 -2.38 -35.25 42.48
C ILE A 1355 -2.35 -33.72 42.45
N ASN A 1356 -1.14 -33.12 42.50
CA ASN A 1356 -1.00 -31.64 42.46
C ASN A 1356 -1.20 -31.16 41.02
N ILE A 1357 -1.84 -29.99 40.85
CA ILE A 1357 -2.10 -29.47 39.52
C ILE A 1357 -0.83 -28.88 38.92
N ALA A 1358 -0.07 -28.14 39.72
CA ALA A 1358 1.10 -27.43 39.19
C ALA A 1358 2.13 -28.39 38.61
N LYS A 1359 2.18 -29.62 39.13
CA LYS A 1359 3.12 -30.61 38.60
C LYS A 1359 2.64 -31.18 37.27
N ILE A 1360 1.34 -31.31 37.06
CA ILE A 1360 0.77 -31.90 35.86
C ILE A 1360 0.98 -30.94 34.70
N GLY A 1361 1.20 -31.49 33.50
CA GLY A 1361 1.23 -30.67 32.31
C GLY A 1361 -0.10 -30.00 32.08
N LEU A 1362 -0.08 -28.86 31.39
CA LEU A 1362 -1.33 -28.07 31.16
C LEU A 1362 -2.36 -28.90 30.40
N HIS A 1363 -2.03 -29.40 29.21
CA HIS A 1363 -3.03 -30.12 28.38
C HIS A 1363 -3.75 -31.19 29.22
N ASP A 1364 -2.98 -32.06 29.88
CA ASP A 1364 -3.57 -33.13 30.71
C ASP A 1364 -4.73 -32.58 31.55
N LEU A 1365 -4.46 -31.63 32.44
CA LEU A 1365 -5.53 -31.12 33.35
C LEU A 1365 -6.62 -30.43 32.52
N ARG A 1366 -6.23 -29.66 31.49
CA ARG A 1366 -7.23 -28.91 30.69
C ARG A 1366 -8.11 -29.92 29.93
N PHE A 1367 -7.60 -31.13 29.69
CA PHE A 1367 -8.41 -32.16 29.06
C PHE A 1367 -9.29 -32.88 30.08
N LYS A 1368 -8.82 -32.99 31.33
CA LYS A 1368 -9.58 -33.71 32.36
C LYS A 1368 -10.54 -32.82 33.14
N ILE A 1369 -10.56 -31.51 32.88
CA ILE A 1369 -11.48 -30.58 33.49
C ILE A 1369 -12.16 -29.78 32.39
N THR A 1370 -13.46 -29.52 32.54
CA THR A 1370 -14.21 -28.81 31.51
C THR A 1370 -14.80 -27.52 32.08
N ILE A 1371 -15.01 -26.55 31.18
CA ILE A 1371 -15.50 -25.22 31.55
C ILE A 1371 -16.56 -24.80 30.53
N ILE A 1372 -17.64 -24.21 31.04
CA ILE A 1372 -18.66 -23.57 30.21
C ILE A 1372 -18.57 -22.08 30.49
N PRO A 1373 -17.90 -21.31 29.63
CA PRO A 1373 -17.60 -19.91 29.96
C PRO A 1373 -18.80 -18.98 29.85
N GLN A 1374 -18.56 -17.68 30.05
CA GLN A 1374 -19.64 -16.70 29.98
C GLN A 1374 -20.26 -16.67 28.60
N ASP A 1375 -19.45 -16.31 27.59
CA ASP A 1375 -19.95 -16.29 26.19
C ASP A 1375 -19.30 -17.42 25.41
N PRO A 1376 -20.04 -18.51 25.08
CA PRO A 1376 -19.48 -19.63 24.31
C PRO A 1376 -18.91 -19.13 22.97
N VAL A 1377 -17.69 -19.59 22.62
CA VAL A 1377 -17.03 -19.15 21.36
C VAL A 1377 -17.17 -20.26 20.32
N LEU A 1378 -18.05 -20.09 19.33
CA LEU A 1378 -18.20 -21.07 18.27
C LEU A 1378 -17.28 -20.69 17.12
N PHE A 1379 -16.41 -21.63 16.74
CA PHE A 1379 -15.40 -21.36 15.72
C PHE A 1379 -15.92 -21.72 14.34
N SER A 1380 -15.40 -21.03 13.33
CA SER A 1380 -15.81 -21.28 11.96
C SER A 1380 -15.47 -22.71 11.56
N GLY A 1381 -16.37 -23.34 10.81
CA GLY A 1381 -16.24 -24.71 10.41
C GLY A 1381 -17.53 -25.45 10.66
N SER A 1382 -17.43 -26.78 10.71
CA SER A 1382 -18.61 -27.58 10.98
C SER A 1382 -18.90 -27.64 12.48
N LEU A 1383 -20.12 -28.04 12.81
CA LEU A 1383 -20.49 -28.21 14.21
C LEU A 1383 -19.70 -29.33 14.87
N ARG A 1384 -19.40 -30.39 14.11
CA ARG A 1384 -18.61 -31.49 14.67
C ARG A 1384 -17.21 -31.04 15.04
N MET A 1385 -16.59 -30.20 14.22
CA MET A 1385 -15.27 -29.67 14.57
C MET A 1385 -15.35 -28.72 15.75
N ASN A 1386 -16.51 -28.09 15.97
CA ASN A 1386 -16.69 -27.31 17.19
C ASN A 1386 -16.76 -28.21 18.41
N LEU A 1387 -17.57 -29.27 18.34
CA LEU A 1387 -17.71 -30.18 19.46
C LEU A 1387 -16.41 -30.96 19.70
N ASP A 1388 -15.87 -31.56 18.66
CA ASP A 1388 -14.66 -32.40 18.75
C ASP A 1388 -13.68 -31.98 17.67
N PRO A 1389 -12.85 -30.97 17.94
CA PRO A 1389 -11.84 -30.59 16.93
C PRO A 1389 -10.89 -31.70 16.58
N PHE A 1390 -10.54 -32.56 17.55
CA PHE A 1390 -9.65 -33.67 17.29
C PHE A 1390 -10.34 -34.85 16.61
N SER A 1391 -11.67 -34.83 16.52
CA SER A 1391 -12.46 -35.94 16.00
C SER A 1391 -12.18 -37.22 16.78
N GLN A 1392 -11.81 -37.09 18.06
CA GLN A 1392 -11.47 -38.25 18.86
C GLN A 1392 -12.72 -39.04 19.25
N TYR A 1393 -13.79 -38.35 19.62
CA TYR A 1393 -15.01 -39.02 20.03
C TYR A 1393 -15.78 -39.50 18.81
N SER A 1394 -16.38 -40.69 18.92
CA SER A 1394 -17.08 -41.30 17.81
C SER A 1394 -18.37 -40.53 17.50
N ASP A 1395 -18.93 -40.83 16.33
CA ASP A 1395 -20.15 -40.15 15.90
C ASP A 1395 -21.32 -40.46 16.82
N GLU A 1396 -21.39 -41.69 17.35
CA GLU A 1396 -22.45 -42.04 18.27
C GLU A 1396 -22.38 -41.21 19.55
N GLU A 1397 -21.18 -40.99 20.07
CA GLU A 1397 -21.02 -40.15 21.26
C GLU A 1397 -21.46 -38.72 20.99
N VAL A 1398 -21.09 -38.18 19.82
CA VAL A 1398 -21.50 -36.83 19.46
C VAL A 1398 -23.02 -36.74 19.38
N TRP A 1399 -23.65 -37.73 18.74
CA TRP A 1399 -25.10 -37.73 18.62
C TRP A 1399 -25.77 -37.82 19.97
N THR A 1400 -25.26 -38.69 20.86
CA THR A 1400 -25.84 -38.83 22.19
C THR A 1400 -25.70 -37.55 23.00
N SER A 1401 -24.52 -36.92 22.95
CA SER A 1401 -24.31 -35.68 23.69
C SER A 1401 -25.20 -34.56 23.15
N LEU A 1402 -25.35 -34.48 21.82
CA LEU A 1402 -26.20 -33.44 21.24
C LEU A 1402 -27.66 -33.67 21.60
N GLU A 1403 -28.12 -34.93 21.61
CA GLU A 1403 -29.47 -35.22 22.05
C GLU A 1403 -29.67 -34.85 23.51
N LEU A 1404 -28.69 -35.18 24.36
CA LEU A 1404 -28.76 -34.86 25.78
C LEU A 1404 -28.65 -33.37 26.06
N ALA A 1405 -28.28 -32.57 25.05
CA ALA A 1405 -28.15 -31.13 25.20
C ALA A 1405 -29.36 -30.38 24.64
N HIS A 1406 -30.51 -31.05 24.53
CA HIS A 1406 -31.73 -30.43 24.02
C HIS A 1406 -31.52 -29.83 22.63
N LEU A 1407 -30.61 -30.43 21.86
CA LEU A 1407 -30.25 -29.92 20.54
C LEU A 1407 -30.50 -30.90 19.41
N LYS A 1408 -31.00 -32.10 19.69
CA LYS A 1408 -31.19 -33.10 18.65
C LYS A 1408 -32.16 -32.61 17.58
N GLY A 1409 -33.24 -31.94 18.00
CA GLY A 1409 -34.20 -31.44 17.04
C GLY A 1409 -33.62 -30.43 16.08
N PHE A 1410 -32.82 -29.50 16.61
CA PHE A 1410 -32.22 -28.47 15.76
C PHE A 1410 -31.08 -29.04 14.92
N VAL A 1411 -30.22 -29.86 15.53
CA VAL A 1411 -29.05 -30.34 14.81
C VAL A 1411 -29.45 -31.27 13.68
N SER A 1412 -30.58 -31.96 13.81
CA SER A 1412 -31.06 -32.81 12.73
C SER A 1412 -31.69 -31.99 11.61
N ALA A 1413 -32.00 -30.72 11.88
CA ALA A 1413 -32.69 -29.88 10.91
C ALA A 1413 -31.77 -29.31 9.83
N LEU A 1414 -30.49 -29.12 10.11
CA LEU A 1414 -29.61 -28.52 9.11
C LEU A 1414 -29.41 -29.49 7.95
N PRO A 1415 -29.42 -29.00 6.70
CA PRO A 1415 -29.21 -29.90 5.56
C PRO A 1415 -27.84 -30.59 5.56
N ASP A 1416 -26.85 -29.99 6.22
CA ASP A 1416 -25.50 -30.53 6.25
C ASP A 1416 -25.29 -31.50 7.42
N LYS A 1417 -26.34 -31.84 8.15
CA LYS A 1417 -26.30 -32.78 9.27
C LYS A 1417 -25.33 -32.22 10.31
N LEU A 1418 -24.31 -32.96 10.72
CA LEU A 1418 -23.34 -32.45 11.68
C LEU A 1418 -22.35 -31.47 11.07
N ASN A 1419 -22.31 -31.39 9.74
CA ASN A 1419 -21.35 -30.55 9.03
C ASN A 1419 -21.90 -29.17 8.71
N HIS A 1420 -22.79 -28.63 9.53
CA HIS A 1420 -23.33 -27.30 9.32
C HIS A 1420 -22.22 -26.26 9.44
N GLU A 1421 -22.04 -25.47 8.39
CA GLU A 1421 -20.96 -24.49 8.34
C GLU A 1421 -21.39 -23.23 9.09
N CYS A 1422 -20.97 -23.12 10.35
CA CYS A 1422 -21.23 -21.93 11.15
C CYS A 1422 -20.20 -20.86 10.87
N ALA A 1423 -20.65 -19.62 10.76
CA ALA A 1423 -19.78 -18.51 10.38
C ALA A 1423 -18.93 -18.09 11.57
N GLU A 1424 -18.18 -16.99 11.41
CA GLU A 1424 -17.32 -16.47 12.46
C GLU A 1424 -18.11 -16.15 13.72
N GLY A 1425 -17.86 -16.88 14.80
CA GLY A 1425 -18.57 -16.68 16.04
C GLY A 1425 -19.97 -17.24 16.06
N GLY A 1426 -20.36 -18.02 15.07
CA GLY A 1426 -21.70 -18.58 15.01
C GLY A 1426 -22.78 -17.52 14.88
N GLU A 1427 -22.58 -16.58 13.96
CA GLU A 1427 -23.58 -15.52 13.76
C GLU A 1427 -24.90 -16.09 13.29
N ASN A 1428 -24.87 -17.12 12.43
CA ASN A 1428 -26.11 -17.73 11.97
C ASN A 1428 -26.88 -18.36 13.13
N LEU A 1429 -26.17 -19.03 14.04
CA LEU A 1429 -26.81 -19.62 15.20
C LEU A 1429 -27.18 -18.53 16.21
N SER A 1430 -28.20 -18.82 17.01
CA SER A 1430 -28.64 -17.91 18.05
C SER A 1430 -27.75 -18.05 19.29
N VAL A 1431 -27.87 -17.08 20.20
CA VAL A 1431 -27.03 -17.10 21.44
C VAL A 1431 -27.40 -18.34 22.25
N GLY A 1432 -28.70 -18.63 22.37
CA GLY A 1432 -29.13 -19.84 23.11
C GLY A 1432 -28.53 -21.09 22.50
N GLN A 1433 -28.52 -21.18 21.17
CA GLN A 1433 -27.99 -22.39 20.48
C GLN A 1433 -26.50 -22.52 20.78
N ARG A 1434 -25.74 -21.43 20.62
CA ARG A 1434 -24.28 -21.45 20.88
C ARG A 1434 -24.04 -21.90 22.32
N GLN A 1435 -24.84 -21.41 23.27
CA GLN A 1435 -24.70 -21.85 24.66
C GLN A 1435 -24.95 -23.34 24.78
N LEU A 1436 -25.98 -23.84 24.10
CA LEU A 1436 -26.26 -25.28 24.16
C LEU A 1436 -25.17 -26.08 23.44
N VAL A 1437 -24.54 -25.50 22.42
CA VAL A 1437 -23.42 -26.19 21.77
C VAL A 1437 -22.24 -26.28 22.71
N CYS A 1438 -21.96 -25.23 23.47
CA CYS A 1438 -20.90 -25.30 24.47
C CYS A 1438 -21.23 -26.34 25.54
N LEU A 1439 -22.50 -26.39 25.96
CA LEU A 1439 -22.91 -27.43 26.90
C LEU A 1439 -22.71 -28.82 26.29
N ALA A 1440 -23.00 -28.96 25.00
CA ALA A 1440 -22.78 -30.24 24.32
C ALA A 1440 -21.30 -30.60 24.31
N ARG A 1441 -20.43 -29.62 24.09
CA ARG A 1441 -18.99 -29.86 24.20
C ARG A 1441 -18.63 -30.40 25.57
N ALA A 1442 -19.09 -29.72 26.63
CA ALA A 1442 -18.78 -30.15 27.98
C ALA A 1442 -19.31 -31.55 28.25
N LEU A 1443 -20.52 -31.83 27.79
CA LEU A 1443 -21.13 -33.15 28.00
C LEU A 1443 -20.36 -34.24 27.26
N LEU A 1444 -19.95 -33.96 26.02
CA LEU A 1444 -19.18 -34.91 25.24
C LEU A 1444 -17.82 -35.16 25.86
N ARG A 1445 -17.26 -34.18 26.57
CA ARG A 1445 -15.95 -34.37 27.18
C ARG A 1445 -15.97 -35.51 28.20
N LYS A 1446 -17.05 -35.64 28.95
CA LYS A 1446 -17.21 -36.71 29.95
C LYS A 1446 -16.09 -36.67 30.99
N THR A 1447 -16.04 -35.56 31.73
CA THR A 1447 -15.06 -35.36 32.77
C THR A 1447 -15.76 -35.13 34.10
N LYS A 1448 -15.08 -35.46 35.19
CA LYS A 1448 -15.68 -35.41 36.52
C LYS A 1448 -15.67 -34.02 37.13
N ILE A 1449 -14.91 -33.09 36.59
CA ILE A 1449 -14.81 -31.73 37.13
C ILE A 1449 -15.26 -30.75 36.06
N LEU A 1450 -16.32 -29.99 36.37
CA LEU A 1450 -16.91 -29.05 35.43
C LEU A 1450 -17.15 -27.74 36.13
N VAL A 1451 -16.85 -26.64 35.43
CA VAL A 1451 -17.05 -25.29 35.94
C VAL A 1451 -18.05 -24.59 35.04
N LEU A 1452 -18.94 -23.79 35.64
CA LEU A 1452 -19.96 -23.05 34.95
C LEU A 1452 -19.78 -21.56 35.21
N ASP A 1453 -19.95 -20.74 34.17
CA ASP A 1453 -19.92 -19.29 34.31
C ASP A 1453 -21.25 -18.75 33.79
N GLU A 1454 -22.13 -18.36 34.71
CA GLU A 1454 -23.43 -17.83 34.34
C GLU A 1454 -23.37 -16.32 34.16
N ALA A 1455 -24.22 -15.81 33.27
CA ALA A 1455 -24.29 -14.37 33.00
C ALA A 1455 -24.95 -13.65 34.16
N GLU A 1462 -33.27 -16.46 28.89
CA GLU A 1462 -34.32 -17.10 28.07
C GLU A 1462 -34.11 -18.62 28.07
N THR A 1463 -32.94 -19.08 27.62
CA THR A 1463 -32.63 -20.53 27.59
C THR A 1463 -32.04 -20.95 28.94
N ASP A 1464 -31.96 -20.02 29.90
CA ASP A 1464 -31.38 -20.32 31.23
C ASP A 1464 -32.10 -21.54 31.81
N ASP A 1465 -33.43 -21.56 31.73
CA ASP A 1465 -34.22 -22.70 32.25
C ASP A 1465 -33.70 -24.00 31.63
N LEU A 1466 -33.34 -23.99 30.34
CA LEU A 1466 -32.92 -25.20 29.67
C LEU A 1466 -31.51 -25.60 30.09
N ILE A 1467 -30.57 -24.65 30.10
CA ILE A 1467 -29.19 -24.98 30.45
C ILE A 1467 -29.10 -25.34 31.93
N GLN A 1468 -29.87 -24.67 32.78
CA GLN A 1468 -29.87 -25.03 34.20
C GLN A 1468 -30.41 -26.45 34.41
N SER A 1469 -31.51 -26.79 33.75
CA SER A 1469 -32.04 -28.14 33.87
C SER A 1469 -31.06 -29.17 33.33
N THR A 1470 -30.40 -28.85 32.21
CA THR A 1470 -29.46 -29.81 31.63
C THR A 1470 -28.25 -30.02 32.52
N ILE A 1471 -27.75 -28.95 33.15
CA ILE A 1471 -26.63 -29.11 34.06
C ILE A 1471 -27.07 -29.81 35.34
N ARG A 1472 -28.37 -29.78 35.65
CA ARG A 1472 -28.89 -30.49 36.81
C ARG A 1472 -29.37 -31.91 36.46
N THR A 1473 -29.32 -32.27 35.18
CA THR A 1473 -29.90 -33.58 34.76
C THR A 1473 -28.94 -34.76 34.96
N GLN A 1474 -27.79 -34.77 34.26
CA GLN A 1474 -26.90 -35.93 34.31
C GLN A 1474 -25.54 -35.61 34.92
N PHE A 1475 -25.17 -34.34 35.04
CA PHE A 1475 -23.89 -33.99 35.66
C PHE A 1475 -23.93 -34.04 37.18
N ASP A 1476 -24.95 -34.66 37.77
CA ASP A 1476 -24.97 -34.82 39.23
C ASP A 1476 -23.85 -35.74 39.70
N ASP A 1477 -23.41 -36.65 38.83
CA ASP A 1477 -22.31 -37.54 39.20
C ASP A 1477 -21.00 -36.77 39.30
N CYS A 1478 -20.83 -35.73 38.48
CA CYS A 1478 -19.59 -34.97 38.42
C CYS A 1478 -19.60 -33.80 39.38
N THR A 1479 -18.41 -33.37 39.79
CA THR A 1479 -18.27 -32.21 40.65
C THR A 1479 -18.35 -30.94 39.83
N VAL A 1480 -19.30 -30.06 40.17
CA VAL A 1480 -19.58 -28.85 39.41
C VAL A 1480 -19.33 -27.65 40.30
N LEU A 1481 -18.40 -26.79 39.88
CA LEU A 1481 -18.29 -25.45 40.42
C LEU A 1481 -19.12 -24.50 39.57
N THR A 1482 -19.72 -23.50 40.21
CA THR A 1482 -20.63 -22.59 39.52
C THR A 1482 -20.37 -21.17 40.01
N ILE A 1483 -20.06 -20.27 39.07
CA ILE A 1483 -19.95 -18.84 39.35
C ILE A 1483 -21.08 -18.15 38.61
N ALA A 1484 -22.09 -17.72 39.35
CA ALA A 1484 -23.29 -17.10 38.80
C ALA A 1484 -23.50 -15.74 39.42
N HIS A 1485 -23.78 -14.75 38.56
CA HIS A 1485 -24.17 -13.43 39.02
C HIS A 1485 -25.63 -13.39 39.48
N ARG A 1486 -26.33 -14.50 39.45
CA ARG A 1486 -27.72 -14.60 39.87
C ARG A 1486 -27.82 -15.59 41.01
N LEU A 1487 -28.44 -15.14 42.12
CA LEU A 1487 -28.55 -15.99 43.30
C LEU A 1487 -29.60 -17.08 43.16
N ASN A 1488 -30.52 -16.93 42.20
CA ASN A 1488 -31.60 -17.90 42.05
C ASN A 1488 -31.08 -19.29 41.73
N THR A 1489 -30.14 -19.38 40.80
CA THR A 1489 -29.60 -20.69 40.43
C THR A 1489 -28.67 -21.24 41.50
N ILE A 1490 -27.87 -20.37 42.12
CA ILE A 1490 -26.84 -20.85 43.10
C ILE A 1490 -27.53 -21.45 44.33
N MET A 1491 -28.76 -21.01 44.62
CA MET A 1491 -29.47 -21.49 45.84
C MET A 1491 -29.63 -23.01 45.76
N ASP A 1492 -29.84 -23.54 44.56
CA ASP A 1492 -30.04 -25.01 44.38
C ASP A 1492 -28.77 -25.76 44.79
N TYR A 1493 -27.60 -25.19 44.52
CA TYR A 1493 -26.32 -25.91 44.79
C TYR A 1493 -25.94 -25.82 46.28
N THR A 1494 -25.57 -26.95 46.88
CA THR A 1494 -25.17 -26.96 48.31
C THR A 1494 -23.76 -26.38 48.48
N ARG A 1495 -23.29 -26.27 49.73
CA ARG A 1495 -21.90 -25.78 49.98
C ARG A 1495 -21.59 -24.55 49.11
N VAL A 1496 -22.39 -23.49 49.23
CA VAL A 1496 -22.12 -22.24 48.47
C VAL A 1496 -20.92 -21.52 49.10
N ILE A 1497 -19.91 -21.17 48.30
CA ILE A 1497 -18.72 -20.43 48.82
C ILE A 1497 -18.91 -18.94 48.50
N VAL A 1498 -18.63 -18.06 49.46
CA VAL A 1498 -18.82 -16.63 49.24
C VAL A 1498 -17.46 -15.96 49.32
N LEU A 1499 -17.15 -15.12 48.33
CA LEU A 1499 -15.88 -14.41 48.28
C LEU A 1499 -16.15 -12.91 48.40
N ASP A 1500 -15.65 -12.30 49.48
CA ASP A 1500 -15.82 -10.86 49.66
C ASP A 1500 -14.77 -10.10 48.86
N LYS A 1501 -13.49 -10.31 49.21
CA LYS A 1501 -12.38 -9.64 48.49
C LYS A 1501 -11.26 -10.66 48.29
N GLY A 1502 -11.61 -11.90 47.93
CA GLY A 1502 -10.59 -12.97 47.78
C GLY A 1502 -10.62 -13.91 48.96
N GLU A 1503 -11.01 -13.41 50.14
CA GLU A 1503 -11.13 -14.26 51.31
C GLU A 1503 -12.40 -15.08 51.27
N ILE A 1504 -12.39 -16.21 51.98
CA ILE A 1504 -13.57 -17.06 52.11
C ILE A 1504 -14.44 -16.47 53.21
N GLN A 1505 -15.47 -15.70 52.84
CA GLN A 1505 -16.32 -15.08 53.84
C GLN A 1505 -17.18 -16.10 54.56
N GLU A 1506 -17.80 -17.00 53.79
CA GLU A 1506 -18.64 -18.07 54.38
C GLU A 1506 -18.34 -19.38 53.66
N TRP A 1507 -18.20 -20.48 54.41
CA TRP A 1507 -17.96 -21.81 53.78
C TRP A 1507 -18.98 -22.81 54.35
N GLY A 1508 -20.09 -23.03 53.64
CA GLY A 1508 -21.11 -23.95 54.12
C GLY A 1508 -22.27 -24.00 53.16
N SER A 1509 -23.24 -24.84 53.50
CA SER A 1509 -24.43 -25.01 52.68
C SER A 1509 -25.31 -23.78 52.74
N PRO A 1510 -26.14 -23.57 51.72
CA PRO A 1510 -27.08 -22.43 51.76
C PRO A 1510 -28.03 -22.47 52.94
N SER A 1511 -28.33 -23.64 53.46
CA SER A 1511 -29.15 -23.72 54.67
C SER A 1511 -28.46 -23.03 55.84
N ASP A 1512 -27.14 -23.22 55.98
CA ASP A 1512 -26.39 -22.50 57.00
C ASP A 1512 -26.18 -21.04 56.62
N LEU A 1513 -26.31 -20.70 55.34
CA LEU A 1513 -26.20 -19.31 54.93
C LEU A 1513 -27.32 -18.45 55.53
N LEU A 1514 -28.54 -18.97 55.57
CA LEU A 1514 -29.67 -18.24 56.13
C LEU A 1514 -30.13 -18.89 57.43
#